data_2FXT
# 
_entry.id   2FXT 
# 
_audit_conform.dict_name       mmcif_pdbx.dic 
_audit_conform.dict_version    5.387 
_audit_conform.dict_location   http://mmcif.pdb.org/dictionaries/ascii/mmcif_pdbx.dic 
# 
loop_
_database_2.database_id 
_database_2.database_code 
_database_2.pdbx_database_accession 
_database_2.pdbx_DOI 
PDB   2FXT         pdb_00002fxt 10.2210/pdb2fxt/pdb 
RCSB  RCSB036437   ?            ?                   
WWPDB D_1000036437 ?            ?                   
# 
loop_
_pdbx_audit_revision_history.ordinal 
_pdbx_audit_revision_history.data_content_type 
_pdbx_audit_revision_history.major_revision 
_pdbx_audit_revision_history.minor_revision 
_pdbx_audit_revision_history.revision_date 
1 'Structure model' 1 0 2007-02-06 
2 'Structure model' 1 1 2008-05-01 
3 'Structure model' 1 2 2011-07-13 
4 'Structure model' 1 3 2017-10-18 
5 'Structure model' 1 4 2024-02-14 
# 
_pdbx_audit_revision_details.ordinal             1 
_pdbx_audit_revision_details.revision_ordinal    1 
_pdbx_audit_revision_details.data_content_type   'Structure model' 
_pdbx_audit_revision_details.provider            repository 
_pdbx_audit_revision_details.type                'Initial release' 
_pdbx_audit_revision_details.description         ? 
_pdbx_audit_revision_details.details             ? 
# 
loop_
_pdbx_audit_revision_group.ordinal 
_pdbx_audit_revision_group.revision_ordinal 
_pdbx_audit_revision_group.data_content_type 
_pdbx_audit_revision_group.group 
1 2 'Structure model' 'Version format compliance' 
2 3 'Structure model' 'Version format compliance' 
3 4 'Structure model' 'Refinement description'    
4 5 'Structure model' 'Data collection'           
5 5 'Structure model' 'Database references'       
# 
loop_
_pdbx_audit_revision_category.ordinal 
_pdbx_audit_revision_category.revision_ordinal 
_pdbx_audit_revision_category.data_content_type 
_pdbx_audit_revision_category.category 
1 4 'Structure model' software       
2 5 'Structure model' chem_comp_atom 
3 5 'Structure model' chem_comp_bond 
4 5 'Structure model' database_2     
# 
loop_
_pdbx_audit_revision_item.ordinal 
_pdbx_audit_revision_item.revision_ordinal 
_pdbx_audit_revision_item.data_content_type 
_pdbx_audit_revision_item.item 
1 4 'Structure model' '_software.classification'            
2 4 'Structure model' '_software.name'                      
3 5 'Structure model' '_database_2.pdbx_DOI'                
4 5 'Structure model' '_database_2.pdbx_database_accession' 
# 
_pdbx_database_status.status_code                     REL 
_pdbx_database_status.entry_id                        2FXT 
_pdbx_database_status.recvd_initial_deposition_date   2006-02-06 
_pdbx_database_status.deposit_site                    RCSB 
_pdbx_database_status.process_site                    RCSB 
_pdbx_database_status.status_code_sf                  REL 
_pdbx_database_status.status_code_mr                  ? 
_pdbx_database_status.SG_entry                        ? 
_pdbx_database_status.pdb_format_compatible           Y 
_pdbx_database_status.status_code_cs                  ? 
_pdbx_database_status.methods_development_category    ? 
_pdbx_database_status.status_code_nmr_data            ? 
# 
loop_
_audit_author.name 
_audit_author.pdbx_ordinal 
'Josyula, R.' 1 
'Sha, B.'     2 
# 
_citation.id                        primary 
_citation.title                     
'Crystal Structure of Yeast Mitochondrial Peripheral Membrane Protein Tim44p C-terminal Domain.' 
_citation.journal_abbrev            J.Mol.Biol. 
_citation.journal_volume            359 
_citation.page_first                798 
_citation.page_last                 804 
_citation.year                      2006 
_citation.journal_id_ASTM           JMOBAK 
_citation.country                   UK 
_citation.journal_id_ISSN           0022-2836 
_citation.journal_id_CSD            0070 
_citation.book_publisher            ? 
_citation.pdbx_database_id_PubMed   16647716 
_citation.pdbx_database_id_DOI      10.1016/j.jmb.2006.04.020 
# 
loop_
_citation_author.citation_id 
_citation_author.name 
_citation_author.ordinal 
_citation_author.identifier_ORCID 
primary 'Josyula, R.' 1 ? 
primary 'Jin, Z.'     2 ? 
primary 'Fu, Z.'      3 ? 
primary 'Sha, B.'     4 ? 
# 
_entity.id                         1 
_entity.type                       polymer 
_entity.src_method                 man 
_entity.pdbx_description           'Import inner membrane translocase subunit TIM44' 
_entity.formula_weight             22018.156 
_entity.pdbx_number_of_molecules   1 
_entity.pdbx_ec                    ? 
_entity.pdbx_mutation              ? 
_entity.pdbx_fragment              'C- Terminal domain, residues 245-425' 
_entity.details                    ? 
# 
_entity_name_com.entity_id   1 
_entity_name_com.name        'Mitochondrial protein import protein 1' 
# 
_entity_poly.entity_id                      1 
_entity_poly.type                           'polypeptide(L)' 
_entity_poly.nstd_linkage                   no 
_entity_poly.nstd_monomer                   no 
_entity_poly.pdbx_seq_one_letter_code       
;SIQSLKNKLWDESENPLIVVMRKITNKVGGFFAETESSRVYSQFKLMDPTFSNESFTRHLREYIVPEILEAYVKGDVKVL
KKWFSEAPFNVYAAQQKIFKEQDVYADGRILDIRGVEIVSAKLLAPQDIPVLVVGCRAQEINLYRKKKTGEIAAGDEANI
LMSSYAMVFTRDPEQIDDDETEGWKILEFVRG
;
_entity_poly.pdbx_seq_one_letter_code_can   
;SIQSLKNKLWDESENPLIVVMRKITNKVGGFFAETESSRVYSQFKLMDPTFSNESFTRHLREYIVPEILEAYVKGDVKVL
KKWFSEAPFNVYAAQQKIFKEQDVYADGRILDIRGVEIVSAKLLAPQDIPVLVVGCRAQEINLYRKKKTGEIAAGDEANI
LMSSYAMVFTRDPEQIDDDETEGWKILEFVRG
;
_entity_poly.pdbx_strand_id                 A 
_entity_poly.pdbx_target_identifier         ? 
# 
loop_
_entity_poly_seq.entity_id 
_entity_poly_seq.num 
_entity_poly_seq.mon_id 
_entity_poly_seq.hetero 
1 1   SER n 
1 2   ILE n 
1 3   GLN n 
1 4   SER n 
1 5   LEU n 
1 6   LYS n 
1 7   ASN n 
1 8   LYS n 
1 9   LEU n 
1 10  TRP n 
1 11  ASP n 
1 12  GLU n 
1 13  SER n 
1 14  GLU n 
1 15  ASN n 
1 16  PRO n 
1 17  LEU n 
1 18  ILE n 
1 19  VAL n 
1 20  VAL n 
1 21  MET n 
1 22  ARG n 
1 23  LYS n 
1 24  ILE n 
1 25  THR n 
1 26  ASN n 
1 27  LYS n 
1 28  VAL n 
1 29  GLY n 
1 30  GLY n 
1 31  PHE n 
1 32  PHE n 
1 33  ALA n 
1 34  GLU n 
1 35  THR n 
1 36  GLU n 
1 37  SER n 
1 38  SER n 
1 39  ARG n 
1 40  VAL n 
1 41  TYR n 
1 42  SER n 
1 43  GLN n 
1 44  PHE n 
1 45  LYS n 
1 46  LEU n 
1 47  MET n 
1 48  ASP n 
1 49  PRO n 
1 50  THR n 
1 51  PHE n 
1 52  SER n 
1 53  ASN n 
1 54  GLU n 
1 55  SER n 
1 56  PHE n 
1 57  THR n 
1 58  ARG n 
1 59  HIS n 
1 60  LEU n 
1 61  ARG n 
1 62  GLU n 
1 63  TYR n 
1 64  ILE n 
1 65  VAL n 
1 66  PRO n 
1 67  GLU n 
1 68  ILE n 
1 69  LEU n 
1 70  GLU n 
1 71  ALA n 
1 72  TYR n 
1 73  VAL n 
1 74  LYS n 
1 75  GLY n 
1 76  ASP n 
1 77  VAL n 
1 78  LYS n 
1 79  VAL n 
1 80  LEU n 
1 81  LYS n 
1 82  LYS n 
1 83  TRP n 
1 84  PHE n 
1 85  SER n 
1 86  GLU n 
1 87  ALA n 
1 88  PRO n 
1 89  PHE n 
1 90  ASN n 
1 91  VAL n 
1 92  TYR n 
1 93  ALA n 
1 94  ALA n 
1 95  GLN n 
1 96  GLN n 
1 97  LYS n 
1 98  ILE n 
1 99  PHE n 
1 100 LYS n 
1 101 GLU n 
1 102 GLN n 
1 103 ASP n 
1 104 VAL n 
1 105 TYR n 
1 106 ALA n 
1 107 ASP n 
1 108 GLY n 
1 109 ARG n 
1 110 ILE n 
1 111 LEU n 
1 112 ASP n 
1 113 ILE n 
1 114 ARG n 
1 115 GLY n 
1 116 VAL n 
1 117 GLU n 
1 118 ILE n 
1 119 VAL n 
1 120 SER n 
1 121 ALA n 
1 122 LYS n 
1 123 LEU n 
1 124 LEU n 
1 125 ALA n 
1 126 PRO n 
1 127 GLN n 
1 128 ASP n 
1 129 ILE n 
1 130 PRO n 
1 131 VAL n 
1 132 LEU n 
1 133 VAL n 
1 134 VAL n 
1 135 GLY n 
1 136 CYS n 
1 137 ARG n 
1 138 ALA n 
1 139 GLN n 
1 140 GLU n 
1 141 ILE n 
1 142 ASN n 
1 143 LEU n 
1 144 TYR n 
1 145 ARG n 
1 146 LYS n 
1 147 LYS n 
1 148 LYS n 
1 149 THR n 
1 150 GLY n 
1 151 GLU n 
1 152 ILE n 
1 153 ALA n 
1 154 ALA n 
1 155 GLY n 
1 156 ASP n 
1 157 GLU n 
1 158 ALA n 
1 159 ASN n 
1 160 ILE n 
1 161 LEU n 
1 162 MET n 
1 163 SER n 
1 164 SER n 
1 165 TYR n 
1 166 ALA n 
1 167 MET n 
1 168 VAL n 
1 169 PHE n 
1 170 THR n 
1 171 ARG n 
1 172 ASP n 
1 173 PRO n 
1 174 GLU n 
1 175 GLN n 
1 176 ILE n 
1 177 ASP n 
1 178 ASP n 
1 179 ASP n 
1 180 GLU n 
1 181 THR n 
1 182 GLU n 
1 183 GLY n 
1 184 TRP n 
1 185 LYS n 
1 186 ILE n 
1 187 LEU n 
1 188 GLU n 
1 189 PHE n 
1 190 VAL n 
1 191 ARG n 
1 192 GLY n 
# 
_entity_src_gen.entity_id                          1 
_entity_src_gen.pdbx_src_id                        1 
_entity_src_gen.pdbx_alt_source_flag               sample 
_entity_src_gen.pdbx_seq_type                      ? 
_entity_src_gen.pdbx_beg_seq_num                   ? 
_entity_src_gen.pdbx_end_seq_num                   ? 
_entity_src_gen.gene_src_common_name               
;baker's yeast
;
_entity_src_gen.gene_src_genus                     Saccharomyces 
_entity_src_gen.pdbx_gene_src_gene                 TIM44 
_entity_src_gen.gene_src_species                   ? 
_entity_src_gen.gene_src_strain                    ? 
_entity_src_gen.gene_src_tissue                    ? 
_entity_src_gen.gene_src_tissue_fraction           ? 
_entity_src_gen.gene_src_details                   ? 
_entity_src_gen.pdbx_gene_src_fragment             ? 
_entity_src_gen.pdbx_gene_src_scientific_name      'Saccharomyces cerevisiae' 
_entity_src_gen.pdbx_gene_src_ncbi_taxonomy_id     4932 
_entity_src_gen.pdbx_gene_src_variant              ? 
_entity_src_gen.pdbx_gene_src_cell_line            ? 
_entity_src_gen.pdbx_gene_src_atcc                 ? 
_entity_src_gen.pdbx_gene_src_organ                ? 
_entity_src_gen.pdbx_gene_src_organelle            ? 
_entity_src_gen.pdbx_gene_src_cell                 ? 
_entity_src_gen.pdbx_gene_src_cellular_location    ? 
_entity_src_gen.host_org_common_name               ? 
_entity_src_gen.pdbx_host_org_scientific_name      'Escherichia coli BL21' 
_entity_src_gen.pdbx_host_org_ncbi_taxonomy_id     511693 
_entity_src_gen.host_org_genus                     Escherichia 
_entity_src_gen.pdbx_host_org_gene                 ? 
_entity_src_gen.pdbx_host_org_organ                ? 
_entity_src_gen.host_org_species                   'Escherichia coli' 
_entity_src_gen.pdbx_host_org_tissue               ? 
_entity_src_gen.pdbx_host_org_tissue_fraction      ? 
_entity_src_gen.pdbx_host_org_strain               BL-21 
_entity_src_gen.pdbx_host_org_variant              ? 
_entity_src_gen.pdbx_host_org_cell_line            ? 
_entity_src_gen.pdbx_host_org_atcc                 ? 
_entity_src_gen.pdbx_host_org_culture_collection   ? 
_entity_src_gen.pdbx_host_org_cell                 ? 
_entity_src_gen.pdbx_host_org_organelle            ? 
_entity_src_gen.pdbx_host_org_cellular_location    ? 
_entity_src_gen.pdbx_host_org_vector_type          ? 
_entity_src_gen.pdbx_host_org_vector               'pET28(b)+' 
_entity_src_gen.host_org_details                   ? 
_entity_src_gen.expression_system_id               ? 
_entity_src_gen.plasmid_name                       ? 
_entity_src_gen.plasmid_details                    ? 
_entity_src_gen.pdbx_description                   ? 
# 
loop_
_chem_comp.id 
_chem_comp.type 
_chem_comp.mon_nstd_flag 
_chem_comp.name 
_chem_comp.pdbx_synonyms 
_chem_comp.formula 
_chem_comp.formula_weight 
ALA 'L-peptide linking' y ALANINE         ? 'C3 H7 N O2'     89.093  
ARG 'L-peptide linking' y ARGININE        ? 'C6 H15 N4 O2 1' 175.209 
ASN 'L-peptide linking' y ASPARAGINE      ? 'C4 H8 N2 O3'    132.118 
ASP 'L-peptide linking' y 'ASPARTIC ACID' ? 'C4 H7 N O4'     133.103 
CYS 'L-peptide linking' y CYSTEINE        ? 'C3 H7 N O2 S'   121.158 
GLN 'L-peptide linking' y GLUTAMINE       ? 'C5 H10 N2 O3'   146.144 
GLU 'L-peptide linking' y 'GLUTAMIC ACID' ? 'C5 H9 N O4'     147.129 
GLY 'peptide linking'   y GLYCINE         ? 'C2 H5 N O2'     75.067  
HIS 'L-peptide linking' y HISTIDINE       ? 'C6 H10 N3 O2 1' 156.162 
ILE 'L-peptide linking' y ISOLEUCINE      ? 'C6 H13 N O2'    131.173 
LEU 'L-peptide linking' y LEUCINE         ? 'C6 H13 N O2'    131.173 
LYS 'L-peptide linking' y LYSINE          ? 'C6 H15 N2 O2 1' 147.195 
MET 'L-peptide linking' y METHIONINE      ? 'C5 H11 N O2 S'  149.211 
PHE 'L-peptide linking' y PHENYLALANINE   ? 'C9 H11 N O2'    165.189 
PRO 'L-peptide linking' y PROLINE         ? 'C5 H9 N O2'     115.130 
SER 'L-peptide linking' y SERINE          ? 'C3 H7 N O3'     105.093 
THR 'L-peptide linking' y THREONINE       ? 'C4 H9 N O3'     119.119 
TRP 'L-peptide linking' y TRYPTOPHAN      ? 'C11 H12 N2 O2'  204.225 
TYR 'L-peptide linking' y TYROSINE        ? 'C9 H11 N O3'    181.189 
VAL 'L-peptide linking' y VALINE          ? 'C5 H11 N O2'    117.146 
# 
loop_
_pdbx_poly_seq_scheme.asym_id 
_pdbx_poly_seq_scheme.entity_id 
_pdbx_poly_seq_scheme.seq_id 
_pdbx_poly_seq_scheme.mon_id 
_pdbx_poly_seq_scheme.ndb_seq_num 
_pdbx_poly_seq_scheme.pdb_seq_num 
_pdbx_poly_seq_scheme.auth_seq_num 
_pdbx_poly_seq_scheme.pdb_mon_id 
_pdbx_poly_seq_scheme.auth_mon_id 
_pdbx_poly_seq_scheme.pdb_strand_id 
_pdbx_poly_seq_scheme.pdb_ins_code 
_pdbx_poly_seq_scheme.hetero 
A 1 1   SER 1   234 234 SER SER A . n 
A 1 2   ILE 2   235 235 ILE ILE A . n 
A 1 3   GLN 3   236 236 GLN GLN A . n 
A 1 4   SER 4   237 237 SER SER A . n 
A 1 5   LEU 5   238 238 LEU LEU A . n 
A 1 6   LYS 6   239 239 LYS LYS A . n 
A 1 7   ASN 7   240 240 ASN ASN A . n 
A 1 8   LYS 8   241 241 LYS LYS A . n 
A 1 9   LEU 9   242 242 LEU LEU A . n 
A 1 10  TRP 10  243 243 TRP TRP A . n 
A 1 11  ASP 11  244 244 ASP ASP A . n 
A 1 12  GLU 12  245 245 GLU GLU A . n 
A 1 13  SER 13  246 246 SER SER A . n 
A 1 14  GLU 14  247 247 GLU GLU A . n 
A 1 15  ASN 15  248 248 ASN ASN A . n 
A 1 16  PRO 16  249 249 PRO PRO A . n 
A 1 17  LEU 17  250 250 LEU LEU A . n 
A 1 18  ILE 18  251 251 ILE ILE A . n 
A 1 19  VAL 19  252 252 VAL VAL A . n 
A 1 20  VAL 20  253 253 VAL VAL A . n 
A 1 21  MET 21  254 254 MET MET A . n 
A 1 22  ARG 22  255 255 ARG ARG A . n 
A 1 23  LYS 23  256 256 LYS LYS A . n 
A 1 24  ILE 24  257 257 ILE ILE A . n 
A 1 25  THR 25  258 258 THR THR A . n 
A 1 26  ASN 26  259 259 ASN ASN A . n 
A 1 27  LYS 27  260 260 LYS LYS A . n 
A 1 28  VAL 28  261 261 VAL VAL A . n 
A 1 29  GLY 29  262 262 GLY GLY A . n 
A 1 30  GLY 30  263 263 GLY GLY A . n 
A 1 31  PHE 31  264 264 PHE PHE A . n 
A 1 32  PHE 32  265 265 PHE PHE A . n 
A 1 33  ALA 33  266 266 ALA ALA A . n 
A 1 34  GLU 34  267 267 GLU GLU A . n 
A 1 35  THR 35  268 268 THR THR A . n 
A 1 36  GLU 36  269 269 GLU GLU A . n 
A 1 37  SER 37  270 270 SER SER A . n 
A 1 38  SER 38  271 271 SER SER A . n 
A 1 39  ARG 39  272 272 ARG ARG A . n 
A 1 40  VAL 40  273 273 VAL VAL A . n 
A 1 41  TYR 41  274 274 TYR TYR A . n 
A 1 42  SER 42  275 275 SER SER A . n 
A 1 43  GLN 43  276 276 GLN GLN A . n 
A 1 44  PHE 44  277 277 PHE PHE A . n 
A 1 45  LYS 45  278 278 LYS LYS A . n 
A 1 46  LEU 46  279 279 LEU LEU A . n 
A 1 47  MET 47  280 280 MET MET A . n 
A 1 48  ASP 48  281 281 ASP ASP A . n 
A 1 49  PRO 49  282 282 PRO PRO A . n 
A 1 50  THR 50  283 283 THR THR A . n 
A 1 51  PHE 51  284 284 PHE PHE A . n 
A 1 52  SER 52  285 285 SER SER A . n 
A 1 53  ASN 53  286 286 ASN ASN A . n 
A 1 54  GLU 54  287 287 GLU GLU A . n 
A 1 55  SER 55  288 288 SER SER A . n 
A 1 56  PHE 56  289 289 PHE PHE A . n 
A 1 57  THR 57  290 290 THR THR A . n 
A 1 58  ARG 58  291 291 ARG ARG A . n 
A 1 59  HIS 59  292 292 HIS HIS A . n 
A 1 60  LEU 60  293 293 LEU LEU A . n 
A 1 61  ARG 61  294 294 ARG ARG A . n 
A 1 62  GLU 62  295 295 GLU GLU A . n 
A 1 63  TYR 63  296 296 TYR TYR A . n 
A 1 64  ILE 64  297 297 ILE ILE A . n 
A 1 65  VAL 65  298 298 VAL VAL A . n 
A 1 66  PRO 66  299 299 PRO PRO A . n 
A 1 67  GLU 67  300 300 GLU GLU A . n 
A 1 68  ILE 68  301 301 ILE ILE A . n 
A 1 69  LEU 69  302 302 LEU LEU A . n 
A 1 70  GLU 70  303 303 GLU GLU A . n 
A 1 71  ALA 71  304 304 ALA ALA A . n 
A 1 72  TYR 72  305 305 TYR TYR A . n 
A 1 73  VAL 73  306 306 VAL VAL A . n 
A 1 74  LYS 74  307 307 LYS LYS A . n 
A 1 75  GLY 75  308 308 GLY GLY A . n 
A 1 76  ASP 76  309 309 ASP ASP A . n 
A 1 77  VAL 77  310 310 VAL VAL A . n 
A 1 78  LYS 78  311 311 LYS LYS A . n 
A 1 79  VAL 79  312 312 VAL VAL A . n 
A 1 80  LEU 80  313 313 LEU LEU A . n 
A 1 81  LYS 81  314 314 LYS LYS A . n 
A 1 82  LYS 82  315 315 LYS LYS A . n 
A 1 83  TRP 83  316 316 TRP TRP A . n 
A 1 84  PHE 84  317 317 PHE PHE A . n 
A 1 85  SER 85  318 318 SER SER A . n 
A 1 86  GLU 86  319 319 GLU GLU A . n 
A 1 87  ALA 87  320 320 ALA ALA A . n 
A 1 88  PRO 88  321 321 PRO PRO A . n 
A 1 89  PHE 89  322 322 PHE PHE A . n 
A 1 90  ASN 90  323 323 ASN ASN A . n 
A 1 91  VAL 91  324 324 VAL VAL A . n 
A 1 92  TYR 92  325 325 TYR TYR A . n 
A 1 93  ALA 93  326 326 ALA ALA A . n 
A 1 94  ALA 94  327 327 ALA ALA A . n 
A 1 95  GLN 95  328 328 GLN GLN A . n 
A 1 96  GLN 96  329 329 GLN GLN A . n 
A 1 97  LYS 97  330 330 LYS LYS A . n 
A 1 98  ILE 98  331 331 ILE ILE A . n 
A 1 99  PHE 99  332 332 PHE PHE A . n 
A 1 100 LYS 100 333 333 LYS LYS A . n 
A 1 101 GLU 101 334 334 GLU GLU A . n 
A 1 102 GLN 102 335 335 GLN GLN A . n 
A 1 103 ASP 103 336 336 ASP ASP A . n 
A 1 104 VAL 104 337 337 VAL VAL A . n 
A 1 105 TYR 105 338 338 TYR TYR A . n 
A 1 106 ALA 106 339 339 ALA ALA A . n 
A 1 107 ASP 107 340 340 ASP ASP A . n 
A 1 108 GLY 108 341 341 GLY GLY A . n 
A 1 109 ARG 109 342 342 ARG ARG A . n 
A 1 110 ILE 110 343 343 ILE ILE A . n 
A 1 111 LEU 111 344 344 LEU LEU A . n 
A 1 112 ASP 112 345 345 ASP ASP A . n 
A 1 113 ILE 113 346 346 ILE ILE A . n 
A 1 114 ARG 114 347 347 ARG ARG A . n 
A 1 115 GLY 115 348 348 GLY GLY A . n 
A 1 116 VAL 116 349 349 VAL VAL A . n 
A 1 117 GLU 117 350 350 GLU GLU A . n 
A 1 118 ILE 118 351 351 ILE ILE A . n 
A 1 119 VAL 119 352 352 VAL VAL A . n 
A 1 120 SER 120 353 353 SER SER A . n 
A 1 121 ALA 121 354 354 ALA ALA A . n 
A 1 122 LYS 122 355 355 LYS LYS A . n 
A 1 123 LEU 123 356 356 LEU LEU A . n 
A 1 124 LEU 124 357 357 LEU LEU A . n 
A 1 125 ALA 125 358 358 ALA ALA A . n 
A 1 126 PRO 126 359 359 PRO PRO A . n 
A 1 127 GLN 127 360 360 GLN GLN A . n 
A 1 128 ASP 128 361 361 ASP ASP A . n 
A 1 129 ILE 129 362 362 ILE ILE A . n 
A 1 130 PRO 130 363 363 PRO PRO A . n 
A 1 131 VAL 131 364 364 VAL VAL A . n 
A 1 132 LEU 132 365 365 LEU LEU A . n 
A 1 133 VAL 133 366 366 VAL VAL A . n 
A 1 134 VAL 134 367 367 VAL VAL A . n 
A 1 135 GLY 135 368 368 GLY GLY A . n 
A 1 136 CYS 136 369 369 CYS CYS A . n 
A 1 137 ARG 137 370 370 ARG ARG A . n 
A 1 138 ALA 138 371 371 ALA ALA A . n 
A 1 139 GLN 139 372 372 GLN GLN A . n 
A 1 140 GLU 140 373 373 GLU GLU A . n 
A 1 141 ILE 141 374 374 ILE ILE A . n 
A 1 142 ASN 142 375 375 ASN ASN A . n 
A 1 143 LEU 143 376 376 LEU LEU A . n 
A 1 144 TYR 144 377 377 TYR TYR A . n 
A 1 145 ARG 145 378 378 ARG ARG A . n 
A 1 146 LYS 146 379 379 LYS LYS A . n 
A 1 147 LYS 147 380 380 LYS LYS A . n 
A 1 148 LYS 148 381 381 LYS LYS A . n 
A 1 149 THR 149 382 382 THR THR A . n 
A 1 150 GLY 150 383 383 GLY GLY A . n 
A 1 151 GLU 151 384 384 GLU GLU A . n 
A 1 152 ILE 152 385 385 ILE ILE A . n 
A 1 153 ALA 153 386 386 ALA ALA A . n 
A 1 154 ALA 154 387 387 ALA ALA A . n 
A 1 155 GLY 155 388 388 GLY GLY A . n 
A 1 156 ASP 156 389 389 ASP ASP A . n 
A 1 157 GLU 157 390 390 GLU GLU A . n 
A 1 158 ALA 158 391 391 ALA ALA A . n 
A 1 159 ASN 159 392 392 ASN ASN A . n 
A 1 160 ILE 160 393 393 ILE ILE A . n 
A 1 161 LEU 161 394 394 LEU LEU A . n 
A 1 162 MET 162 395 395 MET MET A . n 
A 1 163 SER 163 396 396 SER SER A . n 
A 1 164 SER 164 397 397 SER SER A . n 
A 1 165 TYR 165 398 398 TYR TYR A . n 
A 1 166 ALA 166 399 399 ALA ALA A . n 
A 1 167 MET 167 400 400 MET MET A . n 
A 1 168 VAL 168 401 401 VAL VAL A . n 
A 1 169 PHE 169 402 402 PHE PHE A . n 
A 1 170 THR 170 403 403 THR THR A . n 
A 1 171 ARG 171 404 404 ARG ARG A . n 
A 1 172 ASP 172 405 405 ASP ASP A . n 
A 1 173 PRO 173 406 406 PRO PRO A . n 
A 1 174 GLU 174 407 407 GLU GLU A . n 
A 1 175 GLN 175 408 408 GLN GLN A . n 
A 1 176 ILE 176 409 409 ILE ILE A . n 
A 1 177 ASP 177 410 410 ASP ASP A . n 
A 1 178 ASP 178 411 411 ASP ASP A . n 
A 1 179 ASP 179 412 412 ASP ASP A . n 
A 1 180 GLU 180 413 413 GLU GLU A . n 
A 1 181 THR 181 414 414 THR THR A . n 
A 1 182 GLU 182 415 415 GLU GLU A . n 
A 1 183 GLY 183 416 416 GLY GLY A . n 
A 1 184 TRP 184 417 417 TRP TRP A . n 
A 1 185 LYS 185 418 418 LYS LYS A . n 
A 1 186 ILE 186 419 419 ILE ILE A . n 
A 1 187 LEU 187 420 420 LEU LEU A . n 
A 1 188 GLU 188 421 421 GLU GLU A . n 
A 1 189 PHE 189 422 422 PHE PHE A . n 
A 1 190 VAL 190 423 423 VAL VAL A . n 
A 1 191 ARG 191 424 424 ARG ARG A . n 
A 1 192 GLY 192 425 425 GLY GLY A . n 
# 
loop_
_software.name 
_software.classification 
_software.version 
_software.citation_id 
_software.pdbx_ordinal 
CNS       refinement        1.1 ? 1 
MAR345    'data collection' .   ? 2 
SCALEPACK 'data scaling'    .   ? 3 
SOLVE     phasing           .   ? 4 
# 
_cell.entry_id           2FXT 
_cell.length_a           124.250 
_cell.length_b           124.250 
_cell.length_c           77.830 
_cell.angle_alpha        90.00 
_cell.angle_beta         90.00 
_cell.angle_gamma        120.00 
_cell.Z_PDB              12 
_cell.pdbx_unique_axis   ? 
_cell.length_a_esd       ? 
_cell.length_b_esd       ? 
_cell.length_c_esd       ? 
_cell.angle_alpha_esd    ? 
_cell.angle_beta_esd     ? 
_cell.angle_gamma_esd    ? 
# 
_symmetry.entry_id                         2FXT 
_symmetry.space_group_name_H-M             'P 63 2 2' 
_symmetry.pdbx_full_space_group_name_H-M   ? 
_symmetry.cell_setting                     ? 
_symmetry.Int_Tables_number                182 
_symmetry.space_group_name_Hall            ? 
# 
_exptl.entry_id          2FXT 
_exptl.method            'X-RAY DIFFRACTION' 
_exptl.crystals_number   1 
# 
_exptl_crystal.id                    1 
_exptl_crystal.density_meas          ? 
_exptl_crystal.density_Matthews      3.94 
_exptl_crystal.density_percent_sol   68.76 
_exptl_crystal.description           ? 
_exptl_crystal.F_000                 ? 
_exptl_crystal.preparation           ? 
# 
_exptl_crystal_grow.crystal_id      1 
_exptl_crystal_grow.method          'VAPOR DIFFUSION, HANGING DROP' 
_exptl_crystal_grow.temp            277 
_exptl_crystal_grow.temp_details    ? 
_exptl_crystal_grow.pH              7.5 
_exptl_crystal_grow.pdbx_details    '4.1M NaCl, pH 7.5, VAPOR DIFFUSION, HANGING DROP, temperature 277K' 
_exptl_crystal_grow.pdbx_pH_range   . 
# 
_diffrn.id                     1 
_diffrn.ambient_temp           200 
_diffrn.ambient_temp_details   ? 
_diffrn.crystal_id             1 
# 
_diffrn_detector.diffrn_id              1 
_diffrn_detector.detector               CCD 
_diffrn_detector.type                   MARRESEARCH 
_diffrn_detector.pdbx_collection_date   2005-10-07 
_diffrn_detector.details                ? 
# 
_diffrn_radiation.diffrn_id                        1 
_diffrn_radiation.wavelength_id                    1 
_diffrn_radiation.pdbx_monochromatic_or_laue_m_l   M 
_diffrn_radiation.monochromator                    ? 
_diffrn_radiation.pdbx_diffrn_protocol             MAD 
_diffrn_radiation.pdbx_scattering_type             x-ray 
# 
loop_
_diffrn_radiation_wavelength.id 
_diffrn_radiation_wavelength.wavelength 
_diffrn_radiation_wavelength.wt 
1 0.9789 1.0 
2 0.9793 1.0 
3 0.9743 1.0 
# 
_diffrn_source.diffrn_id                   1 
_diffrn_source.source                      SYNCHROTRON 
_diffrn_source.type                        'APS BEAMLINE 22-ID' 
_diffrn_source.pdbx_synchrotron_site       APS 
_diffrn_source.pdbx_synchrotron_beamline   22-ID 
_diffrn_source.pdbx_wavelength             ? 
_diffrn_source.pdbx_wavelength_list        '0.9789, 0.9793, 0.9743' 
# 
_reflns.entry_id                     2FXT 
_reflns.observed_criterion_sigma_I   ? 
_reflns.observed_criterion_sigma_F   ? 
_reflns.d_resolution_low             48.55 
_reflns.d_resolution_high            3.2 
_reflns.number_obs                   5555 
_reflns.number_all                   5555 
_reflns.percent_possible_obs         89.1 
_reflns.pdbx_Rmerge_I_obs            ? 
_reflns.pdbx_Rsym_value              ? 
_reflns.pdbx_netI_over_sigmaI        ? 
_reflns.B_iso_Wilson_estimate        ? 
_reflns.pdbx_redundancy              ? 
_reflns.R_free_details               ? 
_reflns.limit_h_max                  ? 
_reflns.limit_h_min                  ? 
_reflns.limit_k_max                  ? 
_reflns.limit_k_min                  ? 
_reflns.limit_l_max                  ? 
_reflns.limit_l_min                  ? 
_reflns.observed_criterion_F_max     ? 
_reflns.observed_criterion_F_min     ? 
_reflns.pdbx_chi_squared             ? 
_reflns.pdbx_scaling_rejects         ? 
_reflns.pdbx_diffrn_id               1 
_reflns.pdbx_ordinal                 1 
# 
_reflns_shell.d_res_high             3.2 
_reflns_shell.d_res_low              3.4 
_reflns_shell.percent_possible_all   89.1 
_reflns_shell.Rmerge_I_obs           ? 
_reflns_shell.pdbx_Rsym_value        ? 
_reflns_shell.meanI_over_sigI_obs    ? 
_reflns_shell.pdbx_redundancy        ? 
_reflns_shell.percent_possible_obs   ? 
_reflns_shell.number_unique_all      ? 
_reflns_shell.number_measured_all    ? 
_reflns_shell.number_measured_obs    ? 
_reflns_shell.number_unique_obs      ? 
_reflns_shell.pdbx_chi_squared       ? 
_reflns_shell.pdbx_diffrn_id         ? 
_reflns_shell.pdbx_ordinal           1 
# 
_refine.entry_id                                 2FXT 
_refine.ls_number_reflns_obs                     5555 
_refine.ls_number_reflns_all                     5555 
_refine.pdbx_ls_sigma_I                          ? 
_refine.pdbx_ls_sigma_F                          0.0 
_refine.pdbx_data_cutoff_high_absF               1592249.94 
_refine.pdbx_data_cutoff_low_absF                0.000000 
_refine.pdbx_data_cutoff_high_rms_absF           ? 
_refine.ls_d_res_low                             48.55 
_refine.ls_d_res_high                            3.20 
_refine.ls_percent_reflns_obs                    89.1 
_refine.ls_R_factor_obs                          0.316 
_refine.ls_R_factor_all                          0.316 
_refine.ls_R_factor_R_work                       0.316 
_refine.ls_R_factor_R_free                       0.368 
_refine.ls_R_factor_R_free_error                 0.016 
_refine.ls_R_factor_R_free_error_details         ? 
_refine.ls_percent_reflns_R_free                 9.7 
_refine.ls_number_reflns_R_free                  539 
_refine.ls_number_parameters                     ? 
_refine.ls_number_restraints                     ? 
_refine.occupancy_min                            ? 
_refine.occupancy_max                            ? 
_refine.correlation_coeff_Fo_to_Fc               ? 
_refine.correlation_coeff_Fo_to_Fc_free          ? 
_refine.B_iso_mean                               86.4 
_refine.aniso_B[1][1]                            -17.26 
_refine.aniso_B[2][2]                            -17.26 
_refine.aniso_B[3][3]                            34.53 
_refine.aniso_B[1][2]                            22.98 
_refine.aniso_B[1][3]                            0.00 
_refine.aniso_B[2][3]                            0.00 
_refine.solvent_model_details                    'FLAT MODEL' 
_refine.solvent_model_param_ksol                 0.282987 
_refine.solvent_model_param_bsol                 10 
_refine.pdbx_solvent_vdw_probe_radii             ? 
_refine.pdbx_solvent_ion_probe_radii             ? 
_refine.pdbx_solvent_shrinkage_radii             ? 
_refine.pdbx_ls_cross_valid_method               THROUGHOUT 
_refine.details                                  ? 
_refine.pdbx_starting_model                      ? 
_refine.pdbx_method_to_determine_struct          MAD 
_refine.pdbx_isotropic_thermal_model             RESTRAINED 
_refine.pdbx_stereochemistry_target_values       'Engh & Huber' 
_refine.pdbx_stereochem_target_val_spec_case     ? 
_refine.pdbx_R_Free_selection_details            RANDOM 
_refine.pdbx_overall_ESU_R                       ? 
_refine.pdbx_overall_ESU_R_Free                  ? 
_refine.overall_SU_ML                            ? 
_refine.overall_SU_B                             ? 
_refine.ls_redundancy_reflns_obs                 ? 
_refine.B_iso_min                                ? 
_refine.B_iso_max                                ? 
_refine.overall_SU_R_Cruickshank_DPI             ? 
_refine.overall_SU_R_free                        ? 
_refine.ls_wR_factor_R_free                      ? 
_refine.ls_wR_factor_R_work                      ? 
_refine.overall_FOM_free_R_set                   ? 
_refine.overall_FOM_work_R_set                   ? 
_refine.pdbx_refine_id                           'X-RAY DIFFRACTION' 
_refine.pdbx_diffrn_id                           1 
_refine.pdbx_TLS_residual_ADP_flag               ? 
_refine.pdbx_overall_phase_error                 ? 
_refine.pdbx_overall_SU_R_free_Cruickshank_DPI   ? 
_refine.pdbx_overall_SU_R_Blow_DPI               ? 
_refine.pdbx_overall_SU_R_free_Blow_DPI          ? 
# 
_refine_analyze.entry_id                        2FXT 
_refine_analyze.Luzzati_coordinate_error_obs    0.56 
_refine_analyze.Luzzati_sigma_a_obs             0.91 
_refine_analyze.Luzzati_d_res_low_obs           5.00 
_refine_analyze.Luzzati_coordinate_error_free   0.70 
_refine_analyze.Luzzati_sigma_a_free            1.07 
_refine_analyze.Luzzati_d_res_low_free          ? 
_refine_analyze.number_disordered_residues      ? 
_refine_analyze.occupancy_sum_hydrogen          ? 
_refine_analyze.occupancy_sum_non_hydrogen      ? 
_refine_analyze.pdbx_Luzzati_d_res_high_obs     ? 
_refine_analyze.pdbx_refine_id                  'X-RAY DIFFRACTION' 
# 
_refine_hist.pdbx_refine_id                   'X-RAY DIFFRACTION' 
_refine_hist.cycle_id                         LAST 
_refine_hist.pdbx_number_atoms_protein        1551 
_refine_hist.pdbx_number_atoms_nucleic_acid   0 
_refine_hist.pdbx_number_atoms_ligand         0 
_refine_hist.number_atoms_solvent             0 
_refine_hist.number_atoms_total               1551 
_refine_hist.d_res_high                       3.20 
_refine_hist.d_res_low                        48.55 
# 
loop_
_refine_ls_restr.type 
_refine_ls_restr.dev_ideal 
_refine_ls_restr.dev_ideal_target 
_refine_ls_restr.weight 
_refine_ls_restr.number 
_refine_ls_restr.pdbx_refine_id 
_refine_ls_restr.pdbx_restraint_function 
c_bond_d           0.010 ?    ? ? 'X-RAY DIFFRACTION' ? 
c_angle_deg        1.7   ?    ? ? 'X-RAY DIFFRACTION' ? 
c_dihedral_angle_d 23.8  ?    ? ? 'X-RAY DIFFRACTION' ? 
c_improper_angle_d 0.86  ?    ? ? 'X-RAY DIFFRACTION' ? 
c_mcbond_it        3.03  1.50 ? ? 'X-RAY DIFFRACTION' ? 
c_mcangle_it       5.15  2.00 ? ? 'X-RAY DIFFRACTION' ? 
c_scbond_it        3.98  2.00 ? ? 'X-RAY DIFFRACTION' ? 
c_scangle_it       6.71  2.50 ? ? 'X-RAY DIFFRACTION' ? 
# 
_refine_ls_shell.pdbx_total_number_of_bins_used   6 
_refine_ls_shell.d_res_high                       3.20 
_refine_ls_shell.d_res_low                        3.29 
_refine_ls_shell.number_reflns_R_work             260 
_refine_ls_shell.R_factor_R_work                  0.419 
_refine_ls_shell.percent_reflns_obs               27.1 
_refine_ls_shell.R_factor_R_free                  0.46 
_refine_ls_shell.R_factor_R_free_error            0.078 
_refine_ls_shell.percent_reflns_R_free            11.9 
_refine_ls_shell.number_reflns_R_free             35 
_refine_ls_shell.number_reflns_all                ? 
_refine_ls_shell.R_factor_all                     ? 
_refine_ls_shell.number_reflns_obs                260 
_refine_ls_shell.redundancy_reflns_obs            ? 
_refine_ls_shell.pdbx_refine_id                   'X-RAY DIFFRACTION' 
# 
_pdbx_xplor_file.serial_no        1 
_pdbx_xplor_file.param_file       protein_rep.param 
_pdbx_xplor_file.topol_file       protein.top 
_pdbx_xplor_file.pdbx_refine_id   'X-RAY DIFFRACTION' 
# 
_struct.entry_id                  2FXT 
_struct.title                     'Crystal Structure of Yeast Tim44' 
_struct.pdbx_model_details        ? 
_struct.pdbx_CASP_flag            ? 
_struct.pdbx_model_type_details   ? 
# 
_struct_keywords.entry_id        2FXT 
_struct_keywords.pdbx_keywords   'PROTEIN TRANSPORT' 
_struct_keywords.text            'Mitochondrial Translocase, PROTEIN TRANSPORT' 
# 
_struct_asym.id                            A 
_struct_asym.pdbx_blank_PDB_chainid_flag   N 
_struct_asym.pdbx_modified                 N 
_struct_asym.entity_id                     1 
_struct_asym.details                       ? 
# 
_struct_ref.id                         1 
_struct_ref.db_name                    UNP 
_struct_ref.db_code                    TIM44_YEAST 
_struct_ref.pdbx_db_accession          Q01852 
_struct_ref.entity_id                  1 
_struct_ref.pdbx_seq_one_letter_code   
;SIQSLKNKLWDESENPLIVVMRKITNKVGGFFAETESSRVYSQFKLMDPTFSNESFTRHLREYIVPEILEAYVKGDVKVL
KKWFSEAPFNVYAAQQKIFKEQDVYADGRILDIRGVEIVSAKLLAPQDIPVLVVGCRAQEINLYRKKKTGEIAAGDEANI
LMSSYAMVFTRDPEQIDDDETEGWKILEFVRG
;
_struct_ref.pdbx_align_begin           234 
_struct_ref.pdbx_db_isoform            ? 
# 
_struct_ref_seq.align_id                      1 
_struct_ref_seq.ref_id                        1 
_struct_ref_seq.pdbx_PDB_id_code              2FXT 
_struct_ref_seq.pdbx_strand_id                A 
_struct_ref_seq.seq_align_beg                 1 
_struct_ref_seq.pdbx_seq_align_beg_ins_code   ? 
_struct_ref_seq.seq_align_end                 192 
_struct_ref_seq.pdbx_seq_align_end_ins_code   ? 
_struct_ref_seq.pdbx_db_accession             Q01852 
_struct_ref_seq.db_align_beg                  234 
_struct_ref_seq.pdbx_db_align_beg_ins_code    ? 
_struct_ref_seq.db_align_end                  425 
_struct_ref_seq.pdbx_db_align_end_ins_code    ? 
_struct_ref_seq.pdbx_auth_seq_align_beg       234 
_struct_ref_seq.pdbx_auth_seq_align_end       425 
# 
_pdbx_struct_assembly.id                   1 
_pdbx_struct_assembly.details              author_defined_assembly 
_pdbx_struct_assembly.method_details       ? 
_pdbx_struct_assembly.oligomeric_details   dimeric 
_pdbx_struct_assembly.oligomeric_count     2 
# 
_pdbx_struct_assembly_gen.assembly_id       1 
_pdbx_struct_assembly_gen.oper_expression   1,2 
_pdbx_struct_assembly_gen.asym_id_list      A 
# 
loop_
_pdbx_struct_oper_list.id 
_pdbx_struct_oper_list.type 
_pdbx_struct_oper_list.name 
_pdbx_struct_oper_list.symmetry_operation 
_pdbx_struct_oper_list.matrix[1][1] 
_pdbx_struct_oper_list.matrix[1][2] 
_pdbx_struct_oper_list.matrix[1][3] 
_pdbx_struct_oper_list.vector[1] 
_pdbx_struct_oper_list.matrix[2][1] 
_pdbx_struct_oper_list.matrix[2][2] 
_pdbx_struct_oper_list.matrix[2][3] 
_pdbx_struct_oper_list.vector[2] 
_pdbx_struct_oper_list.matrix[3][1] 
_pdbx_struct_oper_list.matrix[3][2] 
_pdbx_struct_oper_list.matrix[3][3] 
_pdbx_struct_oper_list.vector[3] 
1 'identity operation'         1_555  x,y,z          1.0000000000  0.0000000000 0.0000000000  0.0000000000  0.0000000000 1.0000000000  0.0000000000  0.0000000000  0.0000000000  0.0000000000  1.0000000000  0.0000000000  
2 'crystal symmetry operation' 12_565 x,x-y+1,-z+1/2 -0.3568774171 0.6660081952 -0.6550355663 -4.6779422830 0.6660081952 -0.3102918045 -0.6783451039 28.4578009213 -0.6550355663 -0.6783451039 -0.3328307783 24.3416375044 
# 
loop_
_struct_conf.conf_type_id 
_struct_conf.id 
_struct_conf.pdbx_PDB_helix_id 
_struct_conf.beg_label_comp_id 
_struct_conf.beg_label_asym_id 
_struct_conf.beg_label_seq_id 
_struct_conf.pdbx_beg_PDB_ins_code 
_struct_conf.end_label_comp_id 
_struct_conf.end_label_asym_id 
_struct_conf.end_label_seq_id 
_struct_conf.pdbx_end_PDB_ins_code 
_struct_conf.beg_auth_comp_id 
_struct_conf.beg_auth_asym_id 
_struct_conf.beg_auth_seq_id 
_struct_conf.end_auth_comp_id 
_struct_conf.end_auth_asym_id 
_struct_conf.end_auth_seq_id 
_struct_conf.pdbx_PDB_helix_class 
_struct_conf.details 
_struct_conf.pdbx_PDB_helix_length 
HELX_P HELX_P1 1 SER A 1  ? ASP A 11  ? SER A 234 ASP A 244 1 ? 11 
HELX_P HELX_P2 2 ASN A 15 ? ASN A 26  ? ASN A 248 ASN A 259 1 ? 12 
HELX_P HELX_P3 3 SER A 37 ? ASP A 48  ? SER A 270 ASP A 281 1 ? 12 
HELX_P HELX_P4 4 SER A 52 ? TYR A 63  ? SER A 285 TYR A 296 1 ? 12 
HELX_P HELX_P5 5 TYR A 63 ? LYS A 74  ? TYR A 296 LYS A 307 1 ? 12 
HELX_P HELX_P6 6 ASP A 76 ? PHE A 84  ? ASP A 309 PHE A 317 1 ? 9  
HELX_P HELX_P7 7 SER A 85 ? GLN A 102 ? SER A 318 GLN A 335 1 ? 18 
# 
_struct_conf_type.id          HELX_P 
_struct_conf_type.criteria    ? 
_struct_conf_type.reference   ? 
# 
loop_
_struct_sheet.id 
_struct_sheet.type 
_struct_sheet.number_strands 
_struct_sheet.details 
A ? 2 ? 
B ? 2 ? 
C ? 4 ? 
# 
loop_
_struct_sheet_order.sheet_id 
_struct_sheet_order.range_id_1 
_struct_sheet_order.range_id_2 
_struct_sheet_order.offset 
_struct_sheet_order.sense 
A 1 2 ? anti-parallel 
B 1 2 ? anti-parallel 
C 1 2 ? anti-parallel 
C 2 3 ? anti-parallel 
C 3 4 ? anti-parallel 
# 
loop_
_struct_sheet_range.sheet_id 
_struct_sheet_range.id 
_struct_sheet_range.beg_label_comp_id 
_struct_sheet_range.beg_label_asym_id 
_struct_sheet_range.beg_label_seq_id 
_struct_sheet_range.pdbx_beg_PDB_ins_code 
_struct_sheet_range.end_label_comp_id 
_struct_sheet_range.end_label_asym_id 
_struct_sheet_range.end_label_seq_id 
_struct_sheet_range.pdbx_end_PDB_ins_code 
_struct_sheet_range.beg_auth_comp_id 
_struct_sheet_range.beg_auth_asym_id 
_struct_sheet_range.beg_auth_seq_id 
_struct_sheet_range.end_auth_comp_id 
_struct_sheet_range.end_auth_asym_id 
_struct_sheet_range.end_auth_seq_id 
A 1 VAL A 104 ? TYR A 105 ? VAL A 337 TYR A 338 
A 2 ARG A 145 ? LYS A 146 ? ARG A 378 LYS A 379 
B 1 GLY A 108 ? ILE A 110 ? GLY A 341 ILE A 343 
B 2 GLU A 140 ? ASN A 142 ? GLU A 373 ASN A 375 
C 1 ARG A 114 ? LEU A 124 ? ARG A 347 LEU A 357 
C 2 ILE A 129 ? ALA A 138 ? ILE A 362 ALA A 371 
C 3 SER A 163 ? THR A 170 ? SER A 396 THR A 403 
C 4 LYS A 185 ? VAL A 190 ? LYS A 418 VAL A 423 
# 
loop_
_pdbx_struct_sheet_hbond.sheet_id 
_pdbx_struct_sheet_hbond.range_id_1 
_pdbx_struct_sheet_hbond.range_id_2 
_pdbx_struct_sheet_hbond.range_1_label_atom_id 
_pdbx_struct_sheet_hbond.range_1_label_comp_id 
_pdbx_struct_sheet_hbond.range_1_label_asym_id 
_pdbx_struct_sheet_hbond.range_1_label_seq_id 
_pdbx_struct_sheet_hbond.range_1_PDB_ins_code 
_pdbx_struct_sheet_hbond.range_1_auth_atom_id 
_pdbx_struct_sheet_hbond.range_1_auth_comp_id 
_pdbx_struct_sheet_hbond.range_1_auth_asym_id 
_pdbx_struct_sheet_hbond.range_1_auth_seq_id 
_pdbx_struct_sheet_hbond.range_2_label_atom_id 
_pdbx_struct_sheet_hbond.range_2_label_comp_id 
_pdbx_struct_sheet_hbond.range_2_label_asym_id 
_pdbx_struct_sheet_hbond.range_2_label_seq_id 
_pdbx_struct_sheet_hbond.range_2_PDB_ins_code 
_pdbx_struct_sheet_hbond.range_2_auth_atom_id 
_pdbx_struct_sheet_hbond.range_2_auth_comp_id 
_pdbx_struct_sheet_hbond.range_2_auth_asym_id 
_pdbx_struct_sheet_hbond.range_2_auth_seq_id 
A 1 2 N TYR A 105 ? N TYR A 338 O ARG A 145 ? O ARG A 378 
B 1 2 N ARG A 109 ? N ARG A 342 O ILE A 141 ? O ILE A 374 
C 1 2 N ARG A 114 ? N ARG A 347 O ARG A 137 ? O ARG A 370 
C 2 3 N LEU A 132 ? N LEU A 365 O PHE A 169 ? O PHE A 402 
C 3 4 N VAL A 168 ? N VAL A 401 O LEU A 187 ? O LEU A 420 
# 
_pdbx_validate_rmsd_angle.id                         1 
_pdbx_validate_rmsd_angle.PDB_model_num              1 
_pdbx_validate_rmsd_angle.auth_atom_id_1             N 
_pdbx_validate_rmsd_angle.auth_asym_id_1             A 
_pdbx_validate_rmsd_angle.auth_comp_id_1             GLY 
_pdbx_validate_rmsd_angle.auth_seq_id_1              341 
_pdbx_validate_rmsd_angle.PDB_ins_code_1             ? 
_pdbx_validate_rmsd_angle.label_alt_id_1             ? 
_pdbx_validate_rmsd_angle.auth_atom_id_2             CA 
_pdbx_validate_rmsd_angle.auth_asym_id_2             A 
_pdbx_validate_rmsd_angle.auth_comp_id_2             GLY 
_pdbx_validate_rmsd_angle.auth_seq_id_2              341 
_pdbx_validate_rmsd_angle.PDB_ins_code_2             ? 
_pdbx_validate_rmsd_angle.label_alt_id_2             ? 
_pdbx_validate_rmsd_angle.auth_atom_id_3             C 
_pdbx_validate_rmsd_angle.auth_asym_id_3             A 
_pdbx_validate_rmsd_angle.auth_comp_id_3             GLY 
_pdbx_validate_rmsd_angle.auth_seq_id_3              341 
_pdbx_validate_rmsd_angle.PDB_ins_code_3             ? 
_pdbx_validate_rmsd_angle.label_alt_id_3             ? 
_pdbx_validate_rmsd_angle.angle_value                94.35 
_pdbx_validate_rmsd_angle.angle_target_value         113.10 
_pdbx_validate_rmsd_angle.angle_deviation            -18.75 
_pdbx_validate_rmsd_angle.angle_standard_deviation   2.50 
_pdbx_validate_rmsd_angle.linker_flag                N 
# 
loop_
_pdbx_validate_torsion.id 
_pdbx_validate_torsion.PDB_model_num 
_pdbx_validate_torsion.auth_comp_id 
_pdbx_validate_torsion.auth_asym_id 
_pdbx_validate_torsion.auth_seq_id 
_pdbx_validate_torsion.PDB_ins_code 
_pdbx_validate_torsion.label_alt_id 
_pdbx_validate_torsion.phi 
_pdbx_validate_torsion.psi 
1  1 ILE A 235 ? ? -57.77  1.99    
2  1 GLU A 245 ? ? -77.04  -86.37  
3  1 SER A 246 ? ? 64.94   -53.09  
4  1 LEU A 250 ? ? -50.61  -71.13  
5  1 MET A 254 ? ? -32.28  -38.66  
6  1 LYS A 256 ? ? -33.60  -36.82  
7  1 VAL A 261 ? ? -112.41 -78.60  
8  1 GLU A 269 ? ? 89.74   29.03   
9  1 SER A 270 ? ? 69.21   -74.95  
10 1 THR A 283 ? ? -53.58  -4.93   
11 1 GLU A 287 ? ? -49.04  -73.50  
12 1 SER A 288 ? ? -29.49  -62.50  
13 1 TYR A 296 ? ? -141.93 -46.38  
14 1 TYR A 305 ? ? -71.61  -72.00  
15 1 VAL A 306 ? ? -41.39  -7.44   
16 1 ASP A 309 ? ? -104.44 55.09   
17 1 ALA A 320 ? ? -66.54  -71.28  
18 1 TYR A 325 ? ? -67.44  -70.40  
19 1 ALA A 326 ? ? -42.58  -13.78  
20 1 ASP A 345 ? ? 77.53   -51.99  
21 1 ILE A 346 ? ? 33.23   75.88   
22 1 VAL A 349 ? ? 45.21   88.50   
23 1 PRO A 359 ? ? -61.33  90.81   
24 1 GLN A 360 ? ? 92.74   7.24    
25 1 GLN A 372 ? ? -65.46  96.09   
26 1 THR A 382 ? ? 26.72   40.80   
27 1 GLU A 384 ? ? 10.50   -127.09 
28 1 ILE A 385 ? ? -117.59 51.90   
29 1 ALA A 386 ? ? 41.53   -120.91 
30 1 LEU A 394 ? ? -59.66  174.54  
31 1 GLN A 408 ? ? 76.10   66.07   
32 1 ASP A 410 ? ? -95.64  39.07   
33 1 ASP A 412 ? ? 70.20   -54.85  
34 1 GLU A 415 ? ? 52.99   72.13   
35 1 GLU A 421 ? ? 29.88   110.12  
# 
loop_
_chem_comp_atom.comp_id 
_chem_comp_atom.atom_id 
_chem_comp_atom.type_symbol 
_chem_comp_atom.pdbx_aromatic_flag 
_chem_comp_atom.pdbx_stereo_config 
_chem_comp_atom.pdbx_ordinal 
ALA N    N N N 1   
ALA CA   C N S 2   
ALA C    C N N 3   
ALA O    O N N 4   
ALA CB   C N N 5   
ALA OXT  O N N 6   
ALA H    H N N 7   
ALA H2   H N N 8   
ALA HA   H N N 9   
ALA HB1  H N N 10  
ALA HB2  H N N 11  
ALA HB3  H N N 12  
ALA HXT  H N N 13  
ARG N    N N N 14  
ARG CA   C N S 15  
ARG C    C N N 16  
ARG O    O N N 17  
ARG CB   C N N 18  
ARG CG   C N N 19  
ARG CD   C N N 20  
ARG NE   N N N 21  
ARG CZ   C N N 22  
ARG NH1  N N N 23  
ARG NH2  N N N 24  
ARG OXT  O N N 25  
ARG H    H N N 26  
ARG H2   H N N 27  
ARG HA   H N N 28  
ARG HB2  H N N 29  
ARG HB3  H N N 30  
ARG HG2  H N N 31  
ARG HG3  H N N 32  
ARG HD2  H N N 33  
ARG HD3  H N N 34  
ARG HE   H N N 35  
ARG HH11 H N N 36  
ARG HH12 H N N 37  
ARG HH21 H N N 38  
ARG HH22 H N N 39  
ARG HXT  H N N 40  
ASN N    N N N 41  
ASN CA   C N S 42  
ASN C    C N N 43  
ASN O    O N N 44  
ASN CB   C N N 45  
ASN CG   C N N 46  
ASN OD1  O N N 47  
ASN ND2  N N N 48  
ASN OXT  O N N 49  
ASN H    H N N 50  
ASN H2   H N N 51  
ASN HA   H N N 52  
ASN HB2  H N N 53  
ASN HB3  H N N 54  
ASN HD21 H N N 55  
ASN HD22 H N N 56  
ASN HXT  H N N 57  
ASP N    N N N 58  
ASP CA   C N S 59  
ASP C    C N N 60  
ASP O    O N N 61  
ASP CB   C N N 62  
ASP CG   C N N 63  
ASP OD1  O N N 64  
ASP OD2  O N N 65  
ASP OXT  O N N 66  
ASP H    H N N 67  
ASP H2   H N N 68  
ASP HA   H N N 69  
ASP HB2  H N N 70  
ASP HB3  H N N 71  
ASP HD2  H N N 72  
ASP HXT  H N N 73  
CYS N    N N N 74  
CYS CA   C N R 75  
CYS C    C N N 76  
CYS O    O N N 77  
CYS CB   C N N 78  
CYS SG   S N N 79  
CYS OXT  O N N 80  
CYS H    H N N 81  
CYS H2   H N N 82  
CYS HA   H N N 83  
CYS HB2  H N N 84  
CYS HB3  H N N 85  
CYS HG   H N N 86  
CYS HXT  H N N 87  
GLN N    N N N 88  
GLN CA   C N S 89  
GLN C    C N N 90  
GLN O    O N N 91  
GLN CB   C N N 92  
GLN CG   C N N 93  
GLN CD   C N N 94  
GLN OE1  O N N 95  
GLN NE2  N N N 96  
GLN OXT  O N N 97  
GLN H    H N N 98  
GLN H2   H N N 99  
GLN HA   H N N 100 
GLN HB2  H N N 101 
GLN HB3  H N N 102 
GLN HG2  H N N 103 
GLN HG3  H N N 104 
GLN HE21 H N N 105 
GLN HE22 H N N 106 
GLN HXT  H N N 107 
GLU N    N N N 108 
GLU CA   C N S 109 
GLU C    C N N 110 
GLU O    O N N 111 
GLU CB   C N N 112 
GLU CG   C N N 113 
GLU CD   C N N 114 
GLU OE1  O N N 115 
GLU OE2  O N N 116 
GLU OXT  O N N 117 
GLU H    H N N 118 
GLU H2   H N N 119 
GLU HA   H N N 120 
GLU HB2  H N N 121 
GLU HB3  H N N 122 
GLU HG2  H N N 123 
GLU HG3  H N N 124 
GLU HE2  H N N 125 
GLU HXT  H N N 126 
GLY N    N N N 127 
GLY CA   C N N 128 
GLY C    C N N 129 
GLY O    O N N 130 
GLY OXT  O N N 131 
GLY H    H N N 132 
GLY H2   H N N 133 
GLY HA2  H N N 134 
GLY HA3  H N N 135 
GLY HXT  H N N 136 
HIS N    N N N 137 
HIS CA   C N S 138 
HIS C    C N N 139 
HIS O    O N N 140 
HIS CB   C N N 141 
HIS CG   C Y N 142 
HIS ND1  N Y N 143 
HIS CD2  C Y N 144 
HIS CE1  C Y N 145 
HIS NE2  N Y N 146 
HIS OXT  O N N 147 
HIS H    H N N 148 
HIS H2   H N N 149 
HIS HA   H N N 150 
HIS HB2  H N N 151 
HIS HB3  H N N 152 
HIS HD1  H N N 153 
HIS HD2  H N N 154 
HIS HE1  H N N 155 
HIS HE2  H N N 156 
HIS HXT  H N N 157 
ILE N    N N N 158 
ILE CA   C N S 159 
ILE C    C N N 160 
ILE O    O N N 161 
ILE CB   C N S 162 
ILE CG1  C N N 163 
ILE CG2  C N N 164 
ILE CD1  C N N 165 
ILE OXT  O N N 166 
ILE H    H N N 167 
ILE H2   H N N 168 
ILE HA   H N N 169 
ILE HB   H N N 170 
ILE HG12 H N N 171 
ILE HG13 H N N 172 
ILE HG21 H N N 173 
ILE HG22 H N N 174 
ILE HG23 H N N 175 
ILE HD11 H N N 176 
ILE HD12 H N N 177 
ILE HD13 H N N 178 
ILE HXT  H N N 179 
LEU N    N N N 180 
LEU CA   C N S 181 
LEU C    C N N 182 
LEU O    O N N 183 
LEU CB   C N N 184 
LEU CG   C N N 185 
LEU CD1  C N N 186 
LEU CD2  C N N 187 
LEU OXT  O N N 188 
LEU H    H N N 189 
LEU H2   H N N 190 
LEU HA   H N N 191 
LEU HB2  H N N 192 
LEU HB3  H N N 193 
LEU HG   H N N 194 
LEU HD11 H N N 195 
LEU HD12 H N N 196 
LEU HD13 H N N 197 
LEU HD21 H N N 198 
LEU HD22 H N N 199 
LEU HD23 H N N 200 
LEU HXT  H N N 201 
LYS N    N N N 202 
LYS CA   C N S 203 
LYS C    C N N 204 
LYS O    O N N 205 
LYS CB   C N N 206 
LYS CG   C N N 207 
LYS CD   C N N 208 
LYS CE   C N N 209 
LYS NZ   N N N 210 
LYS OXT  O N N 211 
LYS H    H N N 212 
LYS H2   H N N 213 
LYS HA   H N N 214 
LYS HB2  H N N 215 
LYS HB3  H N N 216 
LYS HG2  H N N 217 
LYS HG3  H N N 218 
LYS HD2  H N N 219 
LYS HD3  H N N 220 
LYS HE2  H N N 221 
LYS HE3  H N N 222 
LYS HZ1  H N N 223 
LYS HZ2  H N N 224 
LYS HZ3  H N N 225 
LYS HXT  H N N 226 
MET N    N N N 227 
MET CA   C N S 228 
MET C    C N N 229 
MET O    O N N 230 
MET CB   C N N 231 
MET CG   C N N 232 
MET SD   S N N 233 
MET CE   C N N 234 
MET OXT  O N N 235 
MET H    H N N 236 
MET H2   H N N 237 
MET HA   H N N 238 
MET HB2  H N N 239 
MET HB3  H N N 240 
MET HG2  H N N 241 
MET HG3  H N N 242 
MET HE1  H N N 243 
MET HE2  H N N 244 
MET HE3  H N N 245 
MET HXT  H N N 246 
PHE N    N N N 247 
PHE CA   C N S 248 
PHE C    C N N 249 
PHE O    O N N 250 
PHE CB   C N N 251 
PHE CG   C Y N 252 
PHE CD1  C Y N 253 
PHE CD2  C Y N 254 
PHE CE1  C Y N 255 
PHE CE2  C Y N 256 
PHE CZ   C Y N 257 
PHE OXT  O N N 258 
PHE H    H N N 259 
PHE H2   H N N 260 
PHE HA   H N N 261 
PHE HB2  H N N 262 
PHE HB3  H N N 263 
PHE HD1  H N N 264 
PHE HD2  H N N 265 
PHE HE1  H N N 266 
PHE HE2  H N N 267 
PHE HZ   H N N 268 
PHE HXT  H N N 269 
PRO N    N N N 270 
PRO CA   C N S 271 
PRO C    C N N 272 
PRO O    O N N 273 
PRO CB   C N N 274 
PRO CG   C N N 275 
PRO CD   C N N 276 
PRO OXT  O N N 277 
PRO H    H N N 278 
PRO HA   H N N 279 
PRO HB2  H N N 280 
PRO HB3  H N N 281 
PRO HG2  H N N 282 
PRO HG3  H N N 283 
PRO HD2  H N N 284 
PRO HD3  H N N 285 
PRO HXT  H N N 286 
SER N    N N N 287 
SER CA   C N S 288 
SER C    C N N 289 
SER O    O N N 290 
SER CB   C N N 291 
SER OG   O N N 292 
SER OXT  O N N 293 
SER H    H N N 294 
SER H2   H N N 295 
SER HA   H N N 296 
SER HB2  H N N 297 
SER HB3  H N N 298 
SER HG   H N N 299 
SER HXT  H N N 300 
THR N    N N N 301 
THR CA   C N S 302 
THR C    C N N 303 
THR O    O N N 304 
THR CB   C N R 305 
THR OG1  O N N 306 
THR CG2  C N N 307 
THR OXT  O N N 308 
THR H    H N N 309 
THR H2   H N N 310 
THR HA   H N N 311 
THR HB   H N N 312 
THR HG1  H N N 313 
THR HG21 H N N 314 
THR HG22 H N N 315 
THR HG23 H N N 316 
THR HXT  H N N 317 
TRP N    N N N 318 
TRP CA   C N S 319 
TRP C    C N N 320 
TRP O    O N N 321 
TRP CB   C N N 322 
TRP CG   C Y N 323 
TRP CD1  C Y N 324 
TRP CD2  C Y N 325 
TRP NE1  N Y N 326 
TRP CE2  C Y N 327 
TRP CE3  C Y N 328 
TRP CZ2  C Y N 329 
TRP CZ3  C Y N 330 
TRP CH2  C Y N 331 
TRP OXT  O N N 332 
TRP H    H N N 333 
TRP H2   H N N 334 
TRP HA   H N N 335 
TRP HB2  H N N 336 
TRP HB3  H N N 337 
TRP HD1  H N N 338 
TRP HE1  H N N 339 
TRP HE3  H N N 340 
TRP HZ2  H N N 341 
TRP HZ3  H N N 342 
TRP HH2  H N N 343 
TRP HXT  H N N 344 
TYR N    N N N 345 
TYR CA   C N S 346 
TYR C    C N N 347 
TYR O    O N N 348 
TYR CB   C N N 349 
TYR CG   C Y N 350 
TYR CD1  C Y N 351 
TYR CD2  C Y N 352 
TYR CE1  C Y N 353 
TYR CE2  C Y N 354 
TYR CZ   C Y N 355 
TYR OH   O N N 356 
TYR OXT  O N N 357 
TYR H    H N N 358 
TYR H2   H N N 359 
TYR HA   H N N 360 
TYR HB2  H N N 361 
TYR HB3  H N N 362 
TYR HD1  H N N 363 
TYR HD2  H N N 364 
TYR HE1  H N N 365 
TYR HE2  H N N 366 
TYR HH   H N N 367 
TYR HXT  H N N 368 
VAL N    N N N 369 
VAL CA   C N S 370 
VAL C    C N N 371 
VAL O    O N N 372 
VAL CB   C N N 373 
VAL CG1  C N N 374 
VAL CG2  C N N 375 
VAL OXT  O N N 376 
VAL H    H N N 377 
VAL H2   H N N 378 
VAL HA   H N N 379 
VAL HB   H N N 380 
VAL HG11 H N N 381 
VAL HG12 H N N 382 
VAL HG13 H N N 383 
VAL HG21 H N N 384 
VAL HG22 H N N 385 
VAL HG23 H N N 386 
VAL HXT  H N N 387 
# 
loop_
_chem_comp_bond.comp_id 
_chem_comp_bond.atom_id_1 
_chem_comp_bond.atom_id_2 
_chem_comp_bond.value_order 
_chem_comp_bond.pdbx_aromatic_flag 
_chem_comp_bond.pdbx_stereo_config 
_chem_comp_bond.pdbx_ordinal 
ALA N   CA   sing N N 1   
ALA N   H    sing N N 2   
ALA N   H2   sing N N 3   
ALA CA  C    sing N N 4   
ALA CA  CB   sing N N 5   
ALA CA  HA   sing N N 6   
ALA C   O    doub N N 7   
ALA C   OXT  sing N N 8   
ALA CB  HB1  sing N N 9   
ALA CB  HB2  sing N N 10  
ALA CB  HB3  sing N N 11  
ALA OXT HXT  sing N N 12  
ARG N   CA   sing N N 13  
ARG N   H    sing N N 14  
ARG N   H2   sing N N 15  
ARG CA  C    sing N N 16  
ARG CA  CB   sing N N 17  
ARG CA  HA   sing N N 18  
ARG C   O    doub N N 19  
ARG C   OXT  sing N N 20  
ARG CB  CG   sing N N 21  
ARG CB  HB2  sing N N 22  
ARG CB  HB3  sing N N 23  
ARG CG  CD   sing N N 24  
ARG CG  HG2  sing N N 25  
ARG CG  HG3  sing N N 26  
ARG CD  NE   sing N N 27  
ARG CD  HD2  sing N N 28  
ARG CD  HD3  sing N N 29  
ARG NE  CZ   sing N N 30  
ARG NE  HE   sing N N 31  
ARG CZ  NH1  sing N N 32  
ARG CZ  NH2  doub N N 33  
ARG NH1 HH11 sing N N 34  
ARG NH1 HH12 sing N N 35  
ARG NH2 HH21 sing N N 36  
ARG NH2 HH22 sing N N 37  
ARG OXT HXT  sing N N 38  
ASN N   CA   sing N N 39  
ASN N   H    sing N N 40  
ASN N   H2   sing N N 41  
ASN CA  C    sing N N 42  
ASN CA  CB   sing N N 43  
ASN CA  HA   sing N N 44  
ASN C   O    doub N N 45  
ASN C   OXT  sing N N 46  
ASN CB  CG   sing N N 47  
ASN CB  HB2  sing N N 48  
ASN CB  HB3  sing N N 49  
ASN CG  OD1  doub N N 50  
ASN CG  ND2  sing N N 51  
ASN ND2 HD21 sing N N 52  
ASN ND2 HD22 sing N N 53  
ASN OXT HXT  sing N N 54  
ASP N   CA   sing N N 55  
ASP N   H    sing N N 56  
ASP N   H2   sing N N 57  
ASP CA  C    sing N N 58  
ASP CA  CB   sing N N 59  
ASP CA  HA   sing N N 60  
ASP C   O    doub N N 61  
ASP C   OXT  sing N N 62  
ASP CB  CG   sing N N 63  
ASP CB  HB2  sing N N 64  
ASP CB  HB3  sing N N 65  
ASP CG  OD1  doub N N 66  
ASP CG  OD2  sing N N 67  
ASP OD2 HD2  sing N N 68  
ASP OXT HXT  sing N N 69  
CYS N   CA   sing N N 70  
CYS N   H    sing N N 71  
CYS N   H2   sing N N 72  
CYS CA  C    sing N N 73  
CYS CA  CB   sing N N 74  
CYS CA  HA   sing N N 75  
CYS C   O    doub N N 76  
CYS C   OXT  sing N N 77  
CYS CB  SG   sing N N 78  
CYS CB  HB2  sing N N 79  
CYS CB  HB3  sing N N 80  
CYS SG  HG   sing N N 81  
CYS OXT HXT  sing N N 82  
GLN N   CA   sing N N 83  
GLN N   H    sing N N 84  
GLN N   H2   sing N N 85  
GLN CA  C    sing N N 86  
GLN CA  CB   sing N N 87  
GLN CA  HA   sing N N 88  
GLN C   O    doub N N 89  
GLN C   OXT  sing N N 90  
GLN CB  CG   sing N N 91  
GLN CB  HB2  sing N N 92  
GLN CB  HB3  sing N N 93  
GLN CG  CD   sing N N 94  
GLN CG  HG2  sing N N 95  
GLN CG  HG3  sing N N 96  
GLN CD  OE1  doub N N 97  
GLN CD  NE2  sing N N 98  
GLN NE2 HE21 sing N N 99  
GLN NE2 HE22 sing N N 100 
GLN OXT HXT  sing N N 101 
GLU N   CA   sing N N 102 
GLU N   H    sing N N 103 
GLU N   H2   sing N N 104 
GLU CA  C    sing N N 105 
GLU CA  CB   sing N N 106 
GLU CA  HA   sing N N 107 
GLU C   O    doub N N 108 
GLU C   OXT  sing N N 109 
GLU CB  CG   sing N N 110 
GLU CB  HB2  sing N N 111 
GLU CB  HB3  sing N N 112 
GLU CG  CD   sing N N 113 
GLU CG  HG2  sing N N 114 
GLU CG  HG3  sing N N 115 
GLU CD  OE1  doub N N 116 
GLU CD  OE2  sing N N 117 
GLU OE2 HE2  sing N N 118 
GLU OXT HXT  sing N N 119 
GLY N   CA   sing N N 120 
GLY N   H    sing N N 121 
GLY N   H2   sing N N 122 
GLY CA  C    sing N N 123 
GLY CA  HA2  sing N N 124 
GLY CA  HA3  sing N N 125 
GLY C   O    doub N N 126 
GLY C   OXT  sing N N 127 
GLY OXT HXT  sing N N 128 
HIS N   CA   sing N N 129 
HIS N   H    sing N N 130 
HIS N   H2   sing N N 131 
HIS CA  C    sing N N 132 
HIS CA  CB   sing N N 133 
HIS CA  HA   sing N N 134 
HIS C   O    doub N N 135 
HIS C   OXT  sing N N 136 
HIS CB  CG   sing N N 137 
HIS CB  HB2  sing N N 138 
HIS CB  HB3  sing N N 139 
HIS CG  ND1  sing Y N 140 
HIS CG  CD2  doub Y N 141 
HIS ND1 CE1  doub Y N 142 
HIS ND1 HD1  sing N N 143 
HIS CD2 NE2  sing Y N 144 
HIS CD2 HD2  sing N N 145 
HIS CE1 NE2  sing Y N 146 
HIS CE1 HE1  sing N N 147 
HIS NE2 HE2  sing N N 148 
HIS OXT HXT  sing N N 149 
ILE N   CA   sing N N 150 
ILE N   H    sing N N 151 
ILE N   H2   sing N N 152 
ILE CA  C    sing N N 153 
ILE CA  CB   sing N N 154 
ILE CA  HA   sing N N 155 
ILE C   O    doub N N 156 
ILE C   OXT  sing N N 157 
ILE CB  CG1  sing N N 158 
ILE CB  CG2  sing N N 159 
ILE CB  HB   sing N N 160 
ILE CG1 CD1  sing N N 161 
ILE CG1 HG12 sing N N 162 
ILE CG1 HG13 sing N N 163 
ILE CG2 HG21 sing N N 164 
ILE CG2 HG22 sing N N 165 
ILE CG2 HG23 sing N N 166 
ILE CD1 HD11 sing N N 167 
ILE CD1 HD12 sing N N 168 
ILE CD1 HD13 sing N N 169 
ILE OXT HXT  sing N N 170 
LEU N   CA   sing N N 171 
LEU N   H    sing N N 172 
LEU N   H2   sing N N 173 
LEU CA  C    sing N N 174 
LEU CA  CB   sing N N 175 
LEU CA  HA   sing N N 176 
LEU C   O    doub N N 177 
LEU C   OXT  sing N N 178 
LEU CB  CG   sing N N 179 
LEU CB  HB2  sing N N 180 
LEU CB  HB3  sing N N 181 
LEU CG  CD1  sing N N 182 
LEU CG  CD2  sing N N 183 
LEU CG  HG   sing N N 184 
LEU CD1 HD11 sing N N 185 
LEU CD1 HD12 sing N N 186 
LEU CD1 HD13 sing N N 187 
LEU CD2 HD21 sing N N 188 
LEU CD2 HD22 sing N N 189 
LEU CD2 HD23 sing N N 190 
LEU OXT HXT  sing N N 191 
LYS N   CA   sing N N 192 
LYS N   H    sing N N 193 
LYS N   H2   sing N N 194 
LYS CA  C    sing N N 195 
LYS CA  CB   sing N N 196 
LYS CA  HA   sing N N 197 
LYS C   O    doub N N 198 
LYS C   OXT  sing N N 199 
LYS CB  CG   sing N N 200 
LYS CB  HB2  sing N N 201 
LYS CB  HB3  sing N N 202 
LYS CG  CD   sing N N 203 
LYS CG  HG2  sing N N 204 
LYS CG  HG3  sing N N 205 
LYS CD  CE   sing N N 206 
LYS CD  HD2  sing N N 207 
LYS CD  HD3  sing N N 208 
LYS CE  NZ   sing N N 209 
LYS CE  HE2  sing N N 210 
LYS CE  HE3  sing N N 211 
LYS NZ  HZ1  sing N N 212 
LYS NZ  HZ2  sing N N 213 
LYS NZ  HZ3  sing N N 214 
LYS OXT HXT  sing N N 215 
MET N   CA   sing N N 216 
MET N   H    sing N N 217 
MET N   H2   sing N N 218 
MET CA  C    sing N N 219 
MET CA  CB   sing N N 220 
MET CA  HA   sing N N 221 
MET C   O    doub N N 222 
MET C   OXT  sing N N 223 
MET CB  CG   sing N N 224 
MET CB  HB2  sing N N 225 
MET CB  HB3  sing N N 226 
MET CG  SD   sing N N 227 
MET CG  HG2  sing N N 228 
MET CG  HG3  sing N N 229 
MET SD  CE   sing N N 230 
MET CE  HE1  sing N N 231 
MET CE  HE2  sing N N 232 
MET CE  HE3  sing N N 233 
MET OXT HXT  sing N N 234 
PHE N   CA   sing N N 235 
PHE N   H    sing N N 236 
PHE N   H2   sing N N 237 
PHE CA  C    sing N N 238 
PHE CA  CB   sing N N 239 
PHE CA  HA   sing N N 240 
PHE C   O    doub N N 241 
PHE C   OXT  sing N N 242 
PHE CB  CG   sing N N 243 
PHE CB  HB2  sing N N 244 
PHE CB  HB3  sing N N 245 
PHE CG  CD1  doub Y N 246 
PHE CG  CD2  sing Y N 247 
PHE CD1 CE1  sing Y N 248 
PHE CD1 HD1  sing N N 249 
PHE CD2 CE2  doub Y N 250 
PHE CD2 HD2  sing N N 251 
PHE CE1 CZ   doub Y N 252 
PHE CE1 HE1  sing N N 253 
PHE CE2 CZ   sing Y N 254 
PHE CE2 HE2  sing N N 255 
PHE CZ  HZ   sing N N 256 
PHE OXT HXT  sing N N 257 
PRO N   CA   sing N N 258 
PRO N   CD   sing N N 259 
PRO N   H    sing N N 260 
PRO CA  C    sing N N 261 
PRO CA  CB   sing N N 262 
PRO CA  HA   sing N N 263 
PRO C   O    doub N N 264 
PRO C   OXT  sing N N 265 
PRO CB  CG   sing N N 266 
PRO CB  HB2  sing N N 267 
PRO CB  HB3  sing N N 268 
PRO CG  CD   sing N N 269 
PRO CG  HG2  sing N N 270 
PRO CG  HG3  sing N N 271 
PRO CD  HD2  sing N N 272 
PRO CD  HD3  sing N N 273 
PRO OXT HXT  sing N N 274 
SER N   CA   sing N N 275 
SER N   H    sing N N 276 
SER N   H2   sing N N 277 
SER CA  C    sing N N 278 
SER CA  CB   sing N N 279 
SER CA  HA   sing N N 280 
SER C   O    doub N N 281 
SER C   OXT  sing N N 282 
SER CB  OG   sing N N 283 
SER CB  HB2  sing N N 284 
SER CB  HB3  sing N N 285 
SER OG  HG   sing N N 286 
SER OXT HXT  sing N N 287 
THR N   CA   sing N N 288 
THR N   H    sing N N 289 
THR N   H2   sing N N 290 
THR CA  C    sing N N 291 
THR CA  CB   sing N N 292 
THR CA  HA   sing N N 293 
THR C   O    doub N N 294 
THR C   OXT  sing N N 295 
THR CB  OG1  sing N N 296 
THR CB  CG2  sing N N 297 
THR CB  HB   sing N N 298 
THR OG1 HG1  sing N N 299 
THR CG2 HG21 sing N N 300 
THR CG2 HG22 sing N N 301 
THR CG2 HG23 sing N N 302 
THR OXT HXT  sing N N 303 
TRP N   CA   sing N N 304 
TRP N   H    sing N N 305 
TRP N   H2   sing N N 306 
TRP CA  C    sing N N 307 
TRP CA  CB   sing N N 308 
TRP CA  HA   sing N N 309 
TRP C   O    doub N N 310 
TRP C   OXT  sing N N 311 
TRP CB  CG   sing N N 312 
TRP CB  HB2  sing N N 313 
TRP CB  HB3  sing N N 314 
TRP CG  CD1  doub Y N 315 
TRP CG  CD2  sing Y N 316 
TRP CD1 NE1  sing Y N 317 
TRP CD1 HD1  sing N N 318 
TRP CD2 CE2  doub Y N 319 
TRP CD2 CE3  sing Y N 320 
TRP NE1 CE2  sing Y N 321 
TRP NE1 HE1  sing N N 322 
TRP CE2 CZ2  sing Y N 323 
TRP CE3 CZ3  doub Y N 324 
TRP CE3 HE3  sing N N 325 
TRP CZ2 CH2  doub Y N 326 
TRP CZ2 HZ2  sing N N 327 
TRP CZ3 CH2  sing Y N 328 
TRP CZ3 HZ3  sing N N 329 
TRP CH2 HH2  sing N N 330 
TRP OXT HXT  sing N N 331 
TYR N   CA   sing N N 332 
TYR N   H    sing N N 333 
TYR N   H2   sing N N 334 
TYR CA  C    sing N N 335 
TYR CA  CB   sing N N 336 
TYR CA  HA   sing N N 337 
TYR C   O    doub N N 338 
TYR C   OXT  sing N N 339 
TYR CB  CG   sing N N 340 
TYR CB  HB2  sing N N 341 
TYR CB  HB3  sing N N 342 
TYR CG  CD1  doub Y N 343 
TYR CG  CD2  sing Y N 344 
TYR CD1 CE1  sing Y N 345 
TYR CD1 HD1  sing N N 346 
TYR CD2 CE2  doub Y N 347 
TYR CD2 HD2  sing N N 348 
TYR CE1 CZ   doub Y N 349 
TYR CE1 HE1  sing N N 350 
TYR CE2 CZ   sing Y N 351 
TYR CE2 HE2  sing N N 352 
TYR CZ  OH   sing N N 353 
TYR OH  HH   sing N N 354 
TYR OXT HXT  sing N N 355 
VAL N   CA   sing N N 356 
VAL N   H    sing N N 357 
VAL N   H2   sing N N 358 
VAL CA  C    sing N N 359 
VAL CA  CB   sing N N 360 
VAL CA  HA   sing N N 361 
VAL C   O    doub N N 362 
VAL C   OXT  sing N N 363 
VAL CB  CG1  sing N N 364 
VAL CB  CG2  sing N N 365 
VAL CB  HB   sing N N 366 
VAL CG1 HG11 sing N N 367 
VAL CG1 HG12 sing N N 368 
VAL CG1 HG13 sing N N 369 
VAL CG2 HG21 sing N N 370 
VAL CG2 HG22 sing N N 371 
VAL CG2 HG23 sing N N 372 
VAL OXT HXT  sing N N 373 
# 
_atom_sites.entry_id                    2FXT 
_atom_sites.fract_transf_matrix[1][1]   0.00526991 
_atom_sites.fract_transf_matrix[1][2]   0.00545768 
_atom_sites.fract_transf_matrix[1][3]   -0.00536718 
_atom_sites.fract_transf_matrix[2][1]   0.00330597 
_atom_sites.fract_transf_matrix[2][2]   0.00801354 
_atom_sites.fract_transf_matrix[2][3]   0.00334868 
_atom_sites.fract_transf_matrix[3][1]   0.01052901 
_atom_sites.fract_transf_matrix[3][2]   -0.00608020 
_atom_sites.fract_transf_matrix[3][3]   0.00415547 
_atom_sites.fract_transf_vector[1]      0.680301 
_atom_sites.fract_transf_vector[2]      0.693064 
_atom_sites.fract_transf_vector[3]      0.310576 
# 
loop_
_atom_type.symbol 
C 
N 
O 
S 
# 
loop_
_atom_site.group_PDB 
_atom_site.id 
_atom_site.type_symbol 
_atom_site.label_atom_id 
_atom_site.label_alt_id 
_atom_site.label_comp_id 
_atom_site.label_asym_id 
_atom_site.label_entity_id 
_atom_site.label_seq_id 
_atom_site.pdbx_PDB_ins_code 
_atom_site.Cartn_x 
_atom_site.Cartn_y 
_atom_site.Cartn_z 
_atom_site.occupancy 
_atom_site.B_iso_or_equiv 
_atom_site.pdbx_formal_charge 
_atom_site.auth_seq_id 
_atom_site.auth_comp_id 
_atom_site.auth_asym_id 
_atom_site.auth_atom_id 
_atom_site.pdbx_PDB_model_num 
ATOM 1    N N   . SER A 1 1   ? 5.664   -5.268  -32.019 1.00 52.50  ? 234 SER A N   1 
ATOM 2    C CA  . SER A 1 1   ? 4.718   -4.321  -31.341 1.00 53.92  ? 234 SER A CA  1 
ATOM 3    C C   . SER A 1 1   ? 4.478   -4.742  -29.908 1.00 58.19  ? 234 SER A C   1 
ATOM 4    O O   . SER A 1 1   ? 5.033   -4.143  -28.992 1.00 59.74  ? 234 SER A O   1 
ATOM 5    C CB  . SER A 1 1   ? 3.376   -4.253  -32.065 1.00 52.57  ? 234 SER A CB  1 
ATOM 6    O OG  . SER A 1 1   ? 2.462   -3.468  -31.336 1.00 40.67  ? 234 SER A OG  1 
ATOM 7    N N   . ILE A 1 2   ? 3.641   -5.753  -29.697 1.00 65.49  ? 235 ILE A N   1 
ATOM 8    C CA  . ILE A 1 2   ? 3.414   -6.220  -28.333 1.00 73.89  ? 235 ILE A CA  1 
ATOM 9    C C   . ILE A 1 2   ? 4.790   -6.629  -27.753 1.00 77.86  ? 235 ILE A C   1 
ATOM 10   O O   . ILE A 1 2   ? 4.903   -7.095  -26.620 1.00 78.43  ? 235 ILE A O   1 
ATOM 11   C CB  . ILE A 1 2   ? 2.393   -7.422  -28.264 1.00 75.58  ? 235 ILE A CB  1 
ATOM 12   C CG1 . ILE A 1 2   ? 2.626   -8.394  -29.425 1.00 81.12  ? 235 ILE A CG1 1 
ATOM 13   C CG2 . ILE A 1 2   ? 0.945   -6.884  -28.224 1.00 78.46  ? 235 ILE A CG2 1 
ATOM 14   C CD1 . ILE A 1 2   ? 1.826   -9.695  -29.349 1.00 81.73  ? 235 ILE A CD1 1 
ATOM 15   N N   . GLN A 1 3   ? 5.832   -6.440  -28.556 1.00 79.07  ? 236 GLN A N   1 
ATOM 16   C CA  . GLN A 1 3   ? 7.204   -6.717  -28.161 1.00 82.24  ? 236 GLN A CA  1 
ATOM 17   C C   . GLN A 1 3   ? 7.680   -5.562  -27.296 1.00 80.46  ? 236 GLN A C   1 
ATOM 18   O O   . GLN A 1 3   ? 8.571   -5.720  -26.463 1.00 81.40  ? 236 GLN A O   1 
ATOM 19   C CB  . GLN A 1 3   ? 8.091   -6.820  -29.410 1.00 88.57  ? 236 GLN A CB  1 
ATOM 20   C CG  . GLN A 1 3   ? 9.580   -6.737  -29.135 1.00 94.25  ? 236 GLN A CG  1 
ATOM 21   C CD  . GLN A 1 3   ? 10.400  -7.072  -30.360 1.00 98.39  ? 236 GLN A CD  1 
ATOM 22   O OE1 . GLN A 1 3   ? 10.255  -6.433  -31.403 1.00 101.97 ? 236 GLN A OE1 1 
ATOM 23   N NE2 . GLN A 1 3   ? 11.259  -8.084  -30.246 1.00 102.04 ? 236 GLN A NE2 1 
ATOM 24   N N   . SER A 1 4   ? 7.063   -4.401  -27.527 1.00 81.85  ? 237 SER A N   1 
ATOM 25   C CA  . SER A 1 4   ? 7.365   -3.151  -26.814 1.00 79.27  ? 237 SER A CA  1 
ATOM 26   C C   . SER A 1 4   ? 6.350   -2.928  -25.684 1.00 77.10  ? 237 SER A C   1 
ATOM 27   O O   . SER A 1 4   ? 6.624   -2.211  -24.720 1.00 76.43  ? 237 SER A O   1 
ATOM 28   C CB  . SER A 1 4   ? 7.361   -1.941  -27.780 1.00 79.13  ? 237 SER A CB  1 
ATOM 29   O OG  . SER A 1 4   ? 6.054   -1.425  -27.976 1.00 83.22  ? 237 SER A OG  1 
ATOM 30   N N   . LEU A 1 5   ? 5.175   -3.542  -25.797 1.00 73.17  ? 238 LEU A N   1 
ATOM 31   C CA  . LEU A 1 5   ? 4.196   -3.411  -24.732 1.00 71.08  ? 238 LEU A CA  1 
ATOM 32   C C   . LEU A 1 5   ? 4.852   -4.021  -23.504 1.00 76.02  ? 238 LEU A C   1 
ATOM 33   O O   . LEU A 1 5   ? 4.652   -3.540  -22.386 1.00 75.99  ? 238 LEU A O   1 
ATOM 34   C CB  . LEU A 1 5   ? 2.911   -4.149  -25.085 1.00 61.77  ? 238 LEU A CB  1 
ATOM 35   C CG  . LEU A 1 5   ? 2.144   -3.432  -26.204 1.00 51.12  ? 238 LEU A CG  1 
ATOM 36   C CD1 . LEU A 1 5   ? 0.943   -4.227  -26.663 1.00 43.70  ? 238 LEU A CD1 1 
ATOM 37   C CD2 . LEU A 1 5   ? 1.713   -2.079  -25.695 1.00 42.74  ? 238 LEU A CD2 1 
ATOM 38   N N   . LYS A 1 6   ? 5.650   -5.070  -23.723 1.00 81.70  ? 239 LYS A N   1 
ATOM 39   C CA  . LYS A 1 6   ? 6.365   -5.742  -22.632 1.00 89.37  ? 239 LYS A CA  1 
ATOM 40   C C   . LYS A 1 6   ? 7.470   -4.838  -22.104 1.00 90.83  ? 239 LYS A C   1 
ATOM 41   O O   . LYS A 1 6   ? 7.796   -4.850  -20.915 1.00 92.72  ? 239 LYS A O   1 
ATOM 42   C CB  . LYS A 1 6   ? 7.056   -7.027  -23.095 1.00 91.58  ? 239 LYS A CB  1 
ATOM 43   C CG  . LYS A 1 6   ? 6.268   -8.021  -23.919 1.00 98.13  ? 239 LYS A CG  1 
ATOM 44   C CD  . LYS A 1 6   ? 7.221   -9.153  -24.338 1.00 103.09 ? 239 LYS A CD  1 
ATOM 45   C CE  . LYS A 1 6   ? 6.626   -10.077 -25.393 1.00 106.35 ? 239 LYS A CE  1 
ATOM 46   N NZ  . LYS A 1 6   ? 7.594   -11.139 -25.814 1.00 106.38 ? 239 LYS A NZ  1 
ATOM 47   N N   . ASN A 1 7   ? 8.085   -4.101  -23.019 1.00 93.63  ? 240 ASN A N   1 
ATOM 48   C CA  . ASN A 1 7   ? 9.163   -3.196  -22.660 1.00 95.74  ? 240 ASN A CA  1 
ATOM 49   C C   . ASN A 1 7   ? 8.645   -2.228  -21.606 1.00 91.05  ? 240 ASN A C   1 
ATOM 50   O O   . ASN A 1 7   ? 9.198   -2.137  -20.509 1.00 92.32  ? 240 ASN A O   1 
ATOM 51   C CB  . ASN A 1 7   ? 9.650   -2.426  -23.899 1.00 106.67 ? 240 ASN A CB  1 
ATOM 52   C CG  . ASN A 1 7   ? 10.644  -3.230  -24.754 1.00 116.88 ? 240 ASN A CG  1 
ATOM 53   O OD1 . ASN A 1 7   ? 11.761  -3.526  -24.316 1.00 125.89 ? 240 ASN A OD1 1 
ATOM 54   N ND2 . ASN A 1 7   ? 10.243  -3.571  -25.979 1.00 124.67 ? 240 ASN A ND2 1 
ATOM 55   N N   . LYS A 1 8   ? 7.570   -1.517  -21.943 1.00 85.28  ? 241 LYS A N   1 
ATOM 56   C CA  . LYS A 1 8   ? 6.973   -0.552  -21.032 1.00 77.31  ? 241 LYS A CA  1 
ATOM 57   C C   . LYS A 1 8   ? 6.613   -1.174  -19.684 1.00 78.23  ? 241 LYS A C   1 
ATOM 58   O O   . LYS A 1 8   ? 7.085   -0.706  -18.649 1.00 77.98  ? 241 LYS A O   1 
ATOM 59   C CB  . LYS A 1 8   ? 5.722   0.045   -21.641 1.00 69.61  ? 241 LYS A CB  1 
ATOM 60   C CG  . LYS A 1 8   ? 5.910   0.721   -22.946 1.00 58.59  ? 241 LYS A CG  1 
ATOM 61   C CD  . LYS A 1 8   ? 4.551   1.221   -23.310 1.00 55.54  ? 241 LYS A CD  1 
ATOM 62   C CE  . LYS A 1 8   ? 4.312   1.366   -24.806 1.00 56.19  ? 241 LYS A CE  1 
ATOM 63   N NZ  . LYS A 1 8   ? 2.827   1.214   -25.137 1.00 54.84  ? 241 LYS A NZ  1 
ATOM 64   N N   . LEU A 1 9   ? 5.778   -2.216  -19.688 1.00 77.66  ? 242 LEU A N   1 
ATOM 65   C CA  . LEU A 1 9   ? 5.395   -2.856  -18.430 1.00 78.92  ? 242 LEU A CA  1 
ATOM 66   C C   . LEU A 1 9   ? 6.649   -3.122  -17.592 1.00 83.11  ? 242 LEU A C   1 
ATOM 67   O O   . LEU A 1 9   ? 6.651   -2.895  -16.380 1.00 83.38  ? 242 LEU A O   1 
ATOM 68   C CB  . LEU A 1 9   ? 4.632   -4.167  -18.677 1.00 73.31  ? 242 LEU A CB  1 
ATOM 69   C CG  . LEU A 1 9   ? 3.294   -4.396  -17.943 1.00 69.17  ? 242 LEU A CG  1 
ATOM 70   C CD1 . LEU A 1 9   ? 2.685   -5.676  -18.467 1.00 66.49  ? 242 LEU A CD1 1 
ATOM 71   C CD2 . LEU A 1 9   ? 3.467   -4.482  -16.427 1.00 64.04  ? 242 LEU A CD2 1 
ATOM 72   N N   . TRP A 1 10  ? 7.718   -3.585  -18.231 1.00 87.06  ? 243 TRP A N   1 
ATOM 73   C CA  . TRP A 1 10  ? 8.952   -3.854  -17.507 1.00 94.24  ? 243 TRP A CA  1 
ATOM 74   C C   . TRP A 1 10  ? 9.700   -2.554  -17.197 1.00 93.91  ? 243 TRP A C   1 
ATOM 75   O O   . TRP A 1 10  ? 10.462  -2.476  -16.228 1.00 94.48  ? 243 TRP A O   1 
ATOM 76   C CB  . TRP A 1 10  ? 9.869   -4.781  -18.328 1.00 100.59 ? 243 TRP A CB  1 
ATOM 77   C CG  . TRP A 1 10  ? 9.519   -6.262  -18.296 1.00 109.77 ? 243 TRP A CG  1 
ATOM 78   C CD1 . TRP A 1 10  ? 8.638   -6.935  -19.112 1.00 112.32 ? 243 TRP A CD1 1 
ATOM 79   C CD2 . TRP A 1 10  ? 10.052  -7.246  -17.389 1.00 115.34 ? 243 TRP A CD2 1 
ATOM 80   N NE1 . TRP A 1 10  ? 8.595   -8.270  -18.764 1.00 117.05 ? 243 TRP A NE1 1 
ATOM 81   C CE2 . TRP A 1 10  ? 9.450   -8.487  -17.713 1.00 118.33 ? 243 TRP A CE2 1 
ATOM 82   C CE3 . TRP A 1 10  ? 10.980  -7.197  -16.332 1.00 118.99 ? 243 TRP A CE3 1 
ATOM 83   C CZ2 . TRP A 1 10  ? 9.747   -9.670  -17.012 1.00 120.59 ? 243 TRP A CZ2 1 
ATOM 84   C CZ3 . TRP A 1 10  ? 11.272  -8.375  -15.637 1.00 120.44 ? 243 TRP A CZ3 1 
ATOM 85   C CH2 . TRP A 1 10  ? 10.657  -9.592  -15.982 1.00 121.40 ? 243 TRP A CH2 1 
ATOM 86   N N   . ASP A 1 11  ? 9.461   -1.550  -18.040 1.00 97.10  ? 244 ASP A N   1 
ATOM 87   C CA  . ASP A 1 11  ? 10.082  -0.226  -17.969 1.00 100.27 ? 244 ASP A CA  1 
ATOM 88   C C   . ASP A 1 11  ? 9.190   0.800   -17.274 1.00 98.52  ? 244 ASP A C   1 
ATOM 89   O O   . ASP A 1 11  ? 9.413   2.010   -17.380 1.00 99.41  ? 244 ASP A O   1 
ATOM 90   C CB  . ASP A 1 11  ? 10.377  0.278   -19.389 1.00 105.32 ? 244 ASP A CB  1 
ATOM 91   C CG  . ASP A 1 11  ? 11.857  0.454   -19.650 1.00 112.82 ? 244 ASP A CG  1 
ATOM 92   O OD1 . ASP A 1 11  ? 12.561  0.847   -18.699 1.00 120.16 ? 244 ASP A OD1 1 
ATOM 93   O OD2 . ASP A 1 11  ? 12.317  0.207   -20.790 1.00 118.58 ? 244 ASP A OD2 1 
ATOM 94   N N   . GLU A 1 12  ? 8.178   0.333   -16.563 1.00 98.08  ? 245 GLU A N   1 
ATOM 95   C CA  . GLU A 1 12  ? 7.288   1.265   -15.913 1.00 97.92  ? 245 GLU A CA  1 
ATOM 96   C C   . GLU A 1 12  ? 7.822   1.892   -14.654 1.00 100.13 ? 245 GLU A C   1 
ATOM 97   O O   . GLU A 1 12  ? 8.377   2.988   -14.690 1.00 100.84 ? 245 GLU A O   1 
ATOM 98   C CB  . GLU A 1 12  ? 5.974   0.587   -15.632 1.00 94.87  ? 245 GLU A CB  1 
ATOM 99   C CG  . GLU A 1 12  ? 4.911   1.101   -16.540 1.00 91.75  ? 245 GLU A CG  1 
ATOM 100  C CD  . GLU A 1 12  ? 4.810   2.604   -16.449 1.00 90.30  ? 245 GLU A CD  1 
ATOM 101  O OE1 . GLU A 1 12  ? 5.104   3.154   -15.356 1.00 88.87  ? 245 GLU A OE1 1 
ATOM 102  O OE2 . GLU A 1 12  ? 4.433   3.225   -17.464 1.00 88.67  ? 245 GLU A OE2 1 
ATOM 103  N N   . SER A 1 13  ? 7.627   1.204   -13.538 1.00 100.66 ? 246 SER A N   1 
ATOM 104  C CA  . SER A 1 13  ? 8.099   1.692   -12.251 1.00 102.49 ? 246 SER A CA  1 
ATOM 105  C C   . SER A 1 13  ? 7.403   2.986   -11.805 1.00 104.59 ? 246 SER A C   1 
ATOM 106  O O   . SER A 1 13  ? 6.876   3.068   -10.687 1.00 106.33 ? 246 SER A O   1 
ATOM 107  C CB  . SER A 1 13  ? 9.624   1.916   -12.284 1.00 105.15 ? 246 SER A CB  1 
ATOM 108  O OG  . SER A 1 13  ? 9.966   3.293   -12.409 1.00 102.74 ? 246 SER A OG  1 
ATOM 109  N N   . GLU A 1 14  ? 7.414   3.998   -12.673 1.00 104.28 ? 247 GLU A N   1 
ATOM 110  C CA  . GLU A 1 14  ? 6.797   5.276   -12.345 1.00 101.23 ? 247 GLU A CA  1 
ATOM 111  C C   . GLU A 1 14  ? 5.371   5.127   -11.830 1.00 100.14 ? 247 GLU A C   1 
ATOM 112  O O   . GLU A 1 14  ? 5.040   5.661   -10.771 1.00 100.76 ? 247 GLU A O   1 
ATOM 113  C CB  . GLU A 1 14  ? 6.825   6.221   -13.553 1.00 101.61 ? 247 GLU A CB  1 
ATOM 114  C CG  . GLU A 1 14  ? 8.109   7.039   -13.674 1.00 97.38  ? 247 GLU A CG  1 
ATOM 115  C CD  . GLU A 1 14  ? 7.934   8.262   -14.557 1.00 93.99  ? 247 GLU A CD  1 
ATOM 116  O OE1 . GLU A 1 14  ? 6.930   8.984   -14.364 1.00 90.42  ? 247 GLU A OE1 1 
ATOM 117  O OE2 . GLU A 1 14  ? 8.794   8.509   -15.433 1.00 91.19  ? 247 GLU A OE2 1 
ATOM 118  N N   . ASN A 1 15  ? 4.539   4.400   -12.575 1.00 94.56  ? 248 ASN A N   1 
ATOM 119  C CA  . ASN A 1 15  ? 3.135   4.185   -12.211 1.00 90.32  ? 248 ASN A CA  1 
ATOM 120  C C   . ASN A 1 15  ? 3.057   3.076   -11.168 1.00 87.96  ? 248 ASN A C   1 
ATOM 121  O O   . ASN A 1 15  ? 2.927   1.900   -11.522 1.00 87.07  ? 248 ASN A O   1 
ATOM 122  C CB  . ASN A 1 15  ? 2.348   3.791   -13.466 1.00 90.42  ? 248 ASN A CB  1 
ATOM 123  C CG  . ASN A 1 15  ? 1.054   4.560   -13.613 1.00 89.11  ? 248 ASN A CG  1 
ATOM 124  O OD1 . ASN A 1 15  ? 1.034   5.791   -13.555 1.00 88.08  ? 248 ASN A OD1 1 
ATOM 125  N ND2 . ASN A 1 15  ? -0.040  3.836   -13.815 1.00 87.37  ? 248 ASN A ND2 1 
ATOM 126  N N   . PRO A 1 16  ? 3.122   3.434   -9.866  1.00 83.33  ? 249 PRO A N   1 
ATOM 127  C CA  . PRO A 1 16  ? 3.065   2.416   -8.810  1.00 79.41  ? 249 PRO A CA  1 
ATOM 128  C C   . PRO A 1 16  ? 1.987   1.356   -9.052  1.00 76.68  ? 249 PRO A C   1 
ATOM 129  O O   . PRO A 1 16  ? 2.164   0.184   -8.686  1.00 75.22  ? 249 PRO A O   1 
ATOM 130  C CB  . PRO A 1 16  ? 2.818   3.242   -7.547  1.00 80.95  ? 249 PRO A CB  1 
ATOM 131  C CG  . PRO A 1 16  ? 3.498   4.517   -7.850  1.00 80.60  ? 249 PRO A CG  1 
ATOM 132  C CD  . PRO A 1 16  ? 3.046   4.779   -9.269  1.00 82.07  ? 249 PRO A CD  1 
ATOM 133  N N   . LEU A 1 17  ? 0.872   1.767   -9.662  1.00 72.29  ? 250 LEU A N   1 
ATOM 134  C CA  . LEU A 1 17  ? -0.195  0.829   -9.947  1.00 67.01  ? 250 LEU A CA  1 
ATOM 135  C C   . LEU A 1 17  ? 0.454   -0.358  -10.653 1.00 67.62  ? 250 LEU A C   1 
ATOM 136  O O   . LEU A 1 17  ? 0.609   -1.433  -10.062 1.00 68.17  ? 250 LEU A O   1 
ATOM 137  C CB  . LEU A 1 17  ? -1.258  1.459   -10.856 1.00 65.80  ? 250 LEU A CB  1 
ATOM 138  C CG  . LEU A 1 17  ? -2.581  0.683   -10.998 1.00 64.05  ? 250 LEU A CG  1 
ATOM 139  C CD1 . LEU A 1 17  ? -3.541  1.489   -11.849 1.00 60.69  ? 250 LEU A CD1 1 
ATOM 140  C CD2 . LEU A 1 17  ? -2.368  -0.695  -11.617 1.00 59.14  ? 250 LEU A CD2 1 
ATOM 141  N N   . ILE A 1 18  ? 0.879   -0.154  -11.898 1.00 62.57  ? 251 ILE A N   1 
ATOM 142  C CA  . ILE A 1 18  ? 1.459   -1.251  -12.653 1.00 55.72  ? 251 ILE A CA  1 
ATOM 143  C C   . ILE A 1 18  ? 2.738   -1.845  -12.046 1.00 58.21  ? 251 ILE A C   1 
ATOM 144  O O   . ILE A 1 18  ? 3.190   -2.913  -12.456 1.00 58.68  ? 251 ILE A O   1 
ATOM 145  C CB  . ILE A 1 18  ? 1.633   -0.844  -14.166 1.00 53.21  ? 251 ILE A CB  1 
ATOM 146  C CG1 . ILE A 1 18  ? 3.073   -1.041  -14.625 1.00 52.35  ? 251 ILE A CG1 1 
ATOM 147  C CG2 . ILE A 1 18  ? 1.111   0.554   -14.387 1.00 46.12  ? 251 ILE A CG2 1 
ATOM 148  C CD1 . ILE A 1 18  ? 4.100   -0.366  -13.742 1.00 52.45  ? 251 ILE A CD1 1 
ATOM 149  N N   . VAL A 1 19  ? 3.312   -1.156  -11.066 1.00 56.77  ? 252 VAL A N   1 
ATOM 150  C CA  . VAL A 1 19  ? 4.516   -1.654  -10.399 1.00 54.83  ? 252 VAL A CA  1 
ATOM 151  C C   . VAL A 1 19  ? 4.152   -2.787  -9.424  1.00 58.70  ? 252 VAL A C   1 
ATOM 152  O O   . VAL A 1 19  ? 4.877   -3.791  -9.325  1.00 58.77  ? 252 VAL A O   1 
ATOM 153  C CB  . VAL A 1 19  ? 5.228   -0.541  -9.624  1.00 55.66  ? 252 VAL A CB  1 
ATOM 154  C CG1 . VAL A 1 19  ? 6.439   -1.098  -8.881  1.00 54.13  ? 252 VAL A CG1 1 
ATOM 155  C CG2 . VAL A 1 19  ? 5.639   0.548   -10.579 1.00 54.86  ? 252 VAL A CG2 1 
ATOM 156  N N   . VAL A 1 20  ? 3.043   -2.615  -8.698  1.00 58.67  ? 253 VAL A N   1 
ATOM 157  C CA  . VAL A 1 20  ? 2.558   -3.633  -7.766  1.00 55.54  ? 253 VAL A CA  1 
ATOM 158  C C   . VAL A 1 20  ? 2.081   -4.748  -8.689  1.00 61.06  ? 253 VAL A C   1 
ATOM 159  O O   . VAL A 1 20  ? 2.522   -5.901  -8.580  1.00 62.51  ? 253 VAL A O   1 
ATOM 160  C CB  . VAL A 1 20  ? 1.350   -3.142  -6.972  1.00 54.19  ? 253 VAL A CB  1 
ATOM 161  C CG1 . VAL A 1 20  ? 1.095   -4.045  -5.794  1.00 50.49  ? 253 VAL A CG1 1 
ATOM 162  C CG2 . VAL A 1 20  ? 1.572   -1.748  -6.532  1.00 52.86  ? 253 VAL A CG2 1 
ATOM 163  N N   . MET A 1 21  ? 1.171   -4.382  -9.596  1.00 63.59  ? 254 MET A N   1 
ATOM 164  C CA  . MET A 1 21  ? 0.614   -5.303  -10.594 1.00 66.03  ? 254 MET A CA  1 
ATOM 165  C C   . MET A 1 21  ? 1.680   -6.336  -10.981 1.00 68.57  ? 254 MET A C   1 
ATOM 166  O O   . MET A 1 21  ? 1.386   -7.521  -11.170 1.00 68.62  ? 254 MET A O   1 
ATOM 167  C CB  . MET A 1 21  ? 0.194   -4.502  -11.826 1.00 66.22  ? 254 MET A CB  1 
ATOM 168  C CG  . MET A 1 21  ? -1.085  -3.727  -11.647 1.00 65.22  ? 254 MET A CG  1 
ATOM 169  S SD  . MET A 1 21  ? -2.500  -4.820  -11.732 1.00 66.64  ? 254 MET A SD  1 
ATOM 170  C CE  . MET A 1 21  ? -3.580  -3.843  -12.829 1.00 65.66  ? 254 MET A CE  1 
ATOM 171  N N   . ARG A 1 22  ? 2.918   -5.846  -11.078 1.00 70.03  ? 255 ARG A N   1 
ATOM 172  C CA  . ARG A 1 22  ? 4.108   -6.619  -11.418 1.00 73.43  ? 255 ARG A CA  1 
ATOM 173  C C   . ARG A 1 22  ? 4.657   -7.282  -10.148 1.00 73.32  ? 255 ARG A C   1 
ATOM 174  O O   . ARG A 1 22  ? 4.690   -8.506  -10.044 1.00 73.49  ? 255 ARG A O   1 
ATOM 175  C CB  . ARG A 1 22  ? 5.144   -5.658  -12.053 1.00 74.20  ? 255 ARG A CB  1 
ATOM 176  C CG  . ARG A 1 22  ? 6.575   -6.185  -12.302 1.00 76.45  ? 255 ARG A CG  1 
ATOM 177  C CD  . ARG A 1 22  ? 7.238   -5.511  -13.528 1.00 78.48  ? 255 ARG A CD  1 
ATOM 178  N NE  . ARG A 1 22  ? 6.942   -4.081  -13.656 1.00 80.49  ? 255 ARG A NE  1 
ATOM 179  C CZ  . ARG A 1 22  ? 7.581   -3.106  -13.009 1.00 82.44  ? 255 ARG A CZ  1 
ATOM 180  N NH1 . ARG A 1 22  ? 8.575   -3.392  -12.176 1.00 82.93  ? 255 ARG A NH1 1 
ATOM 181  N NH2 . ARG A 1 22  ? 7.215   -1.839  -13.184 1.00 82.63  ? 255 ARG A NH2 1 
ATOM 182  N N   . LYS A 1 23  ? 5.054   -6.455  -9.183  1.00 76.14  ? 256 LYS A N   1 
ATOM 183  C CA  . LYS A 1 23  ? 5.607   -6.913  -7.910  1.00 80.28  ? 256 LYS A CA  1 
ATOM 184  C C   . LYS A 1 23  ? 5.020   -8.233  -7.381  1.00 80.42  ? 256 LYS A C   1 
ATOM 185  O O   . LYS A 1 23  ? 5.755   -9.042  -6.790  1.00 80.12  ? 256 LYS A O   1 
ATOM 186  C CB  . LYS A 1 23  ? 5.466   -5.799  -6.859  1.00 81.01  ? 256 LYS A CB  1 
ATOM 187  C CG  . LYS A 1 23  ? 5.363   -6.267  -5.413  1.00 89.26  ? 256 LYS A CG  1 
ATOM 188  C CD  . LYS A 1 23  ? 3.927   -6.119  -4.908  1.00 96.73  ? 256 LYS A CD  1 
ATOM 189  C CE  . LYS A 1 23  ? 3.510   -7.309  -4.055  1.00 100.81 ? 256 LYS A CE  1 
ATOM 190  N NZ  . LYS A 1 23  ? 2.159   -7.149  -3.453  1.00 100.89 ? 256 LYS A NZ  1 
ATOM 191  N N   . ILE A 1 24  ? 3.714   -8.457  -7.578  1.00 83.70  ? 257 ILE A N   1 
ATOM 192  C CA  . ILE A 1 24  ? 3.078   -9.708  -7.126  1.00 86.78  ? 257 ILE A CA  1 
ATOM 193  C C   . ILE A 1 24  ? 3.163   -10.740 -8.248  1.00 90.42  ? 257 ILE A C   1 
ATOM 194  O O   . ILE A 1 24  ? 3.707   -11.822 -8.066  1.00 90.31  ? 257 ILE A O   1 
ATOM 195  C CB  . ILE A 1 24  ? 1.542   -9.562  -6.775  1.00 85.69  ? 257 ILE A CB  1 
ATOM 196  C CG1 . ILE A 1 24  ? 0.863   -8.585  -7.742  1.00 86.08  ? 257 ILE A CG1 1 
ATOM 197  C CG2 . ILE A 1 24  ? 1.345   -9.193  -5.299  1.00 85.55  ? 257 ILE A CG2 1 
ATOM 198  C CD1 . ILE A 1 24  ? -0.643  -8.617  -7.673  1.00 85.24  ? 257 ILE A CD1 1 
ATOM 199  N N   . THR A 1 25  ? 2.627   -10.385 -9.412  1.00 94.29  ? 258 THR A N   1 
ATOM 200  C CA  . THR A 1 25  ? 2.607   -11.271 -10.568 1.00 98.37  ? 258 THR A CA  1 
ATOM 201  C C   . THR A 1 25  ? 3.980   -11.741 -11.116 1.00 103.69 ? 258 THR A C   1 
ATOM 202  O O   . THR A 1 25  ? 4.026   -12.725 -11.860 1.00 103.85 ? 258 THR A O   1 
ATOM 203  C CB  . THR A 1 25  ? 1.796   -10.621 -11.725 1.00 98.75  ? 258 THR A CB  1 
ATOM 204  O OG1 . THR A 1 25  ? 1.432   -11.618 -12.687 1.00 99.09  ? 258 THR A OG1 1 
ATOM 205  C CG2 . THR A 1 25  ? 2.627   -9.561  -12.412 1.00 97.58  ? 258 THR A CG2 1 
ATOM 206  N N   . ASN A 1 26  ? 5.086   -11.074 -10.771 1.00 107.91 ? 259 ASN A N   1 
ATOM 207  C CA  . ASN A 1 26  ? 6.392   -11.503 -11.303 1.00 111.47 ? 259 ASN A CA  1 
ATOM 208  C C   . ASN A 1 26  ? 7.492   -11.894 -10.317 1.00 115.80 ? 259 ASN A C   1 
ATOM 209  O O   . ASN A 1 26  ? 8.154   -12.912 -10.511 1.00 116.73 ? 259 ASN A O   1 
ATOM 210  C CB  . ASN A 1 26  ? 6.963   -10.438 -12.261 1.00 110.28 ? 259 ASN A CB  1 
ATOM 211  C CG  . ASN A 1 26  ? 6.089   -10.218 -13.492 1.00 108.38 ? 259 ASN A CG  1 
ATOM 212  O OD1 . ASN A 1 26  ? 5.430   -11.141 -13.984 1.00 104.52 ? 259 ASN A OD1 1 
ATOM 213  N ND2 . ASN A 1 26  ? 6.096   -8.991  -14.004 1.00 105.84 ? 259 ASN A ND2 1 
ATOM 214  N N   . LYS A 1 27  ? 7.691   -11.088 -9.281  1.00 120.34 ? 260 LYS A N   1 
ATOM 215  C CA  . LYS A 1 27  ? 8.732   -11.346 -8.282  1.00 124.80 ? 260 LYS A CA  1 
ATOM 216  C C   . LYS A 1 27  ? 8.959   -12.822 -7.892  1.00 128.99 ? 260 LYS A C   1 
ATOM 217  O O   . LYS A 1 27  ? 10.040  -13.364 -8.125  1.00 128.84 ? 260 LYS A O   1 
ATOM 218  C CB  . LYS A 1 27  ? 8.449   -10.525 -7.020  1.00 125.16 ? 260 LYS A CB  1 
ATOM 219  C CG  . LYS A 1 27  ? 9.584   -10.549 -5.989  1.00 122.75 ? 260 LYS A CG  1 
ATOM 220  C CD  . LYS A 1 27  ? 10.717  -9.567  -6.322  1.00 119.86 ? 260 LYS A CD  1 
ATOM 221  C CE  . LYS A 1 27  ? 11.433  -9.893  -7.626  1.00 117.96 ? 260 LYS A CE  1 
ATOM 222  N NZ  . LYS A 1 27  ? 12.438  -8.847  -7.951  1.00 117.65 ? 260 LYS A NZ  1 
ATOM 223  N N   . VAL A 1 28  ? 7.969   -13.471 -7.284  1.00 132.71 ? 261 VAL A N   1 
ATOM 224  C CA  . VAL A 1 28  ? 8.150   -14.871 -6.891  1.00 135.28 ? 261 VAL A CA  1 
ATOM 225  C C   . VAL A 1 28  ? 7.262   -15.816 -7.697  1.00 138.70 ? 261 VAL A C   1 
ATOM 226  O O   . VAL A 1 28  ? 7.724   -16.483 -8.627  1.00 140.55 ? 261 VAL A O   1 
ATOM 227  C CB  . VAL A 1 28  ? 7.856   -15.088 -5.388  1.00 135.64 ? 261 VAL A CB  1 
ATOM 228  C CG1 . VAL A 1 28  ? 8.274   -16.496 -4.977  1.00 132.97 ? 261 VAL A CG1 1 
ATOM 229  C CG2 . VAL A 1 28  ? 8.588   -14.051 -4.556  1.00 132.22 ? 261 VAL A CG2 1 
ATOM 230  N N   . GLY A 1 29  ? 5.987   -15.879 -7.323  1.00 141.29 ? 262 GLY A N   1 
ATOM 231  C CA  . GLY A 1 29  ? 5.038   -16.742 -8.015  1.00 143.43 ? 262 GLY A CA  1 
ATOM 232  C C   . GLY A 1 29  ? 3.738   -16.001 -8.274  1.00 146.04 ? 262 GLY A C   1 
ATOM 233  O O   . GLY A 1 29  ? 2.766   -16.145 -7.525  1.00 145.14 ? 262 GLY A O   1 
ATOM 234  N N   . GLY A 1 30  ? 3.715   -15.218 -9.349  1.00 145.75 ? 263 GLY A N   1 
ATOM 235  C CA  . GLY A 1 30  ? 2.532   -14.442 -9.654  1.00 145.02 ? 263 GLY A CA  1 
ATOM 236  C C   . GLY A 1 30  ? 1.805   -14.782 -10.931 1.00 142.15 ? 263 GLY A C   1 
ATOM 237  O O   . GLY A 1 30  ? 2.375   -14.766 -12.018 1.00 140.57 ? 263 GLY A O   1 
ATOM 238  N N   . PHE A 1 31  ? 0.523   -15.083 -10.790 1.00 141.58 ? 264 PHE A N   1 
ATOM 239  C CA  . PHE A 1 31  ? -0.317  -15.423 -11.925 1.00 141.05 ? 264 PHE A CA  1 
ATOM 240  C C   . PHE A 1 31  ? -1.744  -15.047 -11.550 1.00 137.54 ? 264 PHE A C   1 
ATOM 241  O O   . PHE A 1 31  ? -2.182  -15.299 -10.427 1.00 137.06 ? 264 PHE A O   1 
ATOM 242  C CB  . PHE A 1 31  ? -0.235  -16.923 -12.204 1.00 144.30 ? 264 PHE A CB  1 
ATOM 243  C CG  . PHE A 1 31  ? 1.155   -17.478 -12.103 1.00 150.45 ? 264 PHE A CG  1 
ATOM 244  C CD1 . PHE A 1 31  ? 2.008   -17.460 -13.199 1.00 153.60 ? 264 PHE A CD1 1 
ATOM 245  C CD2 . PHE A 1 31  ? 1.617   -18.002 -10.900 1.00 153.18 ? 264 PHE A CD2 1 
ATOM 246  C CE1 . PHE A 1 31  ? 3.302   -17.958 -13.099 1.00 155.54 ? 264 PHE A CE1 1 
ATOM 247  C CE2 . PHE A 1 31  ? 2.906   -18.501 -10.789 1.00 155.31 ? 264 PHE A CE2 1 
ATOM 248  C CZ  . PHE A 1 31  ? 3.752   -18.480 -11.891 1.00 156.08 ? 264 PHE A CZ  1 
ATOM 249  N N   . PHE A 1 32  ? -2.456  -14.416 -12.478 1.00 133.69 ? 265 PHE A N   1 
ATOM 250  C CA  . PHE A 1 32  ? -3.838  -14.033 -12.228 1.00 131.40 ? 265 PHE A CA  1 
ATOM 251  C C   . PHE A 1 32  ? -4.714  -14.979 -13.022 1.00 129.22 ? 265 PHE A C   1 
ATOM 252  O O   . PHE A 1 32  ? -4.411  -15.304 -14.165 1.00 128.06 ? 265 PHE A O   1 
ATOM 253  C CB  . PHE A 1 32  ? -4.093  -12.581 -12.642 1.00 131.52 ? 265 PHE A CB  1 
ATOM 254  C CG  . PHE A 1 32  ? -3.283  -11.575 -11.863 1.00 132.39 ? 265 PHE A CG  1 
ATOM 255  C CD1 . PHE A 1 32  ? -3.632  -10.231 -11.855 1.00 133.37 ? 265 PHE A CD1 1 
ATOM 256  C CD2 . PHE A 1 32  ? -2.164  -11.976 -11.141 1.00 133.45 ? 265 PHE A CD2 1 
ATOM 257  C CE1 . PHE A 1 32  ? -2.877  -9.304  -11.136 1.00 134.94 ? 265 PHE A CE1 1 
ATOM 258  C CE2 . PHE A 1 32  ? -1.402  -11.065 -10.423 1.00 134.81 ? 265 PHE A CE2 1 
ATOM 259  C CZ  . PHE A 1 32  ? -1.759  -9.725  -10.419 1.00 135.26 ? 265 PHE A CZ  1 
ATOM 260  N N   . ALA A 1 33  ? -5.807  -15.412 -12.408 1.00 127.13 ? 266 ALA A N   1 
ATOM 261  C CA  . ALA A 1 33  ? -6.721  -16.365 -13.022 1.00 125.27 ? 266 ALA A CA  1 
ATOM 262  C C   . ALA A 1 33  ? -7.845  -15.802 -13.897 1.00 125.35 ? 266 ALA A C   1 
ATOM 263  O O   . ALA A 1 33  ? -8.678  -16.576 -14.374 1.00 127.63 ? 266 ALA A O   1 
ATOM 264  C CB  . ALA A 1 33  ? -7.329  -17.257 -11.929 1.00 123.51 ? 266 ALA A CB  1 
ATOM 265  N N   . GLU A 1 34  ? -7.883  -14.492 -14.136 1.00 127.41 ? 267 GLU A N   1 
ATOM 266  C CA  . GLU A 1 34  ? -8.969  -13.929 -14.951 1.00 128.64 ? 267 GLU A CA  1 
ATOM 267  C C   . GLU A 1 34  ? -10.313 -14.252 -14.286 1.00 129.90 ? 267 GLU A C   1 
ATOM 268  O O   . GLU A 1 34  ? -11.270 -14.666 -14.941 1.00 128.98 ? 267 GLU A O   1 
ATOM 269  C CB  . GLU A 1 34  ? -8.932  -14.508 -16.380 1.00 127.37 ? 267 GLU A CB  1 
ATOM 270  C CG  . GLU A 1 34  ? -10.176 -14.228 -17.252 1.00 127.50 ? 267 GLU A CG  1 
ATOM 271  C CD  . GLU A 1 34  ? -10.530 -12.750 -17.365 1.00 126.16 ? 267 GLU A CD  1 
ATOM 272  O OE1 . GLU A 1 34  ? -10.799 -12.104 -16.329 1.00 123.31 ? 267 GLU A OE1 1 
ATOM 273  O OE2 . GLU A 1 34  ? -10.547 -12.234 -18.500 1.00 124.90 ? 267 GLU A OE2 1 
ATOM 274  N N   . THR A 1 35  ? -10.362 -14.079 -12.970 1.00 127.66 ? 268 THR A N   1 
ATOM 275  C CA  . THR A 1 35  ? -11.560 -14.336 -12.175 1.00 127.94 ? 268 THR A CA  1 
ATOM 276  C C   . THR A 1 35  ? -12.812 -13.712 -12.772 1.00 125.45 ? 268 THR A C   1 
ATOM 277  O O   . THR A 1 35  ? -13.887 -14.316 -12.771 1.00 128.62 ? 268 THR A O   1 
ATOM 278  C CB  . THR A 1 35  ? -11.382 -13.772 -10.767 1.00 131.08 ? 268 THR A CB  1 
ATOM 279  O OG1 . THR A 1 35  ? -12.658 -13.663 -10.127 1.00 130.72 ? 268 THR A OG1 1 
ATOM 280  C CG2 . THR A 1 35  ? -10.734 -12.398 -10.835 1.00 129.60 ? 268 THR A CG2 1 
ATOM 281  N N   . GLU A 1 36  ? -12.646 -12.495 -13.280 1.00 124.30 ? 269 GLU A N   1 
ATOM 282  C CA  . GLU A 1 36  ? -13.717 -11.696 -13.872 1.00 119.85 ? 269 GLU A CA  1 
ATOM 283  C C   . GLU A 1 36  ? -14.344 -10.867 -12.758 1.00 117.75 ? 269 GLU A C   1 
ATOM 284  O O   . GLU A 1 36  ? -15.529 -10.530 -12.798 1.00 116.29 ? 269 GLU A O   1 
ATOM 285  C CB  . GLU A 1 36  ? -14.789 -12.564 -14.548 1.00 117.02 ? 269 GLU A CB  1 
ATOM 286  C CG  . GLU A 1 36  ? -15.738 -11.760 -15.435 1.00 115.44 ? 269 GLU A CG  1 
ATOM 287  C CD  . GLU A 1 36  ? -16.754 -12.627 -16.150 1.00 114.14 ? 269 GLU A CD  1 
ATOM 288  O OE1 . GLU A 1 36  ? -17.562 -12.070 -16.927 1.00 111.86 ? 269 GLU A OE1 1 
ATOM 289  O OE2 . GLU A 1 36  ? -16.747 -13.860 -15.934 1.00 112.40 ? 269 GLU A OE2 1 
ATOM 290  N N   . SER A 1 37  ? -13.529 -10.549 -11.758 1.00 113.72 ? 270 SER A N   1 
ATOM 291  C CA  . SER A 1 37  ? -13.977 -9.748  -10.634 1.00 112.47 ? 270 SER A CA  1 
ATOM 292  C C   . SER A 1 37  ? -14.969 -10.471 -9.732  1.00 111.79 ? 270 SER A C   1 
ATOM 293  O O   . SER A 1 37  ? -14.616 -10.894 -8.631  1.00 112.09 ? 270 SER A O   1 
ATOM 294  C CB  . SER A 1 37  ? -14.617 -8.457  -11.141 1.00 113.43 ? 270 SER A CB  1 
ATOM 295  O OG  . SER A 1 37  ? -13.705 -7.717  -11.925 1.00 109.73 ? 270 SER A OG  1 
ATOM 296  N N   . SER A 1 38  ? -16.209 -10.590 -10.213 1.00 110.21 ? 271 SER A N   1 
ATOM 297  C CA  . SER A 1 38  ? -17.298 -11.226 -9.479  1.00 108.14 ? 271 SER A CA  1 
ATOM 298  C C   . SER A 1 38  ? -16.895 -12.352 -8.534  1.00 108.12 ? 271 SER A C   1 
ATOM 299  O O   . SER A 1 38  ? -17.439 -12.447 -7.433  1.00 108.56 ? 271 SER A O   1 
ATOM 300  C CB  . SER A 1 38  ? -18.366 -11.731 -10.447 1.00 106.44 ? 271 SER A CB  1 
ATOM 301  O OG  . SER A 1 38  ? -19.166 -10.664 -10.912 1.00 104.40 ? 271 SER A OG  1 
ATOM 302  N N   . ARG A 1 39  ? -15.966 -13.214 -8.947  1.00 108.12 ? 272 ARG A N   1 
ATOM 303  C CA  . ARG A 1 39  ? -15.534 -14.293 -8.060  1.00 107.45 ? 272 ARG A CA  1 
ATOM 304  C C   . ARG A 1 39  ? -14.764 -13.720 -6.874  1.00 106.33 ? 272 ARG A C   1 
ATOM 305  O O   . ARG A 1 39  ? -14.847 -14.240 -5.758  1.00 106.48 ? 272 ARG A O   1 
ATOM 306  C CB  . ARG A 1 39  ? -14.650 -15.300 -8.802  1.00 110.59 ? 272 ARG A CB  1 
ATOM 307  C CG  . ARG A 1 39  ? -15.377 -16.537 -9.322  1.00 113.46 ? 272 ARG A CG  1 
ATOM 308  C CD  . ARG A 1 39  ? -16.166 -17.242 -8.212  1.00 116.21 ? 272 ARG A CD  1 
ATOM 309  N NE  . ARG A 1 39  ? -17.484 -16.640 -8.010  1.00 118.34 ? 272 ARG A NE  1 
ATOM 310  C CZ  . ARG A 1 39  ? -18.317 -16.958 -7.025  1.00 118.59 ? 272 ARG A CZ  1 
ATOM 311  N NH1 . ARG A 1 39  ? -17.973 -17.880 -6.136  1.00 117.91 ? 272 ARG A NH1 1 
ATOM 312  N NH2 . ARG A 1 39  ? -19.498 -16.353 -6.936  1.00 118.23 ? 272 ARG A NH2 1 
ATOM 313  N N   . VAL A 1 40  ? -14.015 -12.649 -7.127  1.00 102.91 ? 273 VAL A N   1 
ATOM 314  C CA  . VAL A 1 40  ? -13.237 -12.008 -6.087  1.00 98.92  ? 273 VAL A CA  1 
ATOM 315  C C   . VAL A 1 40  ? -14.155 -11.277 -5.126  1.00 98.68  ? 273 VAL A C   1 
ATOM 316  O O   . VAL A 1 40  ? -13.924 -11.302 -3.920  1.00 97.79  ? 273 VAL A O   1 
ATOM 317  C CB  . VAL A 1 40  ? -12.203 -11.026 -6.671  1.00 99.12  ? 273 VAL A CB  1 
ATOM 318  C CG1 . VAL A 1 40  ? -11.518 -10.279 -5.550  1.00 98.51  ? 273 VAL A CG1 1 
ATOM 319  C CG2 . VAL A 1 40  ? -11.158 -11.793 -7.464  1.00 97.44  ? 273 VAL A CG2 1 
ATOM 320  N N   . TYR A 1 41  ? -15.202 -10.643 -5.648  1.00 94.76  ? 274 TYR A N   1 
ATOM 321  C CA  . TYR A 1 41  ? -16.154 -9.930  -4.794  1.00 91.99  ? 274 TYR A CA  1 
ATOM 322  C C   . TYR A 1 41  ? -17.047 -10.888 -4.019  1.00 95.09  ? 274 TYR A C   1 
ATOM 323  O O   . TYR A 1 41  ? -17.207 -10.753 -2.805  1.00 97.30  ? 274 TYR A O   1 
ATOM 324  C CB  . TYR A 1 41  ? -17.029 -8.990  -5.617  1.00 85.14  ? 274 TYR A CB  1 
ATOM 325  C CG  . TYR A 1 41  ? -16.307 -7.743  -6.020  1.00 74.60  ? 274 TYR A CG  1 
ATOM 326  C CD1 . TYR A 1 41  ? -15.034 -7.819  -6.589  1.00 70.00  ? 274 TYR A CD1 1 
ATOM 327  C CD2 . TYR A 1 41  ? -16.877 -6.484  -5.827  1.00 69.16  ? 274 TYR A CD2 1 
ATOM 328  C CE1 . TYR A 1 41  ? -14.334 -6.678  -6.956  1.00 65.43  ? 274 TYR A CE1 1 
ATOM 329  C CE2 . TYR A 1 41  ? -16.178 -5.321  -6.196  1.00 67.03  ? 274 TYR A CE2 1 
ATOM 330  C CZ  . TYR A 1 41  ? -14.896 -5.433  -6.760  1.00 65.28  ? 274 TYR A CZ  1 
ATOM 331  O OH  . TYR A 1 41  ? -14.154 -4.321  -7.086  1.00 61.95  ? 274 TYR A OH  1 
ATOM 332  N N   . SER A 1 42  ? -17.639 -11.849 -4.719  1.00 97.43  ? 275 SER A N   1 
ATOM 333  C CA  . SER A 1 42  ? -18.497 -12.825 -4.060  1.00 96.83  ? 275 SER A CA  1 
ATOM 334  C C   . SER A 1 42  ? -17.684 -13.528 -2.978  1.00 95.54  ? 275 SER A C   1 
ATOM 335  O O   . SER A 1 42  ? -18.225 -13.926 -1.946  1.00 97.44  ? 275 SER A O   1 
ATOM 336  C CB  . SER A 1 42  ? -19.029 -13.850 -5.069  1.00 102.09 ? 275 SER A CB  1 
ATOM 337  O OG  . SER A 1 42  ? -17.971 -14.495 -5.748  1.00 104.49 ? 275 SER A OG  1 
ATOM 338  N N   . GLN A 1 43  ? -16.381 -13.674 -3.217  1.00 89.64  ? 276 GLN A N   1 
ATOM 339  C CA  . GLN A 1 43  ? -15.498 -14.321 -2.253  1.00 82.32  ? 276 GLN A CA  1 
ATOM 340  C C   . GLN A 1 43  ? -15.413 -13.495 -0.961  1.00 80.97  ? 276 GLN A C   1 
ATOM 341  O O   . GLN A 1 43  ? -15.550 -14.038 0.140   1.00 80.46  ? 276 GLN A O   1 
ATOM 342  C CB  . GLN A 1 43  ? -14.104 -14.510 -2.863  1.00 80.96  ? 276 GLN A CB  1 
ATOM 343  C CG  . GLN A 1 43  ? -13.224 -15.473 -2.084  1.00 69.19  ? 276 GLN A CG  1 
ATOM 344  C CD  . GLN A 1 43  ? -12.430 -16.378 -3.003  1.00 62.29  ? 276 GLN A CD  1 
ATOM 345  O OE1 . GLN A 1 43  ? -12.948 -16.821 -4.018  1.00 57.19  ? 276 GLN A OE1 1 
ATOM 346  N NE2 . GLN A 1 43  ? -11.176 -16.670 -2.648  1.00 55.91  ? 276 GLN A NE2 1 
ATOM 347  N N   . PHE A 1 44  ? -15.182 -12.186 -1.097  1.00 75.97  ? 277 PHE A N   1 
ATOM 348  C CA  . PHE A 1 44  ? -15.110 -11.306 0.067   1.00 70.02  ? 277 PHE A CA  1 
ATOM 349  C C   . PHE A 1 44  ? -16.476 -11.409 0.715   1.00 69.62  ? 277 PHE A C   1 
ATOM 350  O O   . PHE A 1 44  ? -16.585 -11.549 1.927   1.00 69.74  ? 277 PHE A O   1 
ATOM 351  C CB  . PHE A 1 44  ? -14.805 -9.849  -0.345  1.00 64.75  ? 277 PHE A CB  1 
ATOM 352  C CG  . PHE A 1 44  ? -13.351 -9.597  -0.669  1.00 58.15  ? 277 PHE A CG  1 
ATOM 353  C CD1 . PHE A 1 44  ? -12.991 -8.885  -1.803  1.00 55.17  ? 277 PHE A CD1 1 
ATOM 354  C CD2 . PHE A 1 44  ? -12.343 -10.096 0.141   1.00 54.52  ? 277 PHE A CD2 1 
ATOM 355  C CE1 . PHE A 1 44  ? -11.651 -8.685  -2.129  1.00 51.91  ? 277 PHE A CE1 1 
ATOM 356  C CE2 . PHE A 1 44  ? -11.003 -9.901  -0.174  1.00 51.20  ? 277 PHE A CE2 1 
ATOM 357  C CZ  . PHE A 1 44  ? -10.658 -9.197  -1.314  1.00 51.52  ? 277 PHE A CZ  1 
ATOM 358  N N   . LYS A 1 45  ? -17.515 -11.370 -0.114  1.00 67.68  ? 278 LYS A N   1 
ATOM 359  C CA  . LYS A 1 45  ? -18.892 -11.481 0.347   1.00 66.50  ? 278 LYS A CA  1 
ATOM 360  C C   . LYS A 1 45  ? -19.048 -12.625 1.346   1.00 67.10  ? 278 LYS A C   1 
ATOM 361  O O   . LYS A 1 45  ? -19.532 -12.422 2.457   1.00 69.57  ? 278 LYS A O   1 
ATOM 362  C CB  . LYS A 1 45  ? -19.804 -11.715 -0.845  1.00 65.33  ? 278 LYS A CB  1 
ATOM 363  C CG  . LYS A 1 45  ? -19.920 -10.542 -1.769  1.00 61.60  ? 278 LYS A CG  1 
ATOM 364  C CD  . LYS A 1 45  ? -20.836 -9.509  -1.160  1.00 62.38  ? 278 LYS A CD  1 
ATOM 365  C CE  . LYS A 1 45  ? -21.394 -8.587  -2.238  1.00 65.13  ? 278 LYS A CE  1 
ATOM 366  N NZ  . LYS A 1 45  ? -22.497 -7.689  -1.748  1.00 65.88  ? 278 LYS A NZ  1 
ATOM 367  N N   . LEU A 1 46  ? -18.644 -13.827 0.942   1.00 68.81  ? 279 LEU A N   1 
ATOM 368  C CA  . LEU A 1 46  ? -18.714 -15.019 1.798   1.00 67.36  ? 279 LEU A CA  1 
ATOM 369  C C   . LEU A 1 46  ? -18.034 -14.731 3.136   1.00 66.28  ? 279 LEU A C   1 
ATOM 370  O O   . LEU A 1 46  ? -18.592 -14.968 4.223   1.00 66.66  ? 279 LEU A O   1 
ATOM 371  C CB  . LEU A 1 46  ? -17.995 -16.200 1.119   1.00 67.78  ? 279 LEU A CB  1 
ATOM 372  C CG  . LEU A 1 46  ? -18.679 -17.054 0.031   1.00 70.12  ? 279 LEU A CG  1 
ATOM 373  C CD1 . LEU A 1 46  ? -19.289 -18.293 0.664   1.00 70.17  ? 279 LEU A CD1 1 
ATOM 374  C CD2 . LEU A 1 46  ? -19.747 -16.254 -0.697  1.00 70.27  ? 279 LEU A CD2 1 
ATOM 375  N N   . MET A 1 47  ? -16.815 -14.220 3.029   1.00 63.96  ? 280 MET A N   1 
ATOM 376  C CA  . MET A 1 47  ? -15.980 -13.872 4.170   1.00 61.51  ? 280 MET A CA  1 
ATOM 377  C C   . MET A 1 47  ? -16.750 -13.008 5.147   1.00 62.18  ? 280 MET A C   1 
ATOM 378  O O   . MET A 1 47  ? -16.721 -13.262 6.341   1.00 60.38  ? 280 MET A O   1 
ATOM 379  C CB  . MET A 1 47  ? -14.770 -13.111 3.666   1.00 58.15  ? 280 MET A CB  1 
ATOM 380  C CG  . MET A 1 47  ? -13.533 -13.270 4.474   1.00 51.89  ? 280 MET A CG  1 
ATOM 381  S SD  . MET A 1 47  ? -12.244 -13.445 3.267   1.00 45.41  ? 280 MET A SD  1 
ATOM 382  C CE  . MET A 1 47  ? -12.507 -12.098 2.330   1.00 44.68  ? 280 MET A CE  1 
ATOM 383  N N   . ASP A 1 48  ? -17.431 -11.993 4.620   1.00 64.17  ? 281 ASP A N   1 
ATOM 384  C CA  . ASP A 1 48  ? -18.231 -11.059 5.405   1.00 67.75  ? 281 ASP A CA  1 
ATOM 385  C C   . ASP A 1 48  ? -19.362 -10.524 4.530   1.00 66.43  ? 281 ASP A C   1 
ATOM 386  O O   . ASP A 1 48  ? -19.139 -9.814  3.561   1.00 69.93  ? 281 ASP A O   1 
ATOM 387  C CB  . ASP A 1 48  ? -17.354 -9.902  5.925   1.00 68.11  ? 281 ASP A CB  1 
ATOM 388  C CG  . ASP A 1 48  ? -18.165 -8.645  6.285   1.00 68.80  ? 281 ASP A CG  1 
ATOM 389  O OD1 . ASP A 1 48  ? -19.311 -8.795  6.746   1.00 72.56  ? 281 ASP A OD1 1 
ATOM 390  O OD2 . ASP A 1 48  ? -17.650 -7.510  6.119   1.00 71.14  ? 281 ASP A OD2 1 
ATOM 391  N N   . PRO A 1 49  ? -20.604 -10.882 4.863   1.00 67.29  ? 282 PRO A N   1 
ATOM 392  C CA  . PRO A 1 49  ? -21.802 -10.458 4.129   1.00 71.06  ? 282 PRO A CA  1 
ATOM 393  C C   . PRO A 1 49  ? -21.886 -8.957  3.917   1.00 74.18  ? 282 PRO A C   1 
ATOM 394  O O   . PRO A 1 49  ? -22.153 -8.497  2.809   1.00 77.98  ? 282 PRO A O   1 
ATOM 395  C CB  . PRO A 1 49  ? -22.939 -10.934 5.025   1.00 70.19  ? 282 PRO A CB  1 
ATOM 396  C CG  . PRO A 1 49  ? -22.365 -12.148 5.679   1.00 68.83  ? 282 PRO A CG  1 
ATOM 397  C CD  . PRO A 1 49  ? -20.971 -11.708 6.027   1.00 68.93  ? 282 PRO A CD  1 
ATOM 398  N N   . THR A 1 50  ? -21.650 -8.209  4.997   1.00 79.43  ? 283 THR A N   1 
ATOM 399  C CA  . THR A 1 50  ? -21.733 -6.747  5.008   1.00 79.48  ? 283 THR A CA  1 
ATOM 400  C C   . THR A 1 50  ? -20.898 -6.079  3.939   1.00 83.58  ? 283 THR A C   1 
ATOM 401  O O   . THR A 1 50  ? -20.969 -4.865  3.759   1.00 82.77  ? 283 THR A O   1 
ATOM 402  C CB  . THR A 1 50  ? -21.321 -6.163  6.395   1.00 77.92  ? 283 THR A CB  1 
ATOM 403  O OG1 . THR A 1 50  ? -21.996 -4.916  6.601   1.00 80.10  ? 283 THR A OG1 1 
ATOM 404  C CG2 . THR A 1 50  ? -19.820 -5.918  6.467   1.00 76.63  ? 283 THR A CG2 1 
ATOM 405  N N   . PHE A 1 51  ? -20.133 -6.878  3.209   1.00 85.50  ? 284 PHE A N   1 
ATOM 406  C CA  . PHE A 1 51  ? -19.254 -6.348  2.174   1.00 87.98  ? 284 PHE A CA  1 
ATOM 407  C C   . PHE A 1 51  ? -19.883 -5.865  0.880   1.00 90.33  ? 284 PHE A C   1 
ATOM 408  O O   . PHE A 1 51  ? -20.727 -6.530  0.285   1.00 90.41  ? 284 PHE A O   1 
ATOM 409  C CB  . PHE A 1 51  ? -18.177 -7.376  1.825   1.00 88.38  ? 284 PHE A CB  1 
ATOM 410  C CG  . PHE A 1 51  ? -17.125 -6.851  0.907   1.00 85.40  ? 284 PHE A CG  1 
ATOM 411  C CD1 . PHE A 1 51  ? -17.390 -6.644  -0.436  1.00 83.69  ? 284 PHE A CD1 1 
ATOM 412  C CD2 . PHE A 1 51  ? -15.868 -6.551  1.395   1.00 84.73  ? 284 PHE A CD2 1 
ATOM 413  C CE1 . PHE A 1 51  ? -16.420 -6.147  -1.282  1.00 82.59  ? 284 PHE A CE1 1 
ATOM 414  C CE2 . PHE A 1 51  ? -14.886 -6.051  0.556   1.00 83.96  ? 284 PHE A CE2 1 
ATOM 415  C CZ  . PHE A 1 51  ? -15.164 -5.850  -0.787  1.00 82.97  ? 284 PHE A CZ  1 
ATOM 416  N N   . SER A 1 52  ? -19.442 -4.699  0.436   1.00 92.03  ? 285 SER A N   1 
ATOM 417  C CA  . SER A 1 52  ? -19.921 -4.121  -0.810  1.00 92.47  ? 285 SER A CA  1 
ATOM 418  C C   . SER A 1 52  ? -18.851 -3.146  -1.280  1.00 92.06  ? 285 SER A C   1 
ATOM 419  O O   . SER A 1 52  ? -18.142 -2.561  -0.469  1.00 93.88  ? 285 SER A O   1 
ATOM 420  C CB  . SER A 1 52  ? -21.281 -3.417  -0.605  1.00 93.19  ? 285 SER A CB  1 
ATOM 421  O OG  . SER A 1 52  ? -21.220 -2.337  0.308   1.00 94.70  ? 285 SER A OG  1 
ATOM 422  N N   . ASN A 1 53  ? -18.709 -2.998  -2.590  1.00 92.67  ? 286 ASN A N   1 
ATOM 423  C CA  . ASN A 1 53  ? -17.710 -2.090  -3.148  1.00 92.38  ? 286 ASN A CA  1 
ATOM 424  C C   . ASN A 1 53  ? -17.791 -0.737  -2.437  1.00 93.37  ? 286 ASN A C   1 
ATOM 425  O O   . ASN A 1 53  ? -16.786 -0.204  -1.954  1.00 90.01  ? 286 ASN A O   1 
ATOM 426  C CB  . ASN A 1 53  ? -17.974 -1.925  -4.634  1.00 88.08  ? 286 ASN A CB  1 
ATOM 427  C CG  . ASN A 1 53  ? -16.743 -1.561  -5.393  1.00 85.50  ? 286 ASN A CG  1 
ATOM 428  O OD1 . ASN A 1 53  ? -15.805 -2.352  -5.500  1.00 82.09  ? 286 ASN A OD1 1 
ATOM 429  N ND2 . ASN A 1 53  ? -16.729 -0.350  -5.932  1.00 84.49  ? 286 ASN A ND2 1 
ATOM 430  N N   . GLU A 1 54  ? -19.004 -0.190  -2.400  1.00 93.82  ? 287 GLU A N   1 
ATOM 431  C CA  . GLU A 1 54  ? -19.278 1.066   -1.716  1.00 96.88  ? 287 GLU A CA  1 
ATOM 432  C C   . GLU A 1 54  ? -18.649 0.907   -0.346  1.00 95.58  ? 287 GLU A C   1 
ATOM 433  O O   . GLU A 1 54  ? -17.610 1.486   -0.053  1.00 96.85  ? 287 GLU A O   1 
ATOM 434  C CB  . GLU A 1 54  ? -20.790 1.257   -1.543  1.00 100.51 ? 287 GLU A CB  1 
ATOM 435  C CG  . GLU A 1 54  ? -21.536 1.651   -2.801  1.00 107.24 ? 287 GLU A CG  1 
ATOM 436  C CD  . GLU A 1 54  ? -21.271 3.091   -3.205  1.00 112.55 ? 287 GLU A CD  1 
ATOM 437  O OE1 . GLU A 1 54  ? -21.713 4.005   -2.474  1.00 116.81 ? 287 GLU A OE1 1 
ATOM 438  O OE2 . GLU A 1 54  ? -20.615 3.308   -4.250  1.00 117.52 ? 287 GLU A OE2 1 
ATOM 439  N N   . SER A 1 55  ? -19.304 0.098   0.478   1.00 96.55  ? 288 SER A N   1 
ATOM 440  C CA  . SER A 1 55  ? -18.850 -0.175  1.831   1.00 95.11  ? 288 SER A CA  1 
ATOM 441  C C   . SER A 1 55  ? -17.348 -0.087  1.977   1.00 94.20  ? 288 SER A C   1 
ATOM 442  O O   . SER A 1 55  ? -16.841 0.764   2.703   1.00 95.72  ? 288 SER A O   1 
ATOM 443  C CB  . SER A 1 55  ? -19.290 -1.571  2.279   1.00 96.15  ? 288 SER A CB  1 
ATOM 444  O OG  . SER A 1 55  ? -18.482 -2.032  3.352   1.00 98.83  ? 288 SER A OG  1 
ATOM 445  N N   . PHE A 1 56  ? -16.629 -0.950  1.268   1.00 89.31  ? 289 PHE A N   1 
ATOM 446  C CA  . PHE A 1 56  ? -15.187 -0.951  1.398   1.00 82.09  ? 289 PHE A CA  1 
ATOM 447  C C   . PHE A 1 56  ? -14.471 0.310   0.954   1.00 86.06  ? 289 PHE A C   1 
ATOM 448  O O   . PHE A 1 56  ? -13.666 0.863   1.713   1.00 86.54  ? 289 PHE A O   1 
ATOM 449  C CB  . PHE A 1 56  ? -14.556 -2.118  0.674   1.00 77.51  ? 289 PHE A CB  1 
ATOM 450  C CG  . PHE A 1 56  ? -13.131 -2.318  1.054   1.00 66.98  ? 289 PHE A CG  1 
ATOM 451  C CD1 . PHE A 1 56  ? -12.195 -2.742  0.124   1.00 62.48  ? 289 PHE A CD1 1 
ATOM 452  C CD2 . PHE A 1 56  ? -12.720 -2.071  2.358   1.00 59.98  ? 289 PHE A CD2 1 
ATOM 453  C CE1 . PHE A 1 56  ? -10.867 -2.918  0.487   1.00 56.82  ? 289 PHE A CE1 1 
ATOM 454  C CE2 . PHE A 1 56  ? -11.401 -2.241  2.740   1.00 54.36  ? 289 PHE A CE2 1 
ATOM 455  C CZ  . PHE A 1 56  ? -10.468 -2.667  1.805   1.00 55.82  ? 289 PHE A CZ  1 
ATOM 456  N N   . THR A 1 57  ? -14.731 0.754   -0.275  1.00 83.08  ? 290 THR A N   1 
ATOM 457  C CA  . THR A 1 57  ? -14.077 1.961   -0.769  1.00 72.78  ? 290 THR A CA  1 
ATOM 458  C C   . THR A 1 57  ? -14.157 3.100   0.242   1.00 79.75  ? 290 THR A C   1 
ATOM 459  O O   . THR A 1 57  ? -13.191 3.842   0.399   1.00 78.78  ? 290 THR A O   1 
ATOM 460  C CB  . THR A 1 57  ? -14.661 2.423   -2.096  1.00 72.78  ? 290 THR A CB  1 
ATOM 461  O OG1 . THR A 1 57  ? -13.954 1.782   -3.162  1.00 64.72  ? 290 THR A OG1 1 
ATOM 462  C CG2 . THR A 1 57  ? -14.519 3.909   -2.237  1.00 63.31  ? 290 THR A CG2 1 
ATOM 463  N N   . ARG A 1 58  ? -15.290 3.252   0.932   1.00 78.52  ? 291 ARG A N   1 
ATOM 464  C CA  . ARG A 1 58  ? -15.368 4.318   1.921   1.00 76.52  ? 291 ARG A CA  1 
ATOM 465  C C   . ARG A 1 58  ? -14.365 3.994   3.000   1.00 76.75  ? 291 ARG A C   1 
ATOM 466  O O   . ARG A 1 58  ? -13.464 4.785   3.278   1.00 77.81  ? 291 ARG A O   1 
ATOM 467  C CB  . ARG A 1 58  ? -16.734 4.441   2.557   1.00 78.44  ? 291 ARG A CB  1 
ATOM 468  C CG  . ARG A 1 58  ? -16.719 5.510   3.636   1.00 77.32  ? 291 ARG A CG  1 
ATOM 469  C CD  . ARG A 1 58  ? -18.109 5.889   4.093   1.00 76.07  ? 291 ARG A CD  1 
ATOM 470  N NE  . ARG A 1 58  ? -18.965 6.203   2.955   1.00 74.05  ? 291 ARG A NE  1 
ATOM 471  C CZ  . ARG A 1 58  ? -20.243 6.546   3.049   1.00 73.38  ? 291 ARG A CZ  1 
ATOM 472  N NH1 . ARG A 1 58  ? -20.834 6.629   4.240   1.00 73.71  ? 291 ARG A NH1 1 
ATOM 473  N NH2 . ARG A 1 58  ? -20.928 6.795   1.941   1.00 72.61  ? 291 ARG A NH2 1 
ATOM 474  N N   . HIS A 1 59  ? -14.515 2.827   3.611   1.00 73.05  ? 292 HIS A N   1 
ATOM 475  C CA  . HIS A 1 59  ? -13.589 2.411   4.658   1.00 69.21  ? 292 HIS A CA  1 
ATOM 476  C C   . HIS A 1 59  ? -12.160 2.727   4.205   1.00 66.49  ? 292 HIS A C   1 
ATOM 477  O O   . HIS A 1 59  ? -11.301 3.106   5.008   1.00 66.40  ? 292 HIS A O   1 
ATOM 478  C CB  . HIS A 1 59  ? -13.732 0.910   4.917   1.00 69.01  ? 292 HIS A CB  1 
ATOM 479  C CG  . HIS A 1 59  ? -13.145 0.462   6.217   1.00 64.09  ? 292 HIS A CG  1 
ATOM 480  N ND1 . HIS A 1 59  ? -12.529 -0.762  6.380   1.00 62.71  ? 292 HIS A ND1 1 
ATOM 481  C CD2 . HIS A 1 59  ? -13.074 1.081   7.417   1.00 61.22  ? 292 HIS A CD2 1 
ATOM 482  C CE1 . HIS A 1 59  ? -12.100 -0.874  7.624   1.00 60.57  ? 292 HIS A CE1 1 
ATOM 483  N NE2 . HIS A 1 59  ? -12.418 0.231   8.273   1.00 60.11  ? 292 HIS A NE2 1 
ATOM 484  N N   . LEU A 1 60  ? -11.918 2.562   2.908   1.00 66.16  ? 293 LEU A N   1 
ATOM 485  C CA  . LEU A 1 60  ? -10.614 2.845   2.321   1.00 64.87  ? 293 LEU A CA  1 
ATOM 486  C C   . LEU A 1 60  ? -10.233 4.318   2.485   1.00 65.34  ? 293 LEU A C   1 
ATOM 487  O O   . LEU A 1 60  ? -9.260  4.628   3.181   1.00 63.85  ? 293 LEU A O   1 
ATOM 488  C CB  . LEU A 1 60  ? -10.601 2.457   0.827   1.00 60.66  ? 293 LEU A CB  1 
ATOM 489  C CG  . LEU A 1 60  ? -10.267 0.996   0.515   1.00 59.32  ? 293 LEU A CG  1 
ATOM 490  C CD1 . LEU A 1 60  ? -10.402 0.725   -0.956  1.00 56.57  ? 293 LEU A CD1 1 
ATOM 491  C CD2 . LEU A 1 60  ? -8.851  0.728   0.973   1.00 55.86  ? 293 LEU A CD2 1 
ATOM 492  N N   . ARG A 1 61  ? -11.014 5.209   1.866   1.00 65.64  ? 294 ARG A N   1 
ATOM 493  C CA  . ARG A 1 61  ? -10.768 6.654   1.885   1.00 68.84  ? 294 ARG A CA  1 
ATOM 494  C C   . ARG A 1 61  ? -11.084 7.396   3.172   1.00 67.32  ? 294 ARG A C   1 
ATOM 495  O O   . ARG A 1 61  ? -10.541 8.482   3.438   1.00 67.11  ? 294 ARG A O   1 
ATOM 496  C CB  . ARG A 1 61  ? -11.555 7.319   0.764   1.00 71.20  ? 294 ARG A CB  1 
ATOM 497  C CG  . ARG A 1 61  ? -11.665 8.824   0.888   1.00 74.74  ? 294 ARG A CG  1 
ATOM 498  C CD  . ARG A 1 61  ? -13.127 9.171   0.994   1.00 80.31  ? 294 ARG A CD  1 
ATOM 499  N NE  . ARG A 1 61  ? -13.848 8.654   -0.167  1.00 83.92  ? 294 ARG A NE  1 
ATOM 500  C CZ  . ARG A 1 61  ? -15.165 8.490   -0.234  1.00 86.21  ? 294 ARG A CZ  1 
ATOM 501  N NH1 . ARG A 1 61  ? -15.940 8.797   0.802   1.00 86.14  ? 294 ARG A NH1 1 
ATOM 502  N NH2 . ARG A 1 61  ? -15.709 8.020   -1.347  1.00 88.45  ? 294 ARG A NH2 1 
ATOM 503  N N   . GLU A 1 62  ? -11.950 6.796   3.974   1.00 67.56  ? 295 GLU A N   1 
ATOM 504  C CA  . GLU A 1 62  ? -12.386 7.400   5.212   1.00 67.16  ? 295 GLU A CA  1 
ATOM 505  C C   . GLU A 1 62  ? -11.567 7.010   6.408   1.00 60.92  ? 295 GLU A C   1 
ATOM 506  O O   . GLU A 1 62  ? -11.471 7.775   7.355   1.00 61.27  ? 295 GLU A O   1 
ATOM 507  C CB  . GLU A 1 62  ? -13.838 7.046   5.453   1.00 71.14  ? 295 GLU A CB  1 
ATOM 508  C CG  . GLU A 1 62  ? -14.652 8.224   5.896   1.00 87.20  ? 295 GLU A CG  1 
ATOM 509  C CD  . GLU A 1 62  ? -16.131 8.010   5.685   1.00 96.76  ? 295 GLU A CD  1 
ATOM 510  O OE1 . GLU A 1 62  ? -16.695 7.100   6.331   1.00 103.42 ? 295 GLU A OE1 1 
ATOM 511  O OE2 . GLU A 1 62  ? -16.720 8.752   4.869   1.00 103.69 ? 295 GLU A OE2 1 
ATOM 512  N N   . TYR A 1 63  ? -10.974 5.827   6.382   1.00 55.12  ? 296 TYR A N   1 
ATOM 513  C CA  . TYR A 1 63  ? -10.183 5.428   7.522   1.00 50.21  ? 296 TYR A CA  1 
ATOM 514  C C   . TYR A 1 63  ? -8.888  4.653   7.275   1.00 48.30  ? 296 TYR A C   1 
ATOM 515  O O   . TYR A 1 63  ? -7.866  4.985   7.880   1.00 45.92  ? 296 TYR A O   1 
ATOM 516  C CB  . TYR A 1 63  ? -11.055 4.658   8.506   1.00 51.11  ? 296 TYR A CB  1 
ATOM 517  C CG  . TYR A 1 63  ? -10.257 3.838   9.495   1.00 52.21  ? 296 TYR A CG  1 
ATOM 518  C CD1 . TYR A 1 63  ? -9.993  2.485   9.259   1.00 53.13  ? 296 TYR A CD1 1 
ATOM 519  C CD2 . TYR A 1 63  ? -9.766  4.405   10.667  1.00 53.44  ? 296 TYR A CD2 1 
ATOM 520  C CE1 . TYR A 1 63  ? -9.265  1.718   10.170  1.00 54.42  ? 296 TYR A CE1 1 
ATOM 521  C CE2 . TYR A 1 63  ? -9.036  3.647   11.585  1.00 55.36  ? 296 TYR A CE2 1 
ATOM 522  C CZ  . TYR A 1 63  ? -8.788  2.306   11.332  1.00 55.52  ? 296 TYR A CZ  1 
ATOM 523  O OH  . TYR A 1 63  ? -8.055  1.566   12.238  1.00 56.81  ? 296 TYR A OH  1 
ATOM 524  N N   . ILE A 1 64  ? -8.909  3.629   6.415   1.00 46.27  ? 297 ILE A N   1 
ATOM 525  C CA  . ILE A 1 64  ? -7.689  2.849   6.185   1.00 40.05  ? 297 ILE A CA  1 
ATOM 526  C C   . ILE A 1 64  ? -6.590  3.587   5.423   1.00 43.72  ? 297 ILE A C   1 
ATOM 527  O O   . ILE A 1 64  ? -5.498  3.825   5.957   1.00 41.68  ? 297 ILE A O   1 
ATOM 528  C CB  . ILE A 1 64  ? -7.973  1.531   5.463   1.00 36.29  ? 297 ILE A CB  1 
ATOM 529  C CG1 . ILE A 1 64  ? -8.959  0.709   6.262   1.00 33.63  ? 297 ILE A CG1 1 
ATOM 530  C CG2 . ILE A 1 64  ? -6.717  0.671   5.433   1.00 37.06  ? 297 ILE A CG2 1 
ATOM 531  C CD1 . ILE A 1 64  ? -9.226  -0.616  5.642   1.00 29.24  ? 297 ILE A CD1 1 
ATOM 532  N N   . VAL A 1 65  ? -6.859  3.945   4.175   1.00 41.16  ? 298 VAL A N   1 
ATOM 533  C CA  . VAL A 1 65  ? -5.843  4.637   3.411   1.00 41.79  ? 298 VAL A CA  1 
ATOM 534  C C   . VAL A 1 65  ? -5.267  5.806   4.216   1.00 44.65  ? 298 VAL A C   1 
ATOM 535  O O   . VAL A 1 65  ? -4.080  5.817   4.551   1.00 42.55  ? 298 VAL A O   1 
ATOM 536  C CB  . VAL A 1 65  ? -6.395  5.191   2.093   1.00 44.82  ? 298 VAL A CB  1 
ATOM 537  C CG1 . VAL A 1 65  ? -5.266  5.785   1.285   1.00 45.33  ? 298 VAL A CG1 1 
ATOM 538  C CG2 . VAL A 1 65  ? -7.088  4.095   1.314   1.00 48.14  ? 298 VAL A CG2 1 
ATOM 539  N N   . PRO A 1 66  ? -6.115  6.794   4.572   1.00 44.02  ? 299 PRO A N   1 
ATOM 540  C CA  . PRO A 1 66  ? -5.553  7.913   5.333   1.00 40.91  ? 299 PRO A CA  1 
ATOM 541  C C   . PRO A 1 66  ? -4.834  7.496   6.607   1.00 41.83  ? 299 PRO A C   1 
ATOM 542  O O   . PRO A 1 66  ? -3.950  8.199   7.090   1.00 36.84  ? 299 PRO A O   1 
ATOM 543  C CB  . PRO A 1 66  ? -6.771  8.810   5.584   1.00 38.56  ? 299 PRO A CB  1 
ATOM 544  C CG  . PRO A 1 66  ? -7.919  7.870   5.580   1.00 37.61  ? 299 PRO A CG  1 
ATOM 545  C CD  . PRO A 1 66  ? -7.589  6.900   4.481   1.00 41.54  ? 299 PRO A CD  1 
ATOM 546  N N   . GLU A 1 67  ? -5.177  6.339   7.144   1.00 41.67  ? 300 GLU A N   1 
ATOM 547  C CA  . GLU A 1 67  ? -4.537  5.926   8.376   1.00 47.54  ? 300 GLU A CA  1 
ATOM 548  C C   . GLU A 1 67  ? -3.148  5.321   8.178   1.00 49.16  ? 300 GLU A C   1 
ATOM 549  O O   . GLU A 1 67  ? -2.248  5.559   8.983   1.00 50.27  ? 300 GLU A O   1 
ATOM 550  C CB  . GLU A 1 67  ? -5.437  4.942   9.121   1.00 53.32  ? 300 GLU A CB  1 
ATOM 551  C CG  . GLU A 1 67  ? -5.320  5.006   10.645  1.00 62.29  ? 300 GLU A CG  1 
ATOM 552  C CD  . GLU A 1 67  ? -4.735  3.732   11.233  1.00 68.60  ? 300 GLU A CD  1 
ATOM 553  O OE1 . GLU A 1 67  ? -3.589  3.392   10.889  1.00 73.16  ? 300 GLU A OE1 1 
ATOM 554  O OE2 . GLU A 1 67  ? -5.417  3.064   12.038  1.00 73.46  ? 300 GLU A OE2 1 
ATOM 555  N N   . ILE A 1 68  ? -2.962  4.549   7.109   1.00 50.61  ? 301 ILE A N   1 
ATOM 556  C CA  . ILE A 1 68  ? -1.663  3.913   6.886   1.00 47.65  ? 301 ILE A CA  1 
ATOM 557  C C   . ILE A 1 68  ? -0.632  4.868   6.293   1.00 49.56  ? 301 ILE A C   1 
ATOM 558  O O   . ILE A 1 68  ? 0.545   4.776   6.629   1.00 48.93  ? 301 ILE A O   1 
ATOM 559  C CB  . ILE A 1 68  ? -1.771  2.641   5.988   1.00 45.61  ? 301 ILE A CB  1 
ATOM 560  C CG1 . ILE A 1 68  ? -1.324  2.964   4.583   1.00 43.99  ? 301 ILE A CG1 1 
ATOM 561  C CG2 . ILE A 1 68  ? -3.208  2.117   5.935   1.00 43.12  ? 301 ILE A CG2 1 
ATOM 562  C CD1 . ILE A 1 68  ? -1.425  1.795   3.697   1.00 43.72  ? 301 ILE A CD1 1 
ATOM 563  N N   . LEU A 1 69  ? -1.079  5.778   5.418   1.00 52.95  ? 302 LEU A N   1 
ATOM 564  C CA  . LEU A 1 69  ? -0.199  6.777   4.783   1.00 54.40  ? 302 LEU A CA  1 
ATOM 565  C C   . LEU A 1 69  ? 0.400   7.694   5.835   1.00 58.75  ? 302 LEU A C   1 
ATOM 566  O O   . LEU A 1 69  ? 1.591   7.948   5.812   1.00 59.40  ? 302 LEU A O   1 
ATOM 567  C CB  . LEU A 1 69  ? -0.938  7.661   3.758   1.00 49.10  ? 302 LEU A CB  1 
ATOM 568  C CG  . LEU A 1 69  ? -1.547  7.077   2.484   1.00 46.81  ? 302 LEU A CG  1 
ATOM 569  C CD1 . LEU A 1 69  ? -2.126  8.178   1.624   1.00 43.59  ? 302 LEU A CD1 1 
ATOM 570  C CD2 . LEU A 1 69  ? -0.491  6.347   1.724   1.00 45.18  ? 302 LEU A CD2 1 
ATOM 571  N N   . GLU A 1 70  ? -0.411  8.224   6.742   1.00 59.92  ? 303 GLU A N   1 
ATOM 572  C CA  . GLU A 1 70  ? 0.159   9.079   7.770   1.00 65.79  ? 303 GLU A CA  1 
ATOM 573  C C   . GLU A 1 70  ? 1.219   8.257   8.498   1.00 65.44  ? 303 GLU A C   1 
ATOM 574  O O   . GLU A 1 70  ? 2.305   8.748   8.801   1.00 66.86  ? 303 GLU A O   1 
ATOM 575  C CB  . GLU A 1 70  ? -0.913  9.543   8.754   1.00 70.56  ? 303 GLU A CB  1 
ATOM 576  C CG  . GLU A 1 70  ? -1.817  10.623  8.197   1.00 77.52  ? 303 GLU A CG  1 
ATOM 577  C CD  . GLU A 1 70  ? -2.912  11.040  9.165   1.00 82.39  ? 303 GLU A CD  1 
ATOM 578  O OE1 . GLU A 1 70  ? -2.597  11.299  10.354  1.00 87.91  ? 303 GLU A OE1 1 
ATOM 579  O OE2 . GLU A 1 70  ? -4.085  11.117  8.728   1.00 85.63  ? 303 GLU A OE2 1 
ATOM 580  N N   . ALA A 1 71  ? 0.892   6.992   8.755   1.00 67.08  ? 304 ALA A N   1 
ATOM 581  C CA  . ALA A 1 71  ? 1.798   6.069   9.435   1.00 65.44  ? 304 ALA A CA  1 
ATOM 582  C C   . ALA A 1 71  ? 3.083   5.919   8.637   1.00 64.72  ? 304 ALA A C   1 
ATOM 583  O O   . ALA A 1 71  ? 4.153   5.685   9.200   1.00 65.29  ? 304 ALA A O   1 
ATOM 584  C CB  . ALA A 1 71  ? 1.129   4.708   9.598   1.00 64.78  ? 304 ALA A CB  1 
ATOM 585  N N   . TYR A 1 72  ? 2.956   6.048   7.320   1.00 65.29  ? 305 TYR A N   1 
ATOM 586  C CA  . TYR A 1 72  ? 4.089   5.945   6.417   1.00 65.39  ? 305 TYR A CA  1 
ATOM 587  C C   . TYR A 1 72  ? 4.970   7.194   6.577   1.00 63.59  ? 305 TYR A C   1 
ATOM 588  O O   . TYR A 1 72  ? 6.049   7.123   7.165   1.00 64.75  ? 305 TYR A O   1 
ATOM 589  C CB  . TYR A 1 72  ? 3.593   5.832   4.969   1.00 69.60  ? 305 TYR A CB  1 
ATOM 590  C CG  . TYR A 1 72  ? 4.567   5.180   4.004   1.00 75.12  ? 305 TYR A CG  1 
ATOM 591  C CD1 . TYR A 1 72  ? 4.223   4.975   2.666   1.00 77.65  ? 305 TYR A CD1 1 
ATOM 592  C CD2 . TYR A 1 72  ? 5.817   4.749   4.427   1.00 77.15  ? 305 TYR A CD2 1 
ATOM 593  C CE1 . TYR A 1 72  ? 5.094   4.353   1.781   1.00 77.40  ? 305 TYR A CE1 1 
ATOM 594  C CE2 . TYR A 1 72  ? 6.695   4.129   3.547   1.00 78.30  ? 305 TYR A CE2 1 
ATOM 595  C CZ  . TYR A 1 72  ? 6.321   3.934   2.235   1.00 77.88  ? 305 TYR A CZ  1 
ATOM 596  O OH  . TYR A 1 72  ? 7.174   3.290   1.387   1.00 80.82  ? 305 TYR A OH  1 
ATOM 597  N N   . VAL A 1 73  ? 4.488   8.335   6.088   1.00 58.15  ? 306 VAL A N   1 
ATOM 598  C CA  . VAL A 1 73  ? 5.216   9.595   6.142   1.00 54.03  ? 306 VAL A CA  1 
ATOM 599  C C   . VAL A 1 73  ? 5.971   9.929   7.437   1.00 54.69  ? 306 VAL A C   1 
ATOM 600  O O   . VAL A 1 73  ? 6.709   10.911  7.486   1.00 54.24  ? 306 VAL A O   1 
ATOM 601  C CB  . VAL A 1 73  ? 4.272   10.735  5.717   1.00 50.82  ? 306 VAL A CB  1 
ATOM 602  C CG1 . VAL A 1 73  ? 4.887   12.087  5.960   1.00 47.44  ? 306 VAL A CG1 1 
ATOM 603  C CG2 . VAL A 1 73  ? 3.977   10.592  4.224   1.00 47.29  ? 306 VAL A CG2 1 
ATOM 604  N N   . LYS A 1 74  ? 5.795   9.125   8.483   1.00 56.69  ? 307 LYS A N   1 
ATOM 605  C CA  . LYS A 1 74  ? 6.536   9.309   9.738   1.00 58.98  ? 307 LYS A CA  1 
ATOM 606  C C   . LYS A 1 74  ? 7.033   7.953   10.228  1.00 63.40  ? 307 LYS A C   1 
ATOM 607  O O   . LYS A 1 74  ? 6.629   6.894   9.729   1.00 66.41  ? 307 LYS A O   1 
ATOM 608  C CB  . LYS A 1 74  ? 5.690   9.946   10.852  1.00 53.99  ? 307 LYS A CB  1 
ATOM 609  C CG  . LYS A 1 74  ? 4.267   10.256  10.473  1.00 48.88  ? 307 LYS A CG  1 
ATOM 610  C CD  . LYS A 1 74  ? 3.473   10.794  11.648  1.00 44.57  ? 307 LYS A CD  1 
ATOM 611  C CE  . LYS A 1 74  ? 2.042   11.147  11.218  1.00 46.03  ? 307 LYS A CE  1 
ATOM 612  N NZ  . LYS A 1 74  ? 1.928   12.191  10.129  1.00 44.50  ? 307 LYS A NZ  1 
ATOM 613  N N   . GLY A 1 75  ? 7.921   7.980   11.210  1.00 71.80  ? 308 GLY A N   1 
ATOM 614  C CA  . GLY A 1 75  ? 8.435   6.727   11.728  1.00 79.89  ? 308 GLY A CA  1 
ATOM 615  C C   . GLY A 1 75  ? 7.391   6.123   12.634  1.00 87.50  ? 308 GLY A C   1 
ATOM 616  O O   . GLY A 1 75  ? 7.610   6.029   13.843  1.00 89.83  ? 308 GLY A O   1 
ATOM 617  N N   . ASP A 1 76  ? 6.253   5.725   12.064  1.00 89.61  ? 309 ASP A N   1 
ATOM 618  C CA  . ASP A 1 76  ? 5.171   5.156   12.870  1.00 93.57  ? 309 ASP A CA  1 
ATOM 619  C C   . ASP A 1 76  ? 5.066   3.655   12.730  1.00 91.84  ? 309 ASP A C   1 
ATOM 620  O O   . ASP A 1 76  ? 4.003   3.121   12.412  1.00 90.90  ? 309 ASP A O   1 
ATOM 621  C CB  . ASP A 1 76  ? 3.831   5.784   12.493  1.00 99.75  ? 309 ASP A CB  1 
ATOM 622  C CG  . ASP A 1 76  ? 2.915   5.963   13.694  1.00 101.21 ? 309 ASP A CG  1 
ATOM 623  O OD1 . ASP A 1 76  ? 2.878   5.052   14.554  1.00 103.20 ? 309 ASP A OD1 1 
ATOM 624  O OD2 . ASP A 1 76  ? 2.231   7.012   13.772  1.00 103.64 ? 309 ASP A OD2 1 
ATOM 625  N N   . VAL A 1 77  ? 6.176   2.984   12.995  1.00 89.35  ? 310 VAL A N   1 
ATOM 626  C CA  . VAL A 1 77  ? 6.262   1.539   12.883  1.00 85.71  ? 310 VAL A CA  1 
ATOM 627  C C   . VAL A 1 77  ? 5.057   0.774   13.427  1.00 84.84  ? 310 VAL A C   1 
ATOM 628  O O   . VAL A 1 77  ? 4.551   -0.145  12.777  1.00 85.24  ? 310 VAL A O   1 
ATOM 629  C CB  . VAL A 1 77  ? 7.553   1.038   13.571  1.00 83.05  ? 310 VAL A CB  1 
ATOM 630  C CG1 . VAL A 1 77  ? 7.591   -0.474  13.569  1.00 80.81  ? 310 VAL A CG1 1 
ATOM 631  C CG2 . VAL A 1 77  ? 8.773   1.579   12.838  1.00 78.56  ? 310 VAL A CG2 1 
ATOM 632  N N   . LYS A 1 78  ? 4.586   1.167   14.606  1.00 85.48  ? 311 LYS A N   1 
ATOM 633  C CA  . LYS A 1 78  ? 3.455   0.490   15.238  1.00 85.36  ? 311 LYS A CA  1 
ATOM 634  C C   . LYS A 1 78  ? 2.167   0.478   14.429  1.00 82.55  ? 311 LYS A C   1 
ATOM 635  O O   . LYS A 1 78  ? 1.352   -0.434  14.579  1.00 82.70  ? 311 LYS A O   1 
ATOM 636  C CB  . LYS A 1 78  ? 3.165   1.093   16.622  1.00 90.48  ? 311 LYS A CB  1 
ATOM 637  C CG  . LYS A 1 78  ? 1.849   0.610   17.242  1.00 97.82  ? 311 LYS A CG  1 
ATOM 638  C CD  . LYS A 1 78  ? 1.690   1.084   18.673  1.00 101.46 ? 311 LYS A CD  1 
ATOM 639  C CE  . LYS A 1 78  ? 2.796   0.513   19.546  1.00 103.21 ? 311 LYS A CE  1 
ATOM 640  N NZ  . LYS A 1 78  ? 2.660   0.895   20.977  1.00 104.71 ? 311 LYS A NZ  1 
ATOM 641  N N   . VAL A 1 79  ? 1.970   1.488   13.587  1.00 75.50  ? 312 VAL A N   1 
ATOM 642  C CA  . VAL A 1 79  ? 0.759   1.540   12.788  1.00 67.71  ? 312 VAL A CA  1 
ATOM 643  C C   . VAL A 1 79  ? 0.892   0.583   11.626  1.00 68.79  ? 312 VAL A C   1 
ATOM 644  O O   . VAL A 1 79  ? 0.055   -0.302  11.444  1.00 69.53  ? 312 VAL A O   1 
ATOM 645  C CB  . VAL A 1 79  ? 0.514   2.927   12.238  1.00 66.41  ? 312 VAL A CB  1 
ATOM 646  C CG1 . VAL A 1 79  ? -0.897  3.033   11.752  1.00 59.51  ? 312 VAL A CG1 1 
ATOM 647  C CG2 . VAL A 1 79  ? 0.774   3.944   13.298  1.00 61.54  ? 312 VAL A CG2 1 
ATOM 648  N N   . LEU A 1 80  ? 1.960   0.751   10.848  1.00 68.03  ? 313 LEU A N   1 
ATOM 649  C CA  . LEU A 1 80  ? 2.204   -0.105  9.693   1.00 64.62  ? 313 LEU A CA  1 
ATOM 650  C C   . LEU A 1 80  ? 2.278   -1.568  10.126  1.00 68.15  ? 313 LEU A C   1 
ATOM 651  O O   . LEU A 1 80  ? 1.756   -2.460  9.440   1.00 68.49  ? 313 LEU A O   1 
ATOM 652  C CB  . LEU A 1 80  ? 3.493   0.319   8.971   1.00 56.62  ? 313 LEU A CB  1 
ATOM 653  C CG  . LEU A 1 80  ? 3.471   1.722   8.340   1.00 52.71  ? 313 LEU A CG  1 
ATOM 654  C CD1 . LEU A 1 80  ? 4.741   1.982   7.519   1.00 45.70  ? 313 LEU A CD1 1 
ATOM 655  C CD2 . LEU A 1 80  ? 2.249   1.848   7.446   1.00 47.27  ? 313 LEU A CD2 1 
ATOM 656  N N   . LYS A 1 81  ? 2.889   -1.818  11.280  1.00 69.70  ? 314 LYS A N   1 
ATOM 657  C CA  . LYS A 1 81  ? 3.005   -3.184  11.765  1.00 71.96  ? 314 LYS A CA  1 
ATOM 658  C C   . LYS A 1 81  ? 1.654   -3.879  11.931  1.00 69.84  ? 314 LYS A C   1 
ATOM 659  O O   . LYS A 1 81  ? 1.604   -5.098  11.994  1.00 70.91  ? 314 LYS A O   1 
ATOM 660  C CB  . LYS A 1 81  ? 3.780   -3.207  13.084  1.00 79.10  ? 314 LYS A CB  1 
ATOM 661  C CG  . LYS A 1 81  ? 4.394   -4.563  13.460  1.00 86.23  ? 314 LYS A CG  1 
ATOM 662  C CD  . LYS A 1 81  ? 3.376   -5.523  14.066  1.00 92.62  ? 314 LYS A CD  1 
ATOM 663  C CE  . LYS A 1 81  ? 4.059   -6.660  14.817  1.00 97.35  ? 314 LYS A CE  1 
ATOM 664  N NZ  . LYS A 1 81  ? 4.794   -6.152  16.012  1.00 100.66 ? 314 LYS A NZ  1 
ATOM 665  N N   . LYS A 1 82  ? 0.559   -3.130  11.988  1.00 66.80  ? 315 LYS A N   1 
ATOM 666  C CA  . LYS A 1 82  ? -0.744  -3.768  12.137  1.00 64.24  ? 315 LYS A CA  1 
ATOM 667  C C   . LYS A 1 82  ? -1.388  -4.036  10.789  1.00 62.91  ? 315 LYS A C   1 
ATOM 668  O O   . LYS A 1 82  ? -2.274  -4.891  10.679  1.00 64.57  ? 315 LYS A O   1 
ATOM 669  C CB  . LYS A 1 82  ? -1.693  -2.904  12.963  1.00 62.21  ? 315 LYS A CB  1 
ATOM 670  C CG  . LYS A 1 82  ? -1.321  -2.733  14.425  1.00 62.04  ? 315 LYS A CG  1 
ATOM 671  C CD  . LYS A 1 82  ? -2.483  -2.099  15.205  1.00 63.34  ? 315 LYS A CD  1 
ATOM 672  C CE  . LYS A 1 82  ? -3.501  -3.146  15.671  1.00 65.15  ? 315 LYS A CE  1 
ATOM 673  N NZ  . LYS A 1 82  ? -3.965  -4.058  14.575  1.00 67.98  ? 315 LYS A NZ  1 
ATOM 674  N N   . TRP A 1 83  ? -0.945  -3.319  9.758   1.00 62.06  ? 316 TRP A N   1 
ATOM 675  C CA  . TRP A 1 83  ? -1.526  -3.493  8.430   1.00 62.10  ? 316 TRP A CA  1 
ATOM 676  C C   . TRP A 1 83  ? -0.604  -4.200  7.455   1.00 64.61  ? 316 TRP A C   1 
ATOM 677  O O   . TRP A 1 83  ? -1.065  -4.806  6.488   1.00 64.70  ? 316 TRP A O   1 
ATOM 678  C CB  . TRP A 1 83  ? -1.909  -2.144  7.810   1.00 57.94  ? 316 TRP A CB  1 
ATOM 679  C CG  . TRP A 1 83  ? -2.961  -1.382  8.506   1.00 55.12  ? 316 TRP A CG  1 
ATOM 680  C CD1 . TRP A 1 83  ? -2.777  -0.420  9.439   1.00 55.16  ? 316 TRP A CD1 1 
ATOM 681  C CD2 . TRP A 1 83  ? -4.374  -1.460  8.284   1.00 54.62  ? 316 TRP A CD2 1 
ATOM 682  N NE1 . TRP A 1 83  ? -3.982  0.121   9.813   1.00 54.30  ? 316 TRP A NE1 1 
ATOM 683  C CE2 . TRP A 1 83  ? -4.980  -0.504  9.113   1.00 54.50  ? 316 TRP A CE2 1 
ATOM 684  C CE3 . TRP A 1 83  ? -5.186  -2.243  7.459   1.00 54.93  ? 316 TRP A CE3 1 
ATOM 685  C CZ2 . TRP A 1 83  ? -6.369  -0.305  9.140   1.00 54.33  ? 316 TRP A CZ2 1 
ATOM 686  C CZ3 . TRP A 1 83  ? -6.569  -2.042  7.489   1.00 52.19  ? 316 TRP A CZ3 1 
ATOM 687  C CH2 . TRP A 1 83  ? -7.139  -1.084  8.321   1.00 52.80  ? 316 TRP A CH2 1 
ATOM 688  N N   . PHE A 1 84  ? 0.696   -4.138  7.698   1.00 66.73  ? 317 PHE A N   1 
ATOM 689  C CA  . PHE A 1 84  ? 1.612   -4.764  6.764   1.00 71.59  ? 317 PHE A CA  1 
ATOM 690  C C   . PHE A 1 84  ? 1.862   -6.252  6.916   1.00 79.23  ? 317 PHE A C   1 
ATOM 691  O O   . PHE A 1 84  ? 1.981   -6.775  8.024   1.00 81.49  ? 317 PHE A O   1 
ATOM 692  C CB  . PHE A 1 84  ? 2.948   -4.027  6.758   1.00 64.59  ? 317 PHE A CB  1 
ATOM 693  C CG  . PHE A 1 84  ? 2.956   -2.823  5.859   1.00 57.75  ? 317 PHE A CG  1 
ATOM 694  C CD1 . PHE A 1 84  ? 1.919   -2.621  4.948   1.00 53.11  ? 317 PHE A CD1 1 
ATOM 695  C CD2 . PHE A 1 84  ? 4.000   -1.904  5.890   1.00 54.99  ? 317 PHE A CD2 1 
ATOM 696  C CE1 . PHE A 1 84  ? 1.934   -1.531  4.087   1.00 49.37  ? 317 PHE A CE1 1 
ATOM 697  C CE2 . PHE A 1 84  ? 4.019   -0.809  5.024   1.00 49.57  ? 317 PHE A CE2 1 
ATOM 698  C CZ  . PHE A 1 84  ? 2.979   -0.626  4.124   1.00 47.85  ? 317 PHE A CZ  1 
ATOM 699  N N   . SER A 1 85  ? 1.929   -6.941  5.785   1.00 88.22  ? 318 SER A N   1 
ATOM 700  C CA  . SER A 1 85  ? 2.211   -8.365  5.790   1.00 95.83  ? 318 SER A CA  1 
ATOM 701  C C   . SER A 1 85  ? 3.666   -8.450  6.229   1.00 99.82  ? 318 SER A C   1 
ATOM 702  O O   . SER A 1 85  ? 4.346   -7.428  6.304   1.00 101.47 ? 318 SER A O   1 
ATOM 703  C CB  . SER A 1 85  ? 2.069   -8.933  4.377   1.00 96.89  ? 318 SER A CB  1 
ATOM 704  O OG  . SER A 1 85  ? 0.862   -8.509  3.769   1.00 101.91 ? 318 SER A OG  1 
ATOM 705  N N   . GLU A 1 86  ? 4.158   -9.648  6.515   1.00 102.79 ? 319 GLU A N   1 
ATOM 706  C CA  . GLU A 1 86  ? 5.550   -9.778  6.929   1.00 106.72 ? 319 GLU A CA  1 
ATOM 707  C C   . GLU A 1 86  ? 6.440   -9.291  5.798   1.00 102.94 ? 319 GLU A C   1 
ATOM 708  O O   . GLU A 1 86  ? 7.534   -8.788  6.026   1.00 104.04 ? 319 GLU A O   1 
ATOM 709  C CB  . GLU A 1 86  ? 5.882   -11.236 7.253   1.00 114.36 ? 319 GLU A CB  1 
ATOM 710  C CG  . GLU A 1 86  ? 4.950   -11.848 8.287   1.00 127.29 ? 319 GLU A CG  1 
ATOM 711  C CD  . GLU A 1 86  ? 4.748   -10.946 9.495   1.00 135.49 ? 319 GLU A CD  1 
ATOM 712  O OE1 . GLU A 1 86  ? 5.736   -10.661 10.211  1.00 140.84 ? 319 GLU A OE1 1 
ATOM 713  O OE2 . GLU A 1 86  ? 3.593   -10.515 9.718   1.00 142.09 ? 319 GLU A OE2 1 
ATOM 714  N N   . ALA A 1 87  ? 5.938   -9.431  4.578   1.00 97.91  ? 320 ALA A N   1 
ATOM 715  C CA  . ALA A 1 87  ? 6.684   -9.036  3.407   1.00 93.26  ? 320 ALA A CA  1 
ATOM 716  C C   . ALA A 1 87  ? 6.922   -7.528  3.299   1.00 91.88  ? 320 ALA A C   1 
ATOM 717  O O   . ALA A 1 87  ? 8.045   -7.061  3.504   1.00 89.93  ? 320 ALA A O   1 
ATOM 718  C CB  . ALA A 1 87  ? 6.007   -9.568  2.145   1.00 92.25  ? 320 ALA A CB  1 
ATOM 719  N N   . PRO A 1 88  ? 5.875   -6.736  3.007   1.00 86.53  ? 321 PRO A N   1 
ATOM 720  C CA  . PRO A 1 88  ? 6.044   -5.283  2.879   1.00 84.71  ? 321 PRO A CA  1 
ATOM 721  C C   . PRO A 1 88  ? 6.558   -4.541  4.098   1.00 83.35  ? 321 PRO A C   1 
ATOM 722  O O   . PRO A 1 88  ? 7.263   -3.539  3.947   1.00 82.02  ? 321 PRO A O   1 
ATOM 723  C CB  . PRO A 1 88  ? 4.665   -4.814  2.480   1.00 85.72  ? 321 PRO A CB  1 
ATOM 724  C CG  . PRO A 1 88  ? 3.780   -5.783  3.184   1.00 86.87  ? 321 PRO A CG  1 
ATOM 725  C CD  . PRO A 1 88  ? 4.449   -7.095  2.925   1.00 86.70  ? 321 PRO A CD  1 
ATOM 726  N N   . PHE A 1 89  ? 6.205   -5.001  5.297   1.00 78.75  ? 322 PHE A N   1 
ATOM 727  C CA  . PHE A 1 89  ? 6.686   -4.328  6.501   1.00 77.50  ? 322 PHE A CA  1 
ATOM 728  C C   . PHE A 1 89  ? 8.188   -4.491  6.621   1.00 79.68  ? 322 PHE A C   1 
ATOM 729  O O   . PHE A 1 89  ? 8.917   -3.506  6.650   1.00 79.22  ? 322 PHE A O   1 
ATOM 730  C CB  . PHE A 1 89  ? 6.042   -4.885  7.780   1.00 72.45  ? 322 PHE A CB  1 
ATOM 731  C CG  . PHE A 1 89  ? 6.548   -4.228  9.050   1.00 66.56  ? 322 PHE A CG  1 
ATOM 732  C CD1 . PHE A 1 89  ? 7.920   -4.107  9.309   1.00 63.67  ? 322 PHE A CD1 1 
ATOM 733  C CD2 . PHE A 1 89  ? 5.656   -3.711  9.980   1.00 63.91  ? 322 PHE A CD2 1 
ATOM 734  C CE1 . PHE A 1 89  ? 8.385   -3.478  10.464  1.00 60.27  ? 322 PHE A CE1 1 
ATOM 735  C CE2 . PHE A 1 89  ? 6.120   -3.084  11.133  1.00 60.43  ? 322 PHE A CE2 1 
ATOM 736  C CZ  . PHE A 1 89  ? 7.478   -2.969  11.373  1.00 59.83  ? 322 PHE A CZ  1 
ATOM 737  N N   . ASN A 1 90  ? 8.639   -5.735  6.718   1.00 80.49  ? 323 ASN A N   1 
ATOM 738  C CA  . ASN A 1 90  ? 10.054  -6.029  6.859   1.00 82.52  ? 323 ASN A CA  1 
ATOM 739  C C   . ASN A 1 90  ? 10.958  -5.230  5.924   1.00 83.04  ? 323 ASN A C   1 
ATOM 740  O O   . ASN A 1 90  ? 12.069  -4.850  6.309   1.00 83.90  ? 323 ASN A O   1 
ATOM 741  C CB  . ASN A 1 90  ? 10.280  -7.519  6.651   1.00 86.86  ? 323 ASN A CB  1 
ATOM 742  C CG  . ASN A 1 90  ? 11.698  -7.926  6.936   1.00 89.34  ? 323 ASN A CG  1 
ATOM 743  O OD1 . ASN A 1 90  ? 12.243  -7.605  7.995   1.00 92.39  ? 323 ASN A OD1 1 
ATOM 744  N ND2 . ASN A 1 90  ? 12.310  -8.647  5.998   1.00 91.74  ? 323 ASN A ND2 1 
ATOM 745  N N   . VAL A 1 91  ? 10.488  -4.997  4.697   1.00 85.08  ? 324 VAL A N   1 
ATOM 746  C CA  . VAL A 1 91  ? 11.250  -4.229  3.708   1.00 84.28  ? 324 VAL A CA  1 
ATOM 747  C C   . VAL A 1 91  ? 11.272  -2.767  4.142   1.00 88.34  ? 324 VAL A C   1 
ATOM 748  O O   . VAL A 1 91  ? 12.213  -2.020  3.844   1.00 86.76  ? 324 VAL A O   1 
ATOM 749  C CB  . VAL A 1 91  ? 10.631  -4.331  2.299   1.00 82.89  ? 324 VAL A CB  1 
ATOM 750  C CG1 . VAL A 1 91  ? 11.462  -3.540  1.300   1.00 82.57  ? 324 VAL A CG1 1 
ATOM 751  C CG2 . VAL A 1 91  ? 10.557  -5.773  1.887   1.00 81.90  ? 324 VAL A CG2 1 
ATOM 752  N N   . TYR A 1 92  ? 10.218  -2.365  4.843   1.00 89.50  ? 325 TYR A N   1 
ATOM 753  C CA  . TYR A 1 92  ? 10.127  -1.017  5.377   1.00 92.19  ? 325 TYR A CA  1 
ATOM 754  C C   . TYR A 1 92  ? 11.213  -0.953  6.443   1.00 96.87  ? 325 TYR A C   1 
ATOM 755  O O   . TYR A 1 92  ? 12.236  -0.286  6.267   1.00 97.18  ? 325 TYR A O   1 
ATOM 756  C CB  . TYR A 1 92  ? 8.770   -0.784  6.033   1.00 90.05  ? 325 TYR A CB  1 
ATOM 757  C CG  . TYR A 1 92  ? 8.601   0.628   6.526   1.00 85.90  ? 325 TYR A CG  1 
ATOM 758  C CD1 . TYR A 1 92  ? 8.634   1.695   5.635   1.00 83.34  ? 325 TYR A CD1 1 
ATOM 759  C CD2 . TYR A 1 92  ? 8.420   0.906   7.877   1.00 83.24  ? 325 TYR A CD2 1 
ATOM 760  C CE1 . TYR A 1 92  ? 8.492   2.994   6.070   1.00 79.68  ? 325 TYR A CE1 1 
ATOM 761  C CE2 . TYR A 1 92  ? 8.275   2.207   8.323   1.00 80.04  ? 325 TYR A CE2 1 
ATOM 762  C CZ  . TYR A 1 92  ? 8.313   3.241   7.412   1.00 79.06  ? 325 TYR A CZ  1 
ATOM 763  O OH  . TYR A 1 92  ? 8.184   4.536   7.835   1.00 80.20  ? 325 TYR A OH  1 
ATOM 764  N N   . ALA A 1 93  ? 10.976  -1.671  7.541   1.00 100.45 ? 326 ALA A N   1 
ATOM 765  C CA  . ALA A 1 93  ? 11.907  -1.757  8.666   1.00 103.60 ? 326 ALA A CA  1 
ATOM 766  C C   . ALA A 1 93  ? 13.350  -1.916  8.191   1.00 106.00 ? 326 ALA A C   1 
ATOM 767  O O   . ALA A 1 93  ? 14.291  -1.768  8.971   1.00 107.20 ? 326 ALA A O   1 
ATOM 768  C CB  . ALA A 1 93  ? 11.522  -2.930  9.565   1.00 103.58 ? 326 ALA A CB  1 
ATOM 769  N N   . ALA A 1 94  ? 13.509  -2.234  6.909   1.00 110.25 ? 327 ALA A N   1 
ATOM 770  C CA  . ALA A 1 94  ? 14.822  -2.399  6.313   1.00 112.89 ? 327 ALA A CA  1 
ATOM 771  C C   . ALA A 1 94  ? 15.449  -1.027  6.131   1.00 114.80 ? 327 ALA A C   1 
ATOM 772  O O   . ALA A 1 94  ? 16.597  -0.817  6.514   1.00 115.46 ? 327 ALA A O   1 
ATOM 773  C CB  . ALA A 1 94  ? 14.710  -3.102  4.975   1.00 114.81 ? 327 ALA A CB  1 
ATOM 774  N N   . GLN A 1 95  ? 14.692  -0.089  5.561   1.00 114.32 ? 328 GLN A N   1 
ATOM 775  C CA  . GLN A 1 95  ? 15.186  1.269   5.340   1.00 115.23 ? 328 GLN A CA  1 
ATOM 776  C C   . GLN A 1 95  ? 15.065  2.113   6.593   1.00 116.55 ? 328 GLN A C   1 
ATOM 777  O O   . GLN A 1 95  ? 15.623  3.206   6.674   1.00 116.84 ? 328 GLN A O   1 
ATOM 778  C CB  . GLN A 1 95  ? 14.424  1.930   4.202   1.00 114.00 ? 328 GLN A CB  1 
ATOM 779  C CG  . GLN A 1 95  ? 14.697  1.279   2.876   1.00 110.43 ? 328 GLN A CG  1 
ATOM 780  C CD  . GLN A 1 95  ? 13.486  1.266   1.981   1.00 109.02 ? 328 GLN A CD  1 
ATOM 781  O OE1 . GLN A 1 95  ? 12.952  2.317   1.626   1.00 108.07 ? 328 GLN A OE1 1 
ATOM 782  N NE2 . GLN A 1 95  ? 13.038  0.067   1.610   1.00 107.74 ? 328 GLN A NE2 1 
ATOM 783  N N   . GLN A 1 96  ? 14.321  1.610   7.570   1.00 118.45 ? 329 GLN A N   1 
ATOM 784  C CA  . GLN A 1 96  ? 14.176  2.330   8.822   1.00 119.38 ? 329 GLN A CA  1 
ATOM 785  C C   . GLN A 1 96  ? 15.486  2.216   9.576   1.00 119.27 ? 329 GLN A C   1 
ATOM 786  O O   . GLN A 1 96  ? 16.087  3.220   9.955   1.00 119.75 ? 329 GLN A O   1 
ATOM 787  C CB  . GLN A 1 96  ? 13.053  1.739   9.674   1.00 120.70 ? 329 GLN A CB  1 
ATOM 788  C CG  . GLN A 1 96  ? 11.674  2.171   9.252   1.00 124.75 ? 329 GLN A CG  1 
ATOM 789  C CD  . GLN A 1 96  ? 11.561  3.676   9.137   1.00 126.23 ? 329 GLN A CD  1 
ATOM 790  O OE1 . GLN A 1 96  ? 12.162  4.294   8.254   1.00 127.10 ? 329 GLN A OE1 1 
ATOM 791  N NE2 . GLN A 1 96  ? 10.794  4.277   10.035  1.00 127.12 ? 329 GLN A NE2 1 
ATOM 792  N N   . LYS A 1 97  ? 15.936  0.983   9.775   1.00 118.01 ? 330 LYS A N   1 
ATOM 793  C CA  . LYS A 1 97  ? 17.179  0.752   10.484  1.00 116.80 ? 330 LYS A CA  1 
ATOM 794  C C   . LYS A 1 97  ? 18.376  1.352   9.744   1.00 116.84 ? 330 LYS A C   1 
ATOM 795  O O   . LYS A 1 97  ? 19.429  1.563   10.351  1.00 117.15 ? 330 LYS A O   1 
ATOM 796  C CB  . LYS A 1 97  ? 17.354  -0.744  10.739  1.00 117.78 ? 330 LYS A CB  1 
ATOM 797  C CG  . LYS A 1 97  ? 16.267  -1.308  11.638  1.00 115.94 ? 330 LYS A CG  1 
ATOM 798  C CD  . LYS A 1 97  ? 16.316  -2.818  11.705  1.00 115.49 ? 330 LYS A CD  1 
ATOM 799  C CE  . LYS A 1 97  ? 15.245  -3.343  12.646  1.00 114.95 ? 330 LYS A CE  1 
ATOM 800  N NZ  . LYS A 1 97  ? 15.212  -4.828  12.728  1.00 114.31 ? 330 LYS A NZ  1 
ATOM 801  N N   . ILE A 1 98  ? 18.217  1.642   8.448   1.00 115.52 ? 331 ILE A N   1 
ATOM 802  C CA  . ILE A 1 98  ? 19.297  2.268   7.687   1.00 113.27 ? 331 ILE A CA  1 
ATOM 803  C C   . ILE A 1 98  ? 19.190  3.788   7.830   1.00 115.19 ? 331 ILE A C   1 
ATOM 804  O O   . ILE A 1 98  ? 20.202  4.492   7.892   1.00 115.25 ? 331 ILE A O   1 
ATOM 805  C CB  . ILE A 1 98  ? 19.280  1.901   6.173   1.00 112.36 ? 331 ILE A CB  1 
ATOM 806  C CG1 . ILE A 1 98  ? 18.292  2.778   5.402   1.00 111.95 ? 331 ILE A CG1 1 
ATOM 807  C CG2 . ILE A 1 98  ? 18.975  0.438   6.014   1.00 113.00 ? 331 ILE A CG2 1 
ATOM 808  C CD1 . ILE A 1 98  ? 18.524  2.775   3.909   1.00 108.63 ? 331 ILE A CD1 1 
ATOM 809  N N   . PHE A 1 99  ? 17.962  4.298   7.890   1.00 114.15 ? 332 PHE A N   1 
ATOM 810  C CA  . PHE A 1 99  ? 17.771  5.730   8.071   1.00 112.27 ? 332 PHE A CA  1 
ATOM 811  C C   . PHE A 1 99  ? 18.205  6.083   9.489   1.00 114.73 ? 332 PHE A C   1 
ATOM 812  O O   . PHE A 1 99  ? 18.610  7.208   9.753   1.00 114.90 ? 332 PHE A O   1 
ATOM 813  C CB  . PHE A 1 99  ? 16.311  6.137   7.831   1.00 109.41 ? 332 PHE A CB  1 
ATOM 814  C CG  . PHE A 1 99  ? 16.031  6.577   6.416   1.00 103.34 ? 332 PHE A CG  1 
ATOM 815  C CD1 . PHE A 1 99  ? 14.922  7.366   6.118   1.00 99.68  ? 332 PHE A CD1 1 
ATOM 816  C CD2 . PHE A 1 99  ? 16.887  6.213   5.378   1.00 100.10 ? 332 PHE A CD2 1 
ATOM 817  C CE1 . PHE A 1 99  ? 14.670  7.789   4.803   1.00 96.69  ? 332 PHE A CE1 1 
ATOM 818  C CE2 . PHE A 1 99  ? 16.642  6.628   4.063   1.00 96.93  ? 332 PHE A CE2 1 
ATOM 819  C CZ  . PHE A 1 99  ? 15.531  7.419   3.778   1.00 95.61  ? 332 PHE A CZ  1 
ATOM 820  N N   . LYS A 1 100 ? 18.133  5.108   10.395  1.00 116.79 ? 333 LYS A N   1 
ATOM 821  C CA  . LYS A 1 100 ? 18.553  5.306   11.790  1.00 118.26 ? 333 LYS A CA  1 
ATOM 822  C C   . LYS A 1 100 ? 20.067  5.497   11.898  1.00 123.30 ? 333 LYS A C   1 
ATOM 823  O O   . LYS A 1 100 ? 20.559  6.302   12.696  1.00 123.17 ? 333 LYS A O   1 
ATOM 824  C CB  . LYS A 1 100 ? 18.154  4.104   12.661  1.00 113.01 ? 333 LYS A CB  1 
ATOM 825  C CG  . LYS A 1 100 ? 16.688  4.019   12.974  1.00 103.47 ? 333 LYS A CG  1 
ATOM 826  C CD  . LYS A 1 100 ? 16.217  5.304   13.593  1.00 96.38  ? 333 LYS A CD  1 
ATOM 827  C CE  . LYS A 1 100 ? 14.880  5.686   13.017  1.00 91.86  ? 333 LYS A CE  1 
ATOM 828  N NZ  . LYS A 1 100 ? 14.519  7.063   13.406  1.00 90.56  ? 333 LYS A NZ  1 
ATOM 829  N N   . GLU A 1 101 ? 20.800  4.732   11.098  1.00 128.75 ? 334 GLU A N   1 
ATOM 830  C CA  . GLU A 1 101 ? 22.252  4.788   11.079  1.00 134.64 ? 334 GLU A CA  1 
ATOM 831  C C   . GLU A 1 101 ? 22.745  6.206   10.808  1.00 134.50 ? 334 GLU A C   1 
ATOM 832  O O   . GLU A 1 101 ? 23.789  6.622   11.317  1.00 135.25 ? 334 GLU A O   1 
ATOM 833  C CB  . GLU A 1 101 ? 22.781  3.831   10.009  1.00 141.39 ? 334 GLU A CB  1 
ATOM 834  C CG  . GLU A 1 101 ? 22.396  2.378   10.246  1.00 151.11 ? 334 GLU A CG  1 
ATOM 835  C CD  . GLU A 1 101 ? 22.870  1.467   9.130   1.00 156.59 ? 334 GLU A CD  1 
ATOM 836  O OE1 . GLU A 1 101 ? 22.419  1.654   7.979   1.00 159.93 ? 334 GLU A OE1 1 
ATOM 837  O OE2 . GLU A 1 101 ? 23.694  0.568   9.403   1.00 160.09 ? 334 GLU A OE2 1 
ATOM 838  N N   . GLN A 1 102 ? 21.976  6.948   10.017  1.00 133.10 ? 335 GLN A N   1 
ATOM 839  C CA  . GLN A 1 102 ? 22.326  8.319   9.664   1.00 131.22 ? 335 GLN A CA  1 
ATOM 840  C C   . GLN A 1 102 ? 21.869  9.355   10.690  1.00 131.26 ? 335 GLN A C   1 
ATOM 841  O O   . GLN A 1 102 ? 21.893  10.557  10.419  1.00 131.38 ? 335 GLN A O   1 
ATOM 842  C CB  . GLN A 1 102 ? 21.733  8.655   8.303   1.00 128.92 ? 335 GLN A CB  1 
ATOM 843  C CG  . GLN A 1 102 ? 22.197  7.723   7.216   1.00 123.22 ? 335 GLN A CG  1 
ATOM 844  C CD  . GLN A 1 102 ? 21.265  7.720   6.033   1.00 120.75 ? 335 GLN A CD  1 
ATOM 845  O OE1 . GLN A 1 102 ? 20.160  7.178   6.098   1.00 118.70 ? 335 GLN A OE1 1 
ATOM 846  N NE2 . GLN A 1 102 ? 21.697  8.336   4.941   1.00 119.30 ? 335 GLN A NE2 1 
ATOM 847  N N   . ASP A 1 103 ? 21.453  8.884   11.864  1.00 131.29 ? 336 ASP A N   1 
ATOM 848  C CA  . ASP A 1 103 ? 20.992  9.762   12.938  1.00 129.06 ? 336 ASP A CA  1 
ATOM 849  C C   . ASP A 1 103 ? 19.863  10.690  12.489  1.00 125.40 ? 336 ASP A C   1 
ATOM 850  O O   . ASP A 1 103 ? 19.798  11.852  12.897  1.00 125.87 ? 336 ASP A O   1 
ATOM 851  C CB  . ASP A 1 103 ? 22.170  10.581  13.472  1.00 134.54 ? 336 ASP A CB  1 
ATOM 852  C CG  . ASP A 1 103 ? 23.226  9.713   14.135  1.00 139.19 ? 336 ASP A CG  1 
ATOM 853  O OD1 . ASP A 1 103 ? 22.931  9.129   15.203  1.00 141.12 ? 336 ASP A OD1 1 
ATOM 854  O OD2 . ASP A 1 103 ? 24.352  9.605   13.593  1.00 140.38 ? 336 ASP A OD2 1 
ATOM 855  N N   . VAL A 1 104 ? 18.973  10.160  11.651  1.00 118.90 ? 337 VAL A N   1 
ATOM 856  C CA  . VAL A 1 104 ? 17.837  10.911  11.125  1.00 110.13 ? 337 VAL A CA  1 
ATOM 857  C C   . VAL A 1 104 ? 16.561  10.062  11.235  1.00 107.61 ? 337 VAL A C   1 
ATOM 858  O O   . VAL A 1 104 ? 16.614  8.838   11.110  1.00 105.64 ? 337 VAL A O   1 
ATOM 859  C CB  . VAL A 1 104 ? 18.058  11.268  9.627   1.00 109.69 ? 337 VAL A CB  1 
ATOM 860  C CG1 . VAL A 1 104 ? 17.000  12.238  9.158   1.00 106.79 ? 337 VAL A CG1 1 
ATOM 861  C CG2 . VAL A 1 104 ? 19.432  11.856  9.422   1.00 105.58 ? 337 VAL A CG2 1 
ATOM 862  N N   . TYR A 1 105 ? 15.425  10.705  11.500  1.00 102.07 ? 338 TYR A N   1 
ATOM 863  C CA  . TYR A 1 105 ? 14.148  9.998   11.569  1.00 97.39  ? 338 TYR A CA  1 
ATOM 864  C C   . TYR A 1 105 ? 13.166  10.752  10.696  1.00 94.07  ? 338 TYR A C   1 
ATOM 865  O O   . TYR A 1 105 ? 13.320  11.947  10.462  1.00 94.06  ? 338 TYR A O   1 
ATOM 866  C CB  . TYR A 1 105 ? 13.624  9.873   13.005  1.00 97.91  ? 338 TYR A CB  1 
ATOM 867  C CG  . TYR A 1 105 ? 13.237  11.154  13.696  1.00 97.75  ? 338 TYR A CG  1 
ATOM 868  C CD1 . TYR A 1 105 ? 14.190  11.958  14.316  1.00 97.72  ? 338 TYR A CD1 1 
ATOM 869  C CD2 . TYR A 1 105 ? 11.906  11.531  13.786  1.00 98.62  ? 338 TYR A CD2 1 
ATOM 870  C CE1 . TYR A 1 105 ? 13.820  13.099  15.013  1.00 98.64  ? 338 TYR A CE1 1 
ATOM 871  C CE2 . TYR A 1 105 ? 11.528  12.670  14.480  1.00 99.17  ? 338 TYR A CE2 1 
ATOM 872  C CZ  . TYR A 1 105 ? 12.485  13.445  15.092  1.00 99.04  ? 338 TYR A CZ  1 
ATOM 873  O OH  . TYR A 1 105 ? 12.081  14.553  15.793  1.00 101.24 ? 338 TYR A OH  1 
ATOM 874  N N   . ALA A 1 106 ? 12.147  10.063  10.216  1.00 90.04  ? 339 ALA A N   1 
ATOM 875  C CA  . ALA A 1 106 ? 11.222  10.707  9.309   1.00 84.77  ? 339 ALA A CA  1 
ATOM 876  C C   . ALA A 1 106 ? 9.894   11.215  9.818   1.00 81.08  ? 339 ALA A C   1 
ATOM 877  O O   . ALA A 1 106 ? 9.036   10.449  10.262  1.00 83.28  ? 339 ALA A O   1 
ATOM 878  C CB  . ALA A 1 106 ? 10.981  9.798   8.101   1.00 86.78  ? 339 ALA A CB  1 
ATOM 879  N N   . ASP A 1 107 ? 9.747   12.529  9.760   1.00 75.47  ? 340 ASP A N   1 
ATOM 880  C CA  . ASP A 1 107 ? 8.493   13.167  10.097  1.00 71.04  ? 340 ASP A CA  1 
ATOM 881  C C   . ASP A 1 107 ? 8.125   13.766  8.768   1.00 70.00  ? 340 ASP A C   1 
ATOM 882  O O   . ASP A 1 107 ? 8.987   14.180  8.005   1.00 71.28  ? 340 ASP A O   1 
ATOM 883  C CB  . ASP A 1 107 ? 8.638   14.282  11.129  1.00 67.63  ? 340 ASP A CB  1 
ATOM 884  C CG  . ASP A 1 107 ? 8.753   13.750  12.511  1.00 67.25  ? 340 ASP A CG  1 
ATOM 885  O OD1 . ASP A 1 107 ? 8.311   14.424  13.463  1.00 65.07  ? 340 ASP A OD1 1 
ATOM 886  O OD2 . ASP A 1 107 ? 9.296   12.637  12.634  1.00 66.61  ? 340 ASP A OD2 1 
ATOM 887  N N   . GLY A 1 108 ? 6.847   13.775  8.473   1.00 64.20  ? 341 GLY A N   1 
ATOM 888  C CA  . GLY A 1 108 ? 6.389   14.349  7.237   1.00 59.68  ? 341 GLY A CA  1 
ATOM 889  C C   . GLY A 1 108 ? 4.987   14.506  7.699   1.00 55.49  ? 341 GLY A C   1 
ATOM 890  O O   . GLY A 1 108 ? 4.720   14.247  8.866   1.00 56.09  ? 341 GLY A O   1 
ATOM 891  N N   . ARG A 1 109 ? 4.097   14.930  6.829   1.00 52.47  ? 342 ARG A N   1 
ATOM 892  C CA  . ARG A 1 109 ? 2.712   15.073  7.223   1.00 50.81  ? 342 ARG A CA  1 
ATOM 893  C C   . ARG A 1 109 ? 2.003   15.065  5.909   1.00 51.16  ? 342 ARG A C   1 
ATOM 894  O O   . ARG A 1 109 ? 2.410   15.763  4.984   1.00 51.24  ? 342 ARG A O   1 
ATOM 895  C CB  . ARG A 1 109 ? 2.446   16.405  7.946   1.00 51.24  ? 342 ARG A CB  1 
ATOM 896  C CG  . ARG A 1 109 ? 3.215   16.631  9.253   1.00 48.70  ? 342 ARG A CG  1 
ATOM 897  C CD  . ARG A 1 109 ? 3.013   15.539  10.275  1.00 47.75  ? 342 ARG A CD  1 
ATOM 898  N NE  . ARG A 1 109 ? 4.052   15.624  11.287  1.00 49.93  ? 342 ARG A NE  1 
ATOM 899  C CZ  . ARG A 1 109 ? 3.816   15.881  12.567  1.00 55.21  ? 342 ARG A CZ  1 
ATOM 900  N NH1 . ARG A 1 109 ? 4.820   15.961  13.436  1.00 56.83  ? 342 ARG A NH1 1 
ATOM 901  N NH2 . ARG A 1 109 ? 2.566   16.039  12.990  1.00 59.10  ? 342 ARG A NH2 1 
ATOM 902  N N   . ILE A 1 110 ? 0.943   14.286  5.798   1.00 50.99  ? 343 ILE A N   1 
ATOM 903  C CA  . ILE A 1 110 ? 0.268   14.260  4.529   1.00 49.38  ? 343 ILE A CA  1 
ATOM 904  C C   . ILE A 1 110 ? -0.971  15.170  4.505   1.00 54.75  ? 343 ILE A C   1 
ATOM 905  O O   . ILE A 1 110 ? -1.556  15.463  5.551   1.00 54.15  ? 343 ILE A O   1 
ATOM 906  C CB  . ILE A 1 110 ? -0.025  12.795  4.153   1.00 45.26  ? 343 ILE A CB  1 
ATOM 907  C CG1 . ILE A 1 110 ? -1.503  12.467  4.303   1.00 43.93  ? 343 ILE A CG1 1 
ATOM 908  C CG2 . ILE A 1 110 ? 0.828   11.881  5.026   1.00 43.68  ? 343 ILE A CG2 1 
ATOM 909  C CD1 . ILE A 1 110 ? -1.813  11.043  3.887   1.00 42.75  ? 343 ILE A CD1 1 
ATOM 910  N N   . LEU A 1 111 ? -1.318  15.665  3.312   1.00 57.81  ? 344 LEU A N   1 
ATOM 911  C CA  . LEU A 1 111 ? -2.473  16.549  3.122   1.00 62.01  ? 344 LEU A CA  1 
ATOM 912  C C   . LEU A 1 111 ? -3.314  16.195  1.865   1.00 66.50  ? 344 LEU A C   1 
ATOM 913  O O   . LEU A 1 111 ? -2.783  15.885  0.793   1.00 68.58  ? 344 LEU A O   1 
ATOM 914  C CB  . LEU A 1 111 ? -1.992  17.999  3.048   1.00 61.83  ? 344 LEU A CB  1 
ATOM 915  C CG  . LEU A 1 111 ? -0.484  18.275  3.184   1.00 61.37  ? 344 LEU A CG  1 
ATOM 916  C CD1 . LEU A 1 111 ? -0.214  19.753  2.940   1.00 60.80  ? 344 LEU A CD1 1 
ATOM 917  C CD2 . LEU A 1 111 ? 0.017   17.891  4.567   1.00 60.43  ? 344 LEU A CD2 1 
ATOM 918  N N   . ASP A 1 112 ? -4.634  16.212  2.030   1.00 73.41  ? 345 ASP A N   1 
ATOM 919  C CA  . ASP A 1 112 ? -5.594  15.925  0.956   1.00 77.30  ? 345 ASP A CA  1 
ATOM 920  C C   . ASP A 1 112 ? -5.851  14.472  0.532   1.00 76.99  ? 345 ASP A C   1 
ATOM 921  O O   . ASP A 1 112 ? -7.010  14.051  0.473   1.00 78.05  ? 345 ASP A O   1 
ATOM 922  C CB  . ASP A 1 112 ? -5.256  16.736  -0.296  1.00 83.18  ? 345 ASP A CB  1 
ATOM 923  C CG  . ASP A 1 112 ? -6.416  16.781  -1.295  1.00 92.16  ? 345 ASP A CG  1 
ATOM 924  O OD1 . ASP A 1 112 ? -7.539  17.148  -0.880  1.00 96.92  ? 345 ASP A OD1 1 
ATOM 925  O OD2 . ASP A 1 112 ? -6.208  16.460  -2.491  1.00 98.12  ? 345 ASP A OD2 1 
ATOM 926  N N   . ILE A 1 113 ? -4.798  13.714  0.229   1.00 75.31  ? 346 ILE A N   1 
ATOM 927  C CA  . ILE A 1 113 ? -4.939  12.315  -0.223  1.00 74.81  ? 346 ILE A CA  1 
ATOM 928  C C   . ILE A 1 113 ? -6.198  12.030  -1.058  1.00 75.99  ? 346 ILE A C   1 
ATOM 929  O O   . ILE A 1 113 ? -7.168  11.441  -0.579  1.00 72.84  ? 346 ILE A O   1 
ATOM 930  C CB  . ILE A 1 113 ? -4.886  11.293  0.959   1.00 71.93  ? 346 ILE A CB  1 
ATOM 931  C CG1 . ILE A 1 113 ? -6.122  11.402  1.850   1.00 68.59  ? 346 ILE A CG1 1 
ATOM 932  C CG2 . ILE A 1 113 ? -3.663  11.541  1.780   1.00 68.08  ? 346 ILE A CG2 1 
ATOM 933  C CD1 . ILE A 1 113 ? -7.027  10.184  1.788   1.00 65.92  ? 346 ILE A CD1 1 
ATOM 934  N N   . ARG A 1 114 ? -6.175  12.454  -2.316  1.00 77.75  ? 347 ARG A N   1 
ATOM 935  C CA  . ARG A 1 114 ? -7.306  12.233  -3.199  1.00 80.38  ? 347 ARG A CA  1 
ATOM 936  C C   . ARG A 1 114 ? -7.064  11.015  -4.080  1.00 77.83  ? 347 ARG A C   1 
ATOM 937  O O   . ARG A 1 114 ? -5.929  10.571  -4.257  1.00 78.01  ? 347 ARG A O   1 
ATOM 938  C CB  . ARG A 1 114 ? -7.565  13.468  -4.061  1.00 85.02  ? 347 ARG A CB  1 
ATOM 939  C CG  . ARG A 1 114 ? -8.710  13.281  -5.057  1.00 96.56  ? 347 ARG A CG  1 
ATOM 940  C CD  . ARG A 1 114 ? -10.054 13.055  -4.375  1.00 106.85 ? 347 ARG A CD  1 
ATOM 941  N NE  . ARG A 1 114 ? -10.795 14.305  -4.200  1.00 116.63 ? 347 ARG A NE  1 
ATOM 942  C CZ  . ARG A 1 114 ? -11.260 15.049  -5.204  1.00 120.37 ? 347 ARG A CZ  1 
ATOM 943  N NH1 . ARG A 1 114 ? -11.061 14.671  -6.462  1.00 122.21 ? 347 ARG A NH1 1 
ATOM 944  N NH2 . ARG A 1 114 ? -11.927 16.171  -4.953  1.00 122.33 ? 347 ARG A NH2 1 
ATOM 945  N N   . GLY A 1 115 ? -8.148  10.484  -4.629  1.00 78.94  ? 348 GLY A N   1 
ATOM 946  C CA  . GLY A 1 115 ? -8.064  9.306   -5.464  1.00 78.07  ? 348 GLY A CA  1 
ATOM 947  C C   . GLY A 1 115 ? -8.757  8.195   -4.704  1.00 78.80  ? 348 GLY A C   1 
ATOM 948  O O   . GLY A 1 115 ? -9.979  8.206   -4.555  1.00 80.39  ? 348 GLY A O   1 
ATOM 949  N N   . VAL A 1 116 ? -7.982  7.249   -4.187  1.00 79.94  ? 349 VAL A N   1 
ATOM 950  C CA  . VAL A 1 116 ? -8.540  6.126   -3.436  1.00 81.12  ? 349 VAL A CA  1 
ATOM 951  C C   . VAL A 1 116 ? -9.749  5.540   -4.149  1.00 81.56  ? 349 VAL A C   1 
ATOM 952  O O   . VAL A 1 116 ? -10.885 5.950   -3.914  1.00 78.50  ? 349 VAL A O   1 
ATOM 953  C CB  . VAL A 1 116 ? -8.982  6.540   -2.017  1.00 79.06  ? 349 VAL A CB  1 
ATOM 954  C CG1 . VAL A 1 116 ? -9.243  5.293   -1.177  1.00 79.31  ? 349 VAL A CG1 1 
ATOM 955  C CG2 . VAL A 1 116 ? -7.926  7.411   -1.372  1.00 78.52  ? 349 VAL A CG2 1 
ATOM 956  N N   . GLU A 1 117 ? -9.481  4.588   -5.033  1.00 81.99  ? 350 GLU A N   1 
ATOM 957  C CA  . GLU A 1 117 ? -10.520 3.916   -5.793  1.00 85.71  ? 350 GLU A CA  1 
ATOM 958  C C   . GLU A 1 117 ? -10.001 2.521   -6.030  1.00 82.55  ? 350 GLU A C   1 
ATOM 959  O O   . GLU A 1 117 ? -8.817  2.336   -6.292  1.00 82.95  ? 350 GLU A O   1 
ATOM 960  C CB  . GLU A 1 117 ? -10.721 4.577   -7.154  1.00 92.35  ? 350 GLU A CB  1 
ATOM 961  C CG  . GLU A 1 117 ? -10.966 6.070   -7.133  1.00 105.24 ? 350 GLU A CG  1 
ATOM 962  C CD  . GLU A 1 117 ? -10.525 6.722   -8.431  1.00 114.03 ? 350 GLU A CD  1 
ATOM 963  O OE1 . GLU A 1 117 ? -10.842 6.158   -9.503  1.00 120.72 ? 350 GLU A OE1 1 
ATOM 964  O OE2 . GLU A 1 117 ? -9.864  7.786   -8.381  1.00 120.74 ? 350 GLU A OE2 1 
ATOM 965  N N   . ILE A 1 118 ? -10.867 1.529   -5.917  1.00 82.73  ? 351 ILE A N   1 
ATOM 966  C CA  . ILE A 1 118 ? -10.420 0.180   -6.189  1.00 81.05  ? 351 ILE A CA  1 
ATOM 967  C C   . ILE A 1 118 ? -10.626 -0.010  -7.685  1.00 80.92  ? 351 ILE A C   1 
ATOM 968  O O   . ILE A 1 118 ? -11.749 0.122   -8.181  1.00 80.65  ? 351 ILE A O   1 
ATOM 969  C CB  . ILE A 1 118 ? -11.227 -0.870  -5.404  1.00 79.26  ? 351 ILE A CB  1 
ATOM 970  C CG1 . ILE A 1 118 ? -12.643 -0.373  -5.146  1.00 80.03  ? 351 ILE A CG1 1 
ATOM 971  C CG2 . ILE A 1 118 ? -10.524 -1.189  -4.108  1.00 81.31  ? 351 ILE A CG2 1 
ATOM 972  C CD1 . ILE A 1 118 ? -13.474 -1.386  -4.402  1.00 79.63  ? 351 ILE A CD1 1 
ATOM 973  N N   . VAL A 1 119 ? -9.549  -0.303  -8.410  1.00 81.00  ? 352 VAL A N   1 
ATOM 974  C CA  . VAL A 1 119 ? -9.663  -0.470  -9.850  1.00 81.86  ? 352 VAL A CA  1 
ATOM 975  C C   . VAL A 1 119 ? -9.487  -1.900  -10.318 1.00 79.61  ? 352 VAL A C   1 
ATOM 976  O O   . VAL A 1 119 ? -9.765  -2.212  -11.468 1.00 78.91  ? 352 VAL A O   1 
ATOM 977  C CB  . VAL A 1 119 ? -8.639  0.418   -10.602 1.00 83.15  ? 352 VAL A CB  1 
ATOM 978  C CG1 . VAL A 1 119 ? -8.960  0.425   -12.106 1.00 87.39  ? 352 VAL A CG1 1 
ATOM 979  C CG2 . VAL A 1 119 ? -8.657  1.843   -10.037 1.00 86.09  ? 352 VAL A CG2 1 
ATOM 980  N N   . SER A 1 120 ? -9.045  -2.777  -9.431  1.00 76.35  ? 353 SER A N   1 
ATOM 981  C CA  . SER A 1 120 ? -8.818  -4.156  -9.828  1.00 75.18  ? 353 SER A CA  1 
ATOM 982  C C   . SER A 1 120 ? -9.155  -5.159  -8.754  1.00 73.46  ? 353 SER A C   1 
ATOM 983  O O   . SER A 1 120 ? -8.798  -4.990  -7.594  1.00 73.93  ? 353 SER A O   1 
ATOM 984  C CB  . SER A 1 120 ? -7.358  -4.331  -10.191 1.00 73.14  ? 353 SER A CB  1 
ATOM 985  O OG  . SER A 1 120 ? -6.567  -3.907  -9.093  1.00 73.35  ? 353 SER A OG  1 
ATOM 986  N N   . ALA A 1 121 ? -9.817  -6.230  -9.148  1.00 74.11  ? 354 ALA A N   1 
ATOM 987  C CA  . ALA A 1 121 ? -10.179 -7.263  -8.203  1.00 74.46  ? 354 ALA A CA  1 
ATOM 988  C C   . ALA A 1 121 ? -9.867  -8.610  -8.835  1.00 76.62  ? 354 ALA A C   1 
ATOM 989  O O   . ALA A 1 121 ? -10.711 -9.206  -9.511  1.00 76.36  ? 354 ALA A O   1 
ATOM 990  C CB  . ALA A 1 121 ? -11.635 -7.157  -7.877  1.00 69.88  ? 354 ALA A CB  1 
ATOM 991  N N   . LYS A 1 122 ? -8.639  -9.071  -8.616  1.00 79.15  ? 355 LYS A N   1 
ATOM 992  C CA  . LYS A 1 122 ? -8.154  -10.336 -9.161  1.00 82.60  ? 355 LYS A CA  1 
ATOM 993  C C   . LYS A 1 122 ? -7.536  -11.121 -8.007  1.00 85.50  ? 355 LYS A C   1 
ATOM 994  O O   . LYS A 1 122 ? -7.293  -10.548 -6.941  1.00 86.91  ? 355 LYS A O   1 
ATOM 995  C CB  . LYS A 1 122 ? -7.087  -10.055 -10.234 1.00 84.80  ? 355 LYS A CB  1 
ATOM 996  C CG  . LYS A 1 122 ? -7.526  -9.052  -11.317 1.00 87.43  ? 355 LYS A CG  1 
ATOM 997  C CD  . LYS A 1 122 ? -6.363  -8.181  -11.841 1.00 88.04  ? 355 LYS A CD  1 
ATOM 998  C CE  . LYS A 1 122 ? -6.872  -6.942  -12.621 1.00 87.60  ? 355 LYS A CE  1 
ATOM 999  N NZ  . LYS A 1 122 ? -5.822  -5.917  -12.935 1.00 84.52  ? 355 LYS A NZ  1 
ATOM 1000 N N   . LEU A 1 123 ? -7.282  -12.416 -8.216  1.00 87.55  ? 356 LEU A N   1 
ATOM 1001 C CA  . LEU A 1 123 ? -6.672  -13.261 -7.176  1.00 88.37  ? 356 LEU A CA  1 
ATOM 1002 C C   . LEU A 1 123 ? -5.346  -13.874 -7.618  1.00 93.49  ? 356 LEU A C   1 
ATOM 1003 O O   . LEU A 1 123 ? -5.206  -14.284 -8.766  1.00 92.92  ? 356 LEU A O   1 
ATOM 1004 C CB  . LEU A 1 123 ? -7.608  -14.396 -6.775  1.00 82.20  ? 356 LEU A CB  1 
ATOM 1005 C CG  . LEU A 1 123 ? -8.030  -15.308 -7.925  1.00 77.25  ? 356 LEU A CG  1 
ATOM 1006 C CD1 . LEU A 1 123 ? -8.104  -16.736 -7.435  1.00 72.71  ? 356 LEU A CD1 1 
ATOM 1007 C CD2 . LEU A 1 123 ? -9.363  -14.840 -8.481  1.00 70.45  ? 356 LEU A CD2 1 
ATOM 1008 N N   . LEU A 1 124 ? -4.382  -13.939 -6.697  1.00 97.57  ? 357 LEU A N   1 
ATOM 1009 C CA  . LEU A 1 124 ? -3.058  -14.508 -6.972  1.00 101.97 ? 357 LEU A CA  1 
ATOM 1010 C C   . LEU A 1 124 ? -3.161  -16.013 -7.216  1.00 105.99 ? 357 LEU A C   1 
ATOM 1011 O O   . LEU A 1 124 ? -3.971  -16.692 -6.582  1.00 107.67 ? 357 LEU A O   1 
ATOM 1012 C CB  . LEU A 1 124 ? -2.110  -14.264 -5.794  1.00 101.48 ? 357 LEU A CB  1 
ATOM 1013 C CG  . LEU A 1 124 ? -1.660  -12.843 -5.462  1.00 97.67  ? 357 LEU A CG  1 
ATOM 1014 C CD1 . LEU A 1 124 ? -0.716  -12.893 -4.271  1.00 94.74  ? 357 LEU A CD1 1 
ATOM 1015 C CD2 . LEU A 1 124 ? -0.970  -12.223 -6.666  1.00 94.34  ? 357 LEU A CD2 1 
ATOM 1016 N N   . ALA A 1 125 ? -2.331  -16.530 -8.120  1.00 110.03 ? 358 ALA A N   1 
ATOM 1017 C CA  . ALA A 1 125 ? -2.345  -17.955 -8.451  1.00 113.09 ? 358 ALA A CA  1 
ATOM 1018 C C   . ALA A 1 125 ? -2.027  -18.843 -7.251  1.00 114.47 ? 358 ALA A C   1 
ATOM 1019 O O   . ALA A 1 125 ? -2.790  -19.757 -6.912  1.00 114.76 ? 358 ALA A O   1 
ATOM 1020 C CB  . ALA A 1 125 ? -1.357  -18.241 -9.575  1.00 115.93 ? 358 ALA A CB  1 
ATOM 1021 N N   . PRO A 1 126 ? -0.882  -18.593 -6.600  1.00 117.15 ? 359 PRO A N   1 
ATOM 1022 C CA  . PRO A 1 126 ? -0.535  -19.416 -5.447  1.00 116.85 ? 359 PRO A CA  1 
ATOM 1023 C C   . PRO A 1 126 ? -1.567  -19.303 -4.331  1.00 117.26 ? 359 PRO A C   1 
ATOM 1024 O O   . PRO A 1 126 ? -1.472  -18.421 -3.478  1.00 116.62 ? 359 PRO A O   1 
ATOM 1025 C CB  . PRO A 1 126 ? 0.841   -18.884 -5.048  1.00 117.02 ? 359 PRO A CB  1 
ATOM 1026 C CG  . PRO A 1 126 ? 0.789   -17.450 -5.479  1.00 117.71 ? 359 PRO A CG  1 
ATOM 1027 C CD  . PRO A 1 126 ? 0.130   -17.546 -6.827  1.00 117.05 ? 359 PRO A CD  1 
ATOM 1028 N N   . GLN A 1 127 ? -2.560  -20.191 -4.372  1.00 118.07 ? 360 GLN A N   1 
ATOM 1029 C CA  . GLN A 1 127 ? -3.623  -20.280 -3.371  1.00 119.20 ? 360 GLN A CA  1 
ATOM 1030 C C   . GLN A 1 127 ? -4.922  -19.507 -3.619  1.00 119.36 ? 360 GLN A C   1 
ATOM 1031 O O   . GLN A 1 127 ? -5.789  -19.454 -2.742  1.00 119.58 ? 360 GLN A O   1 
ATOM 1032 C CB  . GLN A 1 127 ? -3.093  -19.894 -1.992  1.00 118.63 ? 360 GLN A CB  1 
ATOM 1033 C CG  . GLN A 1 127 ? -1.940  -20.731 -1.473  1.00 118.94 ? 360 GLN A CG  1 
ATOM 1034 C CD  . GLN A 1 127 ? -1.602  -20.330 -0.056  1.00 119.45 ? 360 GLN A CD  1 
ATOM 1035 O OE1 . GLN A 1 127 ? -1.379  -19.156 0.219   1.00 119.95 ? 360 GLN A OE1 1 
ATOM 1036 N NE2 . GLN A 1 127 ? -1.573  -21.297 0.854   1.00 120.30 ? 360 GLN A NE2 1 
ATOM 1037 N N   . ASP A 1 128 ? -5.062  -18.918 -4.802  1.00 120.14 ? 361 ASP A N   1 
ATOM 1038 C CA  . ASP A 1 128 ? -6.267  -18.170 -5.140  1.00 119.79 ? 361 ASP A CA  1 
ATOM 1039 C C   . ASP A 1 128 ? -6.609  -17.197 -4.018  1.00 117.27 ? 361 ASP A C   1 
ATOM 1040 O O   . ASP A 1 128 ? -7.742  -17.189 -3.519  1.00 119.03 ? 361 ASP A O   1 
ATOM 1041 C CB  . ASP A 1 128 ? -7.465  -19.114 -5.315  1.00 126.63 ? 361 ASP A CB  1 
ATOM 1042 C CG  . ASP A 1 128 ? -7.082  -20.463 -5.853  1.00 132.79 ? 361 ASP A CG  1 
ATOM 1043 O OD1 . ASP A 1 128 ? -6.490  -20.520 -6.956  1.00 136.56 ? 361 ASP A OD1 1 
ATOM 1044 O OD2 . ASP A 1 128 ? -7.390  -21.477 -5.167  1.00 137.23 ? 361 ASP A OD2 1 
ATOM 1045 N N   . ILE A 1 129 ? -5.626  -16.402 -3.610  1.00 111.52 ? 362 ILE A N   1 
ATOM 1046 C CA  . ILE A 1 129 ? -5.814  -15.422 -2.547  1.00 102.08 ? 362 ILE A CA  1 
ATOM 1047 C C   . ILE A 1 129 ? -6.474  -14.170 -3.131  1.00 99.20  ? 362 ILE A C   1 
ATOM 1048 O O   . ILE A 1 129 ? -5.841  -13.429 -3.877  1.00 95.35  ? 362 ILE A O   1 
ATOM 1049 C CB  . ILE A 1 129 ? -4.455  -15.028 -1.917  1.00 103.62 ? 362 ILE A CB  1 
ATOM 1050 C CG1 . ILE A 1 129 ? -3.702  -16.275 -1.481  1.00 104.68 ? 362 ILE A CG1 1 
ATOM 1051 C CG2 . ILE A 1 129 ? -4.670  -14.124 -0.728  1.00 105.07 ? 362 ILE A CG2 1 
ATOM 1052 C CD1 . ILE A 1 129 ? -4.434  -17.092 -0.456  1.00 103.19 ? 362 ILE A CD1 1 
ATOM 1053 N N   . PRO A 1 130 ? -7.760  -13.928 -2.817  1.00 94.37  ? 363 PRO A N   1 
ATOM 1054 C CA  . PRO A 1 130 ? -8.463  -12.747 -3.335  1.00 86.51  ? 363 PRO A CA  1 
ATOM 1055 C C   . PRO A 1 130 ? -7.808  -11.430 -2.916  1.00 85.05  ? 363 PRO A C   1 
ATOM 1056 O O   . PRO A 1 130 ? -7.734  -11.100 -1.731  1.00 82.44  ? 363 PRO A O   1 
ATOM 1057 C CB  . PRO A 1 130 ? -9.883  -12.914 -2.788  1.00 90.43  ? 363 PRO A CB  1 
ATOM 1058 C CG  . PRO A 1 130 ? -9.695  -13.763 -1.591  1.00 91.21  ? 363 PRO A CG  1 
ATOM 1059 C CD  . PRO A 1 130 ? -8.675  -14.765 -2.031  1.00 92.13  ? 363 PRO A CD  1 
ATOM 1060 N N   . VAL A 1 131 ? -7.337  -10.685 -3.911  1.00 79.04  ? 364 VAL A N   1 
ATOM 1061 C CA  . VAL A 1 131 ? -6.648  -9.426  -3.697  1.00 69.65  ? 364 VAL A CA  1 
ATOM 1062 C C   . VAL A 1 131 ? -7.364  -8.249  -4.343  1.00 71.45  ? 364 VAL A C   1 
ATOM 1063 O O   . VAL A 1 131 ? -7.965  -8.382  -5.410  1.00 71.61  ? 364 VAL A O   1 
ATOM 1064 C CB  . VAL A 1 131 ? -5.216  -9.509  -4.259  1.00 70.70  ? 364 VAL A CB  1 
ATOM 1065 C CG1 . VAL A 1 131 ? -4.682  -8.137  -4.544  1.00 68.40  ? 364 VAL A CG1 1 
ATOM 1066 C CG2 . VAL A 1 131 ? -4.316  -10.206 -3.259  1.00 67.05  ? 364 VAL A CG2 1 
ATOM 1067 N N   . LEU A 1 132 ? -7.280  -7.100  -3.672  1.00 68.50  ? 365 LEU A N   1 
ATOM 1068 C CA  . LEU A 1 132 ? -7.870  -5.833  -4.109  1.00 63.03  ? 365 LEU A CA  1 
ATOM 1069 C C   . LEU A 1 132 ? -6.761  -4.784  -4.256  1.00 67.61  ? 365 LEU A C   1 
ATOM 1070 O O   . LEU A 1 132 ? -6.013  -4.551  -3.301  1.00 66.58  ? 365 LEU A O   1 
ATOM 1071 C CB  . LEU A 1 132 ? -8.862  -5.343  -3.061  1.00 53.91  ? 365 LEU A CB  1 
ATOM 1072 C CG  . LEU A 1 132 ? -10.344 -5.625  -3.247  1.00 45.77  ? 365 LEU A CG  1 
ATOM 1073 C CD1 . LEU A 1 132 ? -11.082 -4.309  -3.461  1.00 37.49  ? 365 LEU A CD1 1 
ATOM 1074 C CD2 . LEU A 1 132 ? -10.545 -6.555  -4.410  1.00 39.30  ? 365 LEU A CD2 1 
ATOM 1075 N N   . VAL A 1 133 ? -6.648  -4.146  -5.425  1.00 70.47  ? 366 VAL A N   1 
ATOM 1076 C CA  . VAL A 1 133 ? -5.608  -3.133  -5.610  1.00 71.73  ? 366 VAL A CA  1 
ATOM 1077 C C   . VAL A 1 133 ? -6.168  -1.726  -5.677  1.00 74.88  ? 366 VAL A C   1 
ATOM 1078 O O   . VAL A 1 133 ? -6.888  -1.365  -6.616  1.00 74.27  ? 366 VAL A O   1 
ATOM 1079 C CB  . VAL A 1 133 ? -4.782  -3.379  -6.857  1.00 72.40  ? 366 VAL A CB  1 
ATOM 1080 C CG1 . VAL A 1 133 ? -3.462  -2.648  -6.736  1.00 70.07  ? 366 VAL A CG1 1 
ATOM 1081 C CG2 . VAL A 1 133 ? -4.538  -4.845  -7.023  1.00 70.61  ? 366 VAL A CG2 1 
ATOM 1082 N N   . VAL A 1 134 ? -5.800  -0.944  -4.663  1.00 77.87  ? 367 VAL A N   1 
ATOM 1083 C CA  . VAL A 1 134 ? -6.241  0.436   -4.502  1.00 80.37  ? 367 VAL A CA  1 
ATOM 1084 C C   . VAL A 1 134 ? -5.128  1.429   -4.837  1.00 77.32  ? 367 VAL A C   1 
ATOM 1085 O O   . VAL A 1 134 ? -3.947  1.152   -4.608  1.00 75.99  ? 367 VAL A O   1 
ATOM 1086 C CB  . VAL A 1 134 ? -6.677  0.691   -3.047  1.00 83.01  ? 367 VAL A CB  1 
ATOM 1087 C CG1 . VAL A 1 134 ? -7.634  1.869   -2.989  1.00 88.78  ? 367 VAL A CG1 1 
ATOM 1088 C CG2 . VAL A 1 134 ? -7.310  -0.558  -2.465  1.00 87.81  ? 367 VAL A CG2 1 
ATOM 1089 N N   . GLY A 1 135 ? -5.521  2.588   -5.367  1.00 75.15  ? 368 GLY A N   1 
ATOM 1090 C CA  . GLY A 1 135 ? -4.562  3.617   -5.738  1.00 73.83  ? 368 GLY A CA  1 
ATOM 1091 C C   . GLY A 1 135 ? -5.070  5.004   -5.393  1.00 71.33  ? 368 GLY A C   1 
ATOM 1092 O O   . GLY A 1 135 ? -6.246  5.315   -5.595  1.00 69.75  ? 368 GLY A O   1 
ATOM 1093 N N   . CYS A 1 136 ? -4.177  5.850   -4.895  1.00 71.22  ? 369 CYS A N   1 
ATOM 1094 C CA  . CYS A 1 136 ? -4.551  7.193   -4.474  1.00 72.82  ? 369 CYS A CA  1 
ATOM 1095 C C   . CYS A 1 136 ? -3.367  8.137   -4.525  1.00 72.44  ? 369 CYS A C   1 
ATOM 1096 O O   . CYS A 1 136 ? -2.224  7.710   -4.394  1.00 75.22  ? 369 CYS A O   1 
ATOM 1097 C CB  . CYS A 1 136 ? -5.068  7.127   -3.048  1.00 71.17  ? 369 CYS A CB  1 
ATOM 1098 S SG  . CYS A 1 136 ? -3.975  6.153   -1.943  1.00 80.37  ? 369 CYS A SG  1 
ATOM 1099 N N   . ARG A 1 137 ? -3.639  9.424   -4.696  1.00 71.70  ? 370 ARG A N   1 
ATOM 1100 C CA  . ARG A 1 137 ? -2.573  10.417  -4.763  1.00 71.92  ? 370 ARG A CA  1 
ATOM 1101 C C   . ARG A 1 137 ? -2.636  11.194  -3.464  1.00 67.15  ? 370 ARG A C   1 
ATOM 1102 O O   . ARG A 1 137 ? -3.721  11.448  -2.957  1.00 67.56  ? 370 ARG A O   1 
ATOM 1103 C CB  . ARG A 1 137 ? -2.796  11.325  -5.970  1.00 76.96  ? 370 ARG A CB  1 
ATOM 1104 C CG  . ARG A 1 137 ? -3.022  10.533  -7.238  1.00 87.64  ? 370 ARG A CG  1 
ATOM 1105 C CD  . ARG A 1 137 ? -3.228  11.400  -8.450  1.00 98.93  ? 370 ARG A CD  1 
ATOM 1106 N NE  . ARG A 1 137 ? -3.343  10.567  -9.644  1.00 109.01 ? 370 ARG A NE  1 
ATOM 1107 C CZ  . ARG A 1 137 ? -3.255  11.018  -10.893 1.00 113.60 ? 370 ARG A CZ  1 
ATOM 1108 N NH1 . ARG A 1 137 ? -3.048  12.310  -11.122 1.00 116.02 ? 370 ARG A NH1 1 
ATOM 1109 N NH2 . ARG A 1 137 ? -3.371  10.176  -11.913 1.00 115.85 ? 370 ARG A NH2 1 
ATOM 1110 N N   . ALA A 1 138 ? -1.485  11.575  -2.927  1.00 63.70  ? 371 ALA A N   1 
ATOM 1111 C CA  . ALA A 1 138 ? -1.483  12.262  -1.649  1.00 60.61  ? 371 ALA A CA  1 
ATOM 1112 C C   . ALA A 1 138 ? -0.532  13.428  -1.524  1.00 59.41  ? 371 ALA A C   1 
ATOM 1113 O O   . ALA A 1 138 ? 0.664   13.231  -1.323  1.00 61.65  ? 371 ALA A O   1 
ATOM 1114 C CB  . ALA A 1 138 ? -1.181  11.263  -0.552  1.00 58.32  ? 371 ALA A CB  1 
ATOM 1115 N N   . GLN A 1 139 ? -1.061  14.642  -1.602  1.00 57.87  ? 372 GLN A N   1 
ATOM 1116 C CA  . GLN A 1 139 ? -0.224  15.821  -1.468  1.00 58.65  ? 372 GLN A CA  1 
ATOM 1117 C C   . GLN A 1 139 ? 0.363   15.908  -0.059  1.00 60.24  ? 372 GLN A C   1 
ATOM 1118 O O   . GLN A 1 139 ? -0.271  16.423  0.857   1.00 63.04  ? 372 GLN A O   1 
ATOM 1119 C CB  . GLN A 1 139 ? -1.046  17.059  -1.750  1.00 57.20  ? 372 GLN A CB  1 
ATOM 1120 C CG  . GLN A 1 139 ? -0.344  18.337  -1.388  1.00 60.53  ? 372 GLN A CG  1 
ATOM 1121 C CD  . GLN A 1 139 ? -1.223  19.537  -1.625  1.00 63.76  ? 372 GLN A CD  1 
ATOM 1122 O OE1 . GLN A 1 139 ? -0.833  20.670  -1.346  1.00 66.36  ? 372 GLN A OE1 1 
ATOM 1123 N NE2 . GLN A 1 139 ? -2.421  19.301  -2.149  1.00 64.82  ? 372 GLN A NE2 1 
ATOM 1124 N N   . GLU A 1 140 ? 1.587   15.425  0.108   1.00 59.44  ? 373 GLU A N   1 
ATOM 1125 C CA  . GLU A 1 140 ? 2.242   15.421  1.407   1.00 60.10  ? 373 GLU A CA  1 
ATOM 1126 C C   . GLU A 1 140 ? 3.501   16.245  1.358   1.00 62.75  ? 373 GLU A C   1 
ATOM 1127 O O   . GLU A 1 140 ? 4.009   16.516  0.288   1.00 65.39  ? 373 GLU A O   1 
ATOM 1128 C CB  . GLU A 1 140 ? 2.614   13.994  1.744   1.00 57.49  ? 373 GLU A CB  1 
ATOM 1129 C CG  . GLU A 1 140 ? 3.283   13.296  0.570   1.00 53.70  ? 373 GLU A CG  1 
ATOM 1130 C CD  . GLU A 1 140 ? 3.234   11.779  0.671   1.00 54.60  ? 373 GLU A CD  1 
ATOM 1131 O OE1 . GLU A 1 140 ? 4.041   11.188  1.437   1.00 54.22  ? 373 GLU A OE1 1 
ATOM 1132 O OE2 . GLU A 1 140 ? 2.369   11.183  -0.020  1.00 52.32  ? 373 GLU A OE2 1 
ATOM 1133 N N   . ILE A 1 141 ? 4.005   16.652  2.514   1.00 69.33  ? 374 ILE A N   1 
ATOM 1134 C CA  . ILE A 1 141 ? 5.259   17.399  2.551   1.00 75.95  ? 374 ILE A CA  1 
ATOM 1135 C C   . ILE A 1 141 ? 6.231   16.481  3.271   1.00 76.52  ? 374 ILE A C   1 
ATOM 1136 O O   . ILE A 1 141 ? 6.085   16.217  4.461   1.00 77.81  ? 374 ILE A O   1 
ATOM 1137 C CB  . ILE A 1 141 ? 5.155   18.768  3.332   1.00 76.75  ? 374 ILE A CB  1 
ATOM 1138 C CG1 . ILE A 1 141 ? 5.156   18.547  4.845   1.00 81.10  ? 374 ILE A CG1 1 
ATOM 1139 C CG2 . ILE A 1 141 ? 3.870   19.498  2.945   1.00 81.51  ? 374 ILE A CG2 1 
ATOM 1140 C CD1 . ILE A 1 141 ? 5.371   19.809  5.654   1.00 85.14  ? 374 ILE A CD1 1 
ATOM 1141 N N   . ASN A 1 142 ? 7.216   15.953  2.569   1.00 77.27  ? 375 ASN A N   1 
ATOM 1142 C CA  . ASN A 1 142 ? 8.121   15.068  3.271   1.00 79.97  ? 375 ASN A CA  1 
ATOM 1143 C C   . ASN A 1 142 ? 9.289   15.779  3.935   1.00 77.29  ? 375 ASN A C   1 
ATOM 1144 O O   . ASN A 1 142 ? 9.878   16.700  3.375   1.00 78.71  ? 375 ASN A O   1 
ATOM 1145 C CB  . ASN A 1 142 ? 8.601   13.967  2.336   1.00 88.03  ? 375 ASN A CB  1 
ATOM 1146 C CG  . ASN A 1 142 ? 7.534   12.921  2.094   1.00 92.59  ? 375 ASN A CG  1 
ATOM 1147 O OD1 . ASN A 1 142 ? 6.477   13.213  1.530   1.00 97.35  ? 375 ASN A OD1 1 
ATOM 1148 N ND2 . ASN A 1 142 ? 7.800   11.694  2.536   1.00 98.25  ? 375 ASN A ND2 1 
ATOM 1149 N N   . LEU A 1 143 ? 9.595   15.353  5.154   1.00 74.27  ? 376 LEU A N   1 
ATOM 1150 C CA  . LEU A 1 143 ? 10.680  15.933  5.935   1.00 71.79  ? 376 LEU A CA  1 
ATOM 1151 C C   . LEU A 1 143 ? 11.379  14.842  6.709   1.00 73.52  ? 376 LEU A C   1 
ATOM 1152 O O   . LEU A 1 143 ? 10.873  13.723  6.804   1.00 74.24  ? 376 LEU A O   1 
ATOM 1153 C CB  . LEU A 1 143 ? 10.151  16.919  6.965   1.00 65.40  ? 376 LEU A CB  1 
ATOM 1154 C CG  . LEU A 1 143 ? 9.419   18.191  6.586   1.00 62.13  ? 376 LEU A CG  1 
ATOM 1155 C CD1 . LEU A 1 143 ? 8.197   17.884  5.734   1.00 58.87  ? 376 LEU A CD1 1 
ATOM 1156 C CD2 . LEU A 1 143 ? 9.025   18.885  7.878   1.00 59.29  ? 376 LEU A CD2 1 
ATOM 1157 N N   . TYR A 1 144 ? 12.529  15.177  7.285   1.00 75.05  ? 377 TYR A N   1 
ATOM 1158 C CA  . TYR A 1 144 ? 13.306  14.237  8.096   1.00 78.89  ? 377 TYR A CA  1 
ATOM 1159 C C   . TYR A 1 144 ? 14.001  15.085  9.174   1.00 77.96  ? 377 TYR A C   1 
ATOM 1160 O O   . TYR A 1 144 ? 14.471  16.176  8.878   1.00 79.55  ? 377 TYR A O   1 
ATOM 1161 C CB  . TYR A 1 144 ? 14.356  13.489  7.234   1.00 84.03  ? 377 TYR A CB  1 
ATOM 1162 C CG  . TYR A 1 144 ? 13.805  12.651  6.071   1.00 90.28  ? 377 TYR A CG  1 
ATOM 1163 C CD1 . TYR A 1 144 ? 13.681  13.190  4.782   1.00 92.94  ? 377 TYR A CD1 1 
ATOM 1164 C CD2 . TYR A 1 144 ? 13.396  11.323  6.266   1.00 93.50  ? 377 TYR A CD2 1 
ATOM 1165 C CE1 . TYR A 1 144 ? 13.161  12.427  3.721   1.00 96.36  ? 377 TYR A CE1 1 
ATOM 1166 C CE2 . TYR A 1 144 ? 12.873  10.555  5.213   1.00 96.59  ? 377 TYR A CE2 1 
ATOM 1167 C CZ  . TYR A 1 144 ? 12.759  11.113  3.947   1.00 97.79  ? 377 TYR A CZ  1 
ATOM 1168 O OH  . TYR A 1 144 ? 12.241  10.359  2.912   1.00 99.30  ? 377 TYR A OH  1 
ATOM 1169 N N   . ARG A 1 145 ? 14.047  14.612  10.416  1.00 78.03  ? 378 ARG A N   1 
ATOM 1170 C CA  . ARG A 1 145 ? 14.690  15.366  11.500  1.00 78.48  ? 378 ARG A CA  1 
ATOM 1171 C C   . ARG A 1 145 ? 15.857  14.576  12.044  1.00 80.69  ? 378 ARG A C   1 
ATOM 1172 O O   . ARG A 1 145 ? 15.913  13.373  11.859  1.00 80.21  ? 378 ARG A O   1 
ATOM 1173 C CB  . ARG A 1 145 ? 13.695  15.646  12.629  1.00 73.31  ? 378 ARG A CB  1 
ATOM 1174 C CG  . ARG A 1 145 ? 12.739  16.787  12.332  1.00 70.24  ? 378 ARG A CG  1 
ATOM 1175 C CD  . ARG A 1 145 ? 11.580  16.845  13.299  1.00 66.32  ? 378 ARG A CD  1 
ATOM 1176 N NE  . ARG A 1 145 ? 10.389  17.336  12.606  1.00 65.38  ? 378 ARG A NE  1 
ATOM 1177 C CZ  . ARG A 1 145 ? 10.092  18.620  12.414  1.00 62.83  ? 378 ARG A CZ  1 
ATOM 1178 N NH1 . ARG A 1 145 ? 10.899  19.563  12.876  1.00 61.01  ? 378 ARG A NH1 1 
ATOM 1179 N NH2 . ARG A 1 145 ? 8.997   18.958  11.736  1.00 60.67  ? 378 ARG A NH2 1 
ATOM 1180 N N   . LYS A 1 146 ? 16.782  15.230  12.733  1.00 84.20  ? 379 LYS A N   1 
ATOM 1181 C CA  . LYS A 1 146 ? 17.931  14.501  13.244  1.00 90.53  ? 379 LYS A CA  1 
ATOM 1182 C C   . LYS A 1 146 ? 17.863  13.912  14.656  1.00 91.58  ? 379 LYS A C   1 
ATOM 1183 O O   . LYS A 1 146 ? 16.919  14.139  15.411  1.00 92.36  ? 379 LYS A O   1 
ATOM 1184 C CB  . LYS A 1 146 ? 19.196  15.349  13.096  1.00 93.21  ? 379 LYS A CB  1 
ATOM 1185 C CG  . LYS A 1 146 ? 19.767  15.342  11.686  1.00 100.98 ? 379 LYS A CG  1 
ATOM 1186 C CD  . LYS A 1 146 ? 21.290  15.399  11.706  1.00 109.42 ? 379 LYS A CD  1 
ATOM 1187 C CE  . LYS A 1 146 ? 21.882  15.131  10.322  1.00 115.72 ? 379 LYS A CE  1 
ATOM 1188 N NZ  . LYS A 1 146 ? 23.363  14.912  10.354  1.00 118.08 ? 379 LYS A NZ  1 
ATOM 1189 N N   . LYS A 1 147 ? 18.906  13.146  14.971  1.00 96.48  ? 380 LYS A N   1 
ATOM 1190 C CA  . LYS A 1 147 ? 19.120  12.430  16.234  1.00 101.26 ? 380 LYS A CA  1 
ATOM 1191 C C   . LYS A 1 147 ? 18.862  13.126  17.575  1.00 102.21 ? 380 LYS A C   1 
ATOM 1192 O O   . LYS A 1 147 ? 18.188  12.569  18.441  1.00 101.67 ? 380 LYS A O   1 
ATOM 1193 C CB  . LYS A 1 147 ? 20.550  11.863  16.239  1.00 102.55 ? 380 LYS A CB  1 
ATOM 1194 C CG  . LYS A 1 147 ? 21.663  12.879  15.870  1.00 110.08 ? 380 LYS A CG  1 
ATOM 1195 C CD  . LYS A 1 147 ? 22.364  13.467  17.095  1.00 114.44 ? 380 LYS A CD  1 
ATOM 1196 C CE  . LYS A 1 147 ? 23.515  14.387  16.705  1.00 116.29 ? 380 LYS A CE  1 
ATOM 1197 N NZ  . LYS A 1 147 ? 24.233  14.927  17.896  1.00 116.96 ? 380 LYS A NZ  1 
ATOM 1198 N N   . LYS A 1 148 ? 19.422  14.313  17.775  1.00 103.09 ? 381 LYS A N   1 
ATOM 1199 C CA  . LYS A 1 148 ? 19.214  15.015  19.036  1.00 104.85 ? 381 LYS A CA  1 
ATOM 1200 C C   . LYS A 1 148 ? 18.458  16.316  18.808  1.00 108.84 ? 381 LYS A C   1 
ATOM 1201 O O   . LYS A 1 148 ? 19.050  17.315  18.384  1.00 110.02 ? 381 LYS A O   1 
ATOM 1202 C CB  . LYS A 1 148 ? 20.555  15.320  19.714  1.00 104.68 ? 381 LYS A CB  1 
ATOM 1203 C CG  . LYS A 1 148 ? 21.423  14.101  20.057  1.00 100.52 ? 381 LYS A CG  1 
ATOM 1204 C CD  . LYS A 1 148 ? 22.776  14.534  20.651  1.00 97.33  ? 381 LYS A CD  1 
ATOM 1205 C CE  . LYS A 1 148 ? 23.706  13.351  20.885  1.00 95.90  ? 381 LYS A CE  1 
ATOM 1206 N NZ  . LYS A 1 148 ? 24.987  13.753  21.527  1.00 93.88  ? 381 LYS A NZ  1 
ATOM 1207 N N   . THR A 1 149 ? 17.152  16.285  19.094  1.00 113.65 ? 382 THR A N   1 
ATOM 1208 C CA  . THR A 1 149 ? 16.260  17.442  18.943  1.00 115.79 ? 382 THR A CA  1 
ATOM 1209 C C   . THR A 1 149 ? 16.823  18.365  17.859  1.00 120.41 ? 382 THR A C   1 
ATOM 1210 O O   . THR A 1 149 ? 16.790  19.592  17.978  1.00 118.85 ? 382 THR A O   1 
ATOM 1211 C CB  . THR A 1 149 ? 16.098  18.206  20.327  1.00 115.85 ? 382 THR A CB  1 
ATOM 1212 O OG1 . THR A 1 149 ? 15.236  19.343  20.170  1.00 118.15 ? 382 THR A OG1 1 
ATOM 1213 C CG2 . THR A 1 149 ? 17.451  18.665  20.872  1.00 117.83 ? 382 THR A CG2 1 
ATOM 1214 N N   . GLY A 1 150 ? 17.321  17.753  16.787  1.00 120.30 ? 383 GLY A N   1 
ATOM 1215 C CA  . GLY A 1 150 ? 17.943  18.512  15.722  1.00 123.51 ? 383 GLY A CA  1 
ATOM 1216 C C   . GLY A 1 150 ? 17.098  18.999  14.570  1.00 123.86 ? 383 GLY A C   1 
ATOM 1217 O O   . GLY A 1 150 ? 16.664  18.212  13.732  1.00 124.21 ? 383 GLY A O   1 
ATOM 1218 N N   . GLU A 1 151 ? 16.893  20.311  14.538  1.00 123.85 ? 384 GLU A N   1 
ATOM 1219 C CA  . GLU A 1 151 ? 16.131  20.991  13.495  1.00 123.72 ? 384 GLU A CA  1 
ATOM 1220 C C   . GLU A 1 151 ? 15.358  20.086  12.551  1.00 121.85 ? 384 GLU A C   1 
ATOM 1221 O O   . GLU A 1 151 ? 14.571  19.250  12.986  1.00 121.05 ? 384 GLU A O   1 
ATOM 1222 C CB  . GLU A 1 151 ? 17.073  21.877  12.677  1.00 122.74 ? 384 GLU A CB  1 
ATOM 1223 C CG  . GLU A 1 151 ? 17.447  23.173  13.358  1.00 127.71 ? 384 GLU A CG  1 
ATOM 1224 C CD  . GLU A 1 151 ? 16.252  24.096  13.499  1.00 130.78 ? 384 GLU A CD  1 
ATOM 1225 O OE1 . GLU A 1 151 ? 15.644  24.447  12.460  1.00 131.83 ? 384 GLU A OE1 1 
ATOM 1226 O OE2 . GLU A 1 151 ? 15.918  24.465  14.646  1.00 132.52 ? 384 GLU A OE2 1 
ATOM 1227 N N   . ILE A 1 152 ? 15.582  20.283  11.254  1.00 120.93 ? 385 ILE A N   1 
ATOM 1228 C CA  . ILE A 1 152 ? 14.936  19.502  10.210  1.00 123.29 ? 385 ILE A CA  1 
ATOM 1229 C C   . ILE A 1 152 ? 15.985  18.731  9.411   1.00 124.50 ? 385 ILE A C   1 
ATOM 1230 O O   . ILE A 1 152 ? 16.038  18.801  8.179   1.00 125.29 ? 385 ILE A O   1 
ATOM 1231 C CB  . ILE A 1 152 ? 14.114  20.405  9.255   1.00 121.43 ? 385 ILE A CB  1 
ATOM 1232 C CG1 . ILE A 1 152 ? 14.731  21.804  9.197   1.00 119.77 ? 385 ILE A CG1 1 
ATOM 1233 C CG2 . ILE A 1 152 ? 12.664  20.472  9.709   1.00 116.35 ? 385 ILE A CG2 1 
ATOM 1234 C CD1 . ILE A 1 152 ? 13.923  22.804  8.384   1.00 121.20 ? 385 ILE A CD1 1 
ATOM 1235 N N   . ALA A 1 153 ? 16.820  18.006  10.152  1.00 129.17 ? 386 ALA A N   1 
ATOM 1236 C CA  . ALA A 1 153 ? 17.895  17.161  9.629   1.00 132.68 ? 386 ALA A CA  1 
ATOM 1237 C C   . ALA A 1 153 ? 18.765  17.659  8.468   1.00 135.62 ? 386 ALA A C   1 
ATOM 1238 O O   . ALA A 1 153 ? 19.437  18.688  8.568   1.00 137.41 ? 386 ALA A O   1 
ATOM 1239 C CB  . ALA A 1 153 ? 17.331  15.784  9.289   1.00 132.42 ? 386 ALA A CB  1 
ATOM 1240 N N   . ALA A 1 154 ? 18.753  16.898  7.375   1.00 139.46 ? 387 ALA A N   1 
ATOM 1241 C CA  . ALA A 1 154 ? 19.556  17.183  6.187   1.00 143.37 ? 387 ALA A CA  1 
ATOM 1242 C C   . ALA A 1 154 ? 19.263  18.484  5.441   1.00 145.36 ? 387 ALA A C   1 
ATOM 1243 O O   . ALA A 1 154 ? 20.147  19.336  5.298   1.00 144.43 ? 387 ALA A O   1 
ATOM 1244 C CB  . ALA A 1 154 ? 19.464  15.999  5.214   1.00 146.77 ? 387 ALA A CB  1 
ATOM 1245 N N   . GLY A 1 155 ? 18.033  18.638  4.959   1.00 145.03 ? 388 GLY A N   1 
ATOM 1246 C CA  . GLY A 1 155 ? 17.703  19.834  4.212   1.00 146.06 ? 388 GLY A CA  1 
ATOM 1247 C C   . GLY A 1 155 ? 16.543  20.647  4.737   1.00 145.61 ? 388 GLY A C   1 
ATOM 1248 O O   . GLY A 1 155 ? 15.528  20.104  5.164   1.00 143.43 ? 388 GLY A O   1 
ATOM 1249 N N   . ASP A 1 156 ? 16.708  21.967  4.695   1.00 145.39 ? 389 ASP A N   1 
ATOM 1250 C CA  . ASP A 1 156 ? 15.681  22.890  5.151   1.00 144.53 ? 389 ASP A CA  1 
ATOM 1251 C C   . ASP A 1 156 ? 14.577  22.942  4.099   1.00 142.99 ? 389 ASP A C   1 
ATOM 1252 O O   . ASP A 1 156 ? 13.397  22.948  4.438   1.00 144.75 ? 389 ASP A O   1 
ATOM 1253 C CB  . ASP A 1 156 ? 16.270  24.292  5.345   1.00 146.60 ? 389 ASP A CB  1 
ATOM 1254 C CG  . ASP A 1 156 ? 15.768  24.971  6.606   1.00 147.57 ? 389 ASP A CG  1 
ATOM 1255 O OD1 . ASP A 1 156 ? 16.113  24.493  7.706   1.00 148.86 ? 389 ASP A OD1 1 
ATOM 1256 O OD2 . ASP A 1 156 ? 15.033  25.978  6.503   1.00 148.57 ? 389 ASP A OD2 1 
ATOM 1257 N N   . GLU A 1 157 ? 14.963  22.969  2.823   1.00 142.51 ? 390 GLU A N   1 
ATOM 1258 C CA  . GLU A 1 157 ? 13.976  23.033  1.746   1.00 140.12 ? 390 GLU A CA  1 
ATOM 1259 C C   . GLU A 1 157 ? 13.361  21.695  1.361   1.00 135.99 ? 390 GLU A C   1 
ATOM 1260 O O   . GLU A 1 157 ? 13.844  21.023  0.448   1.00 134.74 ? 390 GLU A O   1 
ATOM 1261 C CB  . GLU A 1 157 ? 14.554  23.689  0.478   1.00 143.92 ? 390 GLU A CB  1 
ATOM 1262 C CG  . GLU A 1 157 ? 13.572  23.633  -0.709  1.00 151.37 ? 390 GLU A CG  1 
ATOM 1263 C CD  . GLU A 1 157 ? 13.969  24.502  -1.892  1.00 154.81 ? 390 GLU A CD  1 
ATOM 1264 O OE1 . GLU A 1 157 ? 13.268  24.451  -2.929  1.00 155.51 ? 390 GLU A OE1 1 
ATOM 1265 O OE2 . GLU A 1 157 ? 14.973  25.238  -1.786  1.00 156.49 ? 390 GLU A OE2 1 
ATOM 1266 N N   . ALA A 1 158 ? 12.293  21.320  2.062   1.00 128.09 ? 391 ALA A N   1 
ATOM 1267 C CA  . ALA A 1 158 ? 11.577  20.086  1.774   1.00 121.07 ? 391 ALA A CA  1 
ATOM 1268 C C   . ALA A 1 158 ? 10.377  20.497  0.928   1.00 115.18 ? 391 ALA A C   1 
ATOM 1269 O O   . ALA A 1 158 ? 9.456   21.150  1.411   1.00 114.60 ? 391 ALA A O   1 
ATOM 1270 C CB  . ALA A 1 158 ? 11.119  19.427  3.062   1.00 120.53 ? 391 ALA A CB  1 
ATOM 1271 N N   . ASN A 1 159 ? 10.407  20.138  -0.347  1.00 110.02 ? 392 ASN A N   1 
ATOM 1272 C CA  . ASN A 1 159 ? 9.326   20.491  -1.255  1.00 102.71 ? 392 ASN A CA  1 
ATOM 1273 C C   . ASN A 1 159 ? 8.089   19.699  -0.862  1.00 95.06  ? 392 ASN A C   1 
ATOM 1274 O O   . ASN A 1 159 ? 8.204   18.605  -0.297  1.00 94.15  ? 392 ASN A O   1 
ATOM 1275 C CB  . ASN A 1 159 ? 9.711   20.146  -2.704  1.00 106.88 ? 392 ASN A CB  1 
ATOM 1276 C CG  . ASN A 1 159 ? 11.149  20.529  -3.044  1.00 112.98 ? 392 ASN A CG  1 
ATOM 1277 O OD1 . ASN A 1 159 ? 11.544  21.693  -2.929  1.00 116.75 ? 392 ASN A OD1 1 
ATOM 1278 N ND2 . ASN A 1 159 ? 11.939  19.541  -3.466  1.00 116.75 ? 392 ASN A ND2 1 
ATOM 1279 N N   . ILE A 1 160 ? 6.909   20.246  -1.146  1.00 85.29  ? 393 ILE A N   1 
ATOM 1280 C CA  . ILE A 1 160 ? 5.684   19.532  -0.826  1.00 74.88  ? 393 ILE A CA  1 
ATOM 1281 C C   . ILE A 1 160 ? 5.252   18.708  -2.048  1.00 73.31  ? 393 ILE A C   1 
ATOM 1282 O O   . ILE A 1 160 ? 4.543   19.181  -2.941  1.00 71.52  ? 393 ILE A O   1 
ATOM 1283 C CB  . ILE A 1 160 ? 4.543   20.495  -0.332  1.00 70.58  ? 393 ILE A CB  1 
ATOM 1284 C CG1 . ILE A 1 160 ? 3.810   21.159  -1.486  1.00 64.42  ? 393 ILE A CG1 1 
ATOM 1285 C CG2 . ILE A 1 160 ? 5.125   21.590  0.539   1.00 64.53  ? 393 ILE A CG2 1 
ATOM 1286 C CD1 . ILE A 1 160 ? 2.539   21.840  -1.024  1.00 60.07  ? 393 ILE A CD1 1 
ATOM 1287 N N   . LEU A 1 161 ? 5.736   17.465  -2.077  1.00 72.08  ? 394 LEU A N   1 
ATOM 1288 C CA  . LEU A 1 161 ? 5.458   16.512  -3.148  1.00 72.21  ? 394 LEU A CA  1 
ATOM 1289 C C   . LEU A 1 161 ? 3.972   16.248  -3.275  1.00 73.32  ? 394 LEU A C   1 
ATOM 1290 O O   . LEU A 1 161 ? 3.178   16.709  -2.464  1.00 75.29  ? 394 LEU A O   1 
ATOM 1291 C CB  . LEU A 1 161 ? 6.159   15.173  -2.886  1.00 69.39  ? 394 LEU A CB  1 
ATOM 1292 C CG  . LEU A 1 161 ? 7.682   15.086  -2.713  1.00 70.68  ? 394 LEU A CG  1 
ATOM 1293 C CD1 . LEU A 1 161 ? 8.120   15.545  -1.294  1.00 70.57  ? 394 LEU A CD1 1 
ATOM 1294 C CD2 . LEU A 1 161 ? 8.101   13.625  -2.975  1.00 70.15  ? 394 LEU A CD2 1 
ATOM 1295 N N   . MET A 1 162 ? 3.612   15.482  -4.294  1.00 74.06  ? 395 MET A N   1 
ATOM 1296 C CA  . MET A 1 162 ? 2.231   15.123  -4.570  1.00 75.75  ? 395 MET A CA  1 
ATOM 1297 C C   . MET A 1 162 ? 2.395   13.728  -5.153  1.00 74.06  ? 395 MET A C   1 
ATOM 1298 O O   . MET A 1 162 ? 2.358   13.552  -6.364  1.00 76.78  ? 395 MET A O   1 
ATOM 1299 C CB  . MET A 1 162 ? 1.660   16.109  -5.599  1.00 80.17  ? 395 MET A CB  1 
ATOM 1300 C CG  . MET A 1 162 ? 0.153   16.056  -5.832  1.00 89.88  ? 395 MET A CG  1 
ATOM 1301 S SD  . MET A 1 162 ? -0.415  14.778  -6.991  1.00 99.55  ? 395 MET A SD  1 
ATOM 1302 C CE  . MET A 1 162 ? -0.940  15.753  -8.418  1.00 104.84 ? 395 MET A CE  1 
ATOM 1303 N N   . SER A 1 163 ? 2.603   12.743  -4.281  1.00 73.08  ? 396 SER A N   1 
ATOM 1304 C CA  . SER A 1 163 ? 2.839   11.352  -4.696  1.00 70.95  ? 396 SER A CA  1 
ATOM 1305 C C   . SER A 1 163 ? 1.634   10.462  -5.065  1.00 70.54  ? 396 SER A C   1 
ATOM 1306 O O   . SER A 1 163 ? 0.475   10.771  -4.770  1.00 69.50  ? 396 SER A O   1 
ATOM 1307 C CB  . SER A 1 163 ? 3.671   10.645  -3.622  1.00 67.84  ? 396 SER A CB  1 
ATOM 1308 O OG  . SER A 1 163 ? 4.798   11.424  -3.269  1.00 64.34  ? 396 SER A OG  1 
ATOM 1309 N N   . SER A 1 164 ? 1.930   9.347   -5.723  1.00 69.71  ? 397 SER A N   1 
ATOM 1310 C CA  . SER A 1 164 ? 0.900   8.408   -6.129  1.00 70.62  ? 397 SER A CA  1 
ATOM 1311 C C   . SER A 1 164 ? 1.201   7.038   -5.549  1.00 70.22  ? 397 SER A C   1 
ATOM 1312 O O   . SER A 1 164 ? 2.257   6.460   -5.810  1.00 72.90  ? 397 SER A O   1 
ATOM 1313 C CB  . SER A 1 164 ? 0.828   8.320   -7.652  1.00 73.58  ? 397 SER A CB  1 
ATOM 1314 O OG  . SER A 1 164 ? 0.207   9.470   -8.190  1.00 79.30  ? 397 SER A OG  1 
ATOM 1315 N N   . TYR A 1 165 ? 0.266   6.523   -4.757  1.00 67.45  ? 398 TYR A N   1 
ATOM 1316 C CA  . TYR A 1 165 ? 0.431   5.227   -4.124  1.00 62.99  ? 398 TYR A CA  1 
ATOM 1317 C C   . TYR A 1 165 ? -0.427  4.182   -4.797  1.00 63.35  ? 398 TYR A C   1 
ATOM 1318 O O   . TYR A 1 165 ? -1.435  4.491   -5.446  1.00 60.41  ? 398 TYR A O   1 
ATOM 1319 C CB  . TYR A 1 165 ? 0.037   5.290   -2.647  1.00 57.48  ? 398 TYR A CB  1 
ATOM 1320 C CG  . TYR A 1 165 ? 0.905   6.180   -1.779  1.00 53.60  ? 398 TYR A CG  1 
ATOM 1321 C CD1 . TYR A 1 165 ? 0.737   7.573   -1.757  1.00 52.79  ? 398 TYR A CD1 1 
ATOM 1322 C CD2 . TYR A 1 165 ? 1.904   5.630   -0.983  1.00 50.84  ? 398 TYR A CD2 1 
ATOM 1323 C CE1 . TYR A 1 165 ? 1.554   8.389   -0.959  1.00 50.76  ? 398 TYR A CE1 1 
ATOM 1324 C CE2 . TYR A 1 165 ? 2.717   6.425   -0.190  1.00 49.87  ? 398 TYR A CE2 1 
ATOM 1325 C CZ  . TYR A 1 165 ? 2.548   7.798   -0.178  1.00 50.74  ? 398 TYR A CZ  1 
ATOM 1326 O OH  . TYR A 1 165 ? 3.396   8.556   0.610   1.00 51.40  ? 398 TYR A OH  1 
ATOM 1327 N N   . ALA A 1 166 ? -0.001  2.936   -4.632  1.00 61.83  ? 399 ALA A N   1 
ATOM 1328 C CA  . ALA A 1 166 ? -0.704  1.782   -5.162  1.00 61.27  ? 399 ALA A CA  1 
ATOM 1329 C C   . ALA A 1 166 ? -0.420  0.718   -4.126  1.00 61.71  ? 399 ALA A C   1 
ATOM 1330 O O   . ALA A 1 166 ? 0.737   0.515   -3.737  1.00 62.83  ? 399 ALA A O   1 
ATOM 1331 C CB  . ALA A 1 166 ? -0.139  1.382   -6.495  1.00 62.84  ? 399 ALA A CB  1 
ATOM 1332 N N   . MET A 1 167 ? -1.474  0.057   -3.664  1.00 64.56  ? 400 MET A N   1 
ATOM 1333 C CA  . MET A 1 167 ? -1.340  -0.973  -2.639  1.00 64.53  ? 400 MET A CA  1 
ATOM 1334 C C   . MET A 1 167 ? -2.218  -2.178  -2.972  1.00 67.00  ? 400 MET A C   1 
ATOM 1335 O O   . MET A 1 167 ? -3.200  -2.045  -3.716  1.00 65.56  ? 400 MET A O   1 
ATOM 1336 C CB  . MET A 1 167 ? -1.714  -0.376  -1.258  1.00 58.72  ? 400 MET A CB  1 
ATOM 1337 C CG  . MET A 1 167 ? -2.808  0.730   -1.280  1.00 51.90  ? 400 MET A CG  1 
ATOM 1338 S SD  . MET A 1 167 ? -2.747  1.896   0.122   1.00 31.93  ? 400 MET A SD  1 
ATOM 1339 C CE  . MET A 1 167 ? -3.281  0.846   1.289   1.00 40.44  ? 400 MET A CE  1 
ATOM 1340 N N   . VAL A 1 168 ? -1.852  -3.352  -2.455  1.00 66.40  ? 401 VAL A N   1 
ATOM 1341 C CA  . VAL A 1 168 ? -2.652  -4.554  -2.686  1.00 68.25  ? 401 VAL A CA  1 
ATOM 1342 C C   . VAL A 1 168 ? -3.227  -5.100  -1.377  1.00 67.13  ? 401 VAL A C   1 
ATOM 1343 O O   . VAL A 1 168 ? -2.505  -5.504  -0.463  1.00 69.50  ? 401 VAL A O   1 
ATOM 1344 C CB  . VAL A 1 168 ? -1.845  -5.646  -3.408  1.00 71.53  ? 401 VAL A CB  1 
ATOM 1345 C CG1 . VAL A 1 168 ? -2.203  -7.022  -2.868  1.00 70.41  ? 401 VAL A CG1 1 
ATOM 1346 C CG2 . VAL A 1 168 ? -2.156  -5.598  -4.890  1.00 69.56  ? 401 VAL A CG2 1 
ATOM 1347 N N   . PHE A 1 169 ? -4.551  -5.100  -1.303  1.00 66.16  ? 402 PHE A N   1 
ATOM 1348 C CA  . PHE A 1 169 ? -5.272  -5.551  -0.126  1.00 62.69  ? 402 PHE A CA  1 
ATOM 1349 C C   . PHE A 1 169 ? -5.702  -7.006  -0.194  1.00 60.16  ? 402 PHE A C   1 
ATOM 1350 O O   . PHE A 1 169 ? -5.808  -7.596  -1.265  1.00 59.63  ? 402 PHE A O   1 
ATOM 1351 C CB  . PHE A 1 169 ? -6.516  -4.679  0.074   1.00 60.84  ? 402 PHE A CB  1 
ATOM 1352 C CG  . PHE A 1 169 ? -6.284  -3.472  0.939   1.00 61.35  ? 402 PHE A CG  1 
ATOM 1353 C CD1 . PHE A 1 169 ? -6.617  -2.202  0.489   1.00 61.55  ? 402 PHE A CD1 1 
ATOM 1354 C CD2 . PHE A 1 169 ? -5.768  -3.612  2.224   1.00 61.70  ? 402 PHE A CD2 1 
ATOM 1355 C CE1 . PHE A 1 169 ? -6.441  -1.098  1.304   1.00 60.63  ? 402 PHE A CE1 1 
ATOM 1356 C CE2 . PHE A 1 169 ? -5.593  -2.507  3.042   1.00 61.08  ? 402 PHE A CE2 1 
ATOM 1357 C CZ  . PHE A 1 169 ? -5.931  -1.250  2.581   1.00 60.28  ? 402 PHE A CZ  1 
ATOM 1358 N N   . THR A 1 170 ? -5.955  -7.585  0.963   1.00 56.75  ? 403 THR A N   1 
ATOM 1359 C CA  . THR A 1 170 ? -6.408  -8.950  1.017   1.00 58.70  ? 403 THR A CA  1 
ATOM 1360 C C   . THR A 1 170 ? -7.009  -9.078  2.379   1.00 60.84  ? 403 THR A C   1 
ATOM 1361 O O   . THR A 1 170 ? -6.626  -8.344  3.281   1.00 62.16  ? 403 THR A O   1 
ATOM 1362 C CB  . THR A 1 170 ? -5.268  -9.940  0.894   1.00 56.65  ? 403 THR A CB  1 
ATOM 1363 O OG1 . THR A 1 170 ? -5.786  -11.267 1.043   1.00 52.49  ? 403 THR A OG1 1 
ATOM 1364 C CG2 . THR A 1 170 ? -4.237  -9.683  1.957   1.00 51.37  ? 403 THR A CG2 1 
ATOM 1365 N N   . ARG A 1 171 ? -7.959  -9.990  2.534   1.00 65.23  ? 404 ARG A N   1 
ATOM 1366 C CA  . ARG A 1 171 ? -8.601  -10.182 3.823   1.00 67.69  ? 404 ARG A CA  1 
ATOM 1367 C C   . ARG A 1 171 ? -8.492  -11.633 4.244   1.00 69.04  ? 404 ARG A C   1 
ATOM 1368 O O   . ARG A 1 171 ? -8.277  -12.520 3.419   1.00 70.84  ? 404 ARG A O   1 
ATOM 1369 C CB  . ARG A 1 171 ? -10.066 -9.762  3.750   1.00 68.35  ? 404 ARG A CB  1 
ATOM 1370 C CG  . ARG A 1 171 ? -10.865 -10.142 4.971   1.00 71.05  ? 404 ARG A CG  1 
ATOM 1371 C CD  . ARG A 1 171 ? -11.426 -8.932  5.698   1.00 73.15  ? 404 ARG A CD  1 
ATOM 1372 N NE  . ARG A 1 171 ? -12.824 -8.669  5.366   1.00 74.03  ? 404 ARG A NE  1 
ATOM 1373 C CZ  . ARG A 1 171 ? -13.745 -8.331  6.263   1.00 74.21  ? 404 ARG A CZ  1 
ATOM 1374 N NH1 . ARG A 1 171 ? -13.414 -8.222  7.546   1.00 75.07  ? 404 ARG A NH1 1 
ATOM 1375 N NH2 . ARG A 1 171 ? -14.990 -8.096  5.880   1.00 73.52  ? 404 ARG A NH2 1 
ATOM 1376 N N   . ASP A 1 172 ? -8.645  -11.859 5.539   1.00 71.39  ? 405 ASP A N   1 
ATOM 1377 C CA  . ASP A 1 172 ? -8.557  -13.186 6.122   1.00 74.71  ? 405 ASP A CA  1 
ATOM 1378 C C   . ASP A 1 172 ? -9.894  -13.453 6.837   1.00 79.82  ? 405 ASP A C   1 
ATOM 1379 O O   . ASP A 1 172 ? -10.263 -12.694 7.735   1.00 79.71  ? 405 ASP A O   1 
ATOM 1380 C CB  . ASP A 1 172 ? -7.407  -13.165 7.117   1.00 72.23  ? 405 ASP A CB  1 
ATOM 1381 C CG  . ASP A 1 172 ? -7.010  -14.525 7.571   1.00 72.99  ? 405 ASP A CG  1 
ATOM 1382 O OD1 . ASP A 1 172 ? -6.047  -14.599 8.364   1.00 69.36  ? 405 ASP A OD1 1 
ATOM 1383 O OD2 . ASP A 1 172 ? -7.651  -15.513 7.138   1.00 72.64  ? 405 ASP A OD2 1 
ATOM 1384 N N   . PRO A 1 173 ? -10.638 -14.525 6.461   1.00 83.42  ? 406 PRO A N   1 
ATOM 1385 C CA  . PRO A 1 173 ? -11.932 -14.837 7.100   1.00 84.91  ? 406 PRO A CA  1 
ATOM 1386 C C   . PRO A 1 173 ? -11.697 -15.218 8.552   1.00 88.51  ? 406 PRO A C   1 
ATOM 1387 O O   . PRO A 1 173 ? -12.592 -15.157 9.403   1.00 88.04  ? 406 PRO A O   1 
ATOM 1388 C CB  . PRO A 1 173 ? -12.453 -16.025 6.298   1.00 86.41  ? 406 PRO A CB  1 
ATOM 1389 C CG  . PRO A 1 173 ? -11.656 -15.995 5.042   1.00 85.58  ? 406 PRO A CG  1 
ATOM 1390 C CD  . PRO A 1 173 ? -10.294 -15.575 5.499   1.00 84.20  ? 406 PRO A CD  1 
ATOM 1391 N N   . GLU A 1 174 ? -10.462 -15.627 8.793   1.00 93.01  ? 407 GLU A N   1 
ATOM 1392 C CA  . GLU A 1 174 ? -9.978  -16.023 10.095  1.00 97.23  ? 407 GLU A CA  1 
ATOM 1393 C C   . GLU A 1 174 ? -9.403  -14.746 10.731  1.00 101.13 ? 407 GLU A C   1 
ATOM 1394 O O   . GLU A 1 174 ? -8.508  -14.109 10.161  1.00 102.79 ? 407 GLU A O   1 
ATOM 1395 C CB  . GLU A 1 174 ? -8.909  -17.085 9.866   1.00 97.46  ? 407 GLU A CB  1 
ATOM 1396 C CG  . GLU A 1 174 ? -8.194  -17.591 11.071  1.00 96.57  ? 407 GLU A CG  1 
ATOM 1397 C CD  . GLU A 1 174 ? -7.096  -18.548 10.675  1.00 96.41  ? 407 GLU A CD  1 
ATOM 1398 O OE1 . GLU A 1 174 ? -6.269  -18.184 9.812   1.00 94.93  ? 407 GLU A OE1 1 
ATOM 1399 O OE2 . GLU A 1 174 ? -7.058  -19.666 11.220  1.00 96.95  ? 407 GLU A OE2 1 
ATOM 1400 N N   . GLN A 1 175 ? -9.929  -14.360 11.892  1.00 102.52 ? 408 GLN A N   1 
ATOM 1401 C CA  . GLN A 1 175 ? -9.473  -13.149 12.577  1.00 101.78 ? 408 GLN A CA  1 
ATOM 1402 C C   . GLN A 1 175 ? -10.050 -11.905 11.877  1.00 98.91  ? 408 GLN A C   1 
ATOM 1403 O O   . GLN A 1 175 ? -9.338  -11.107 11.272  1.00 98.22  ? 408 GLN A O   1 
ATOM 1404 C CB  . GLN A 1 175 ? -7.930  -13.112 12.631  1.00 110.50 ? 408 GLN A CB  1 
ATOM 1405 C CG  . GLN A 1 175 ? -7.336  -11.861 13.243  1.00 119.51 ? 408 GLN A CG  1 
ATOM 1406 C CD  . GLN A 1 175 ? -6.616  -11.022 12.209  1.00 124.33 ? 408 GLN A CD  1 
ATOM 1407 O OE1 . GLN A 1 175 ? -6.977  -11.036 11.033  1.00 127.08 ? 408 GLN A OE1 1 
ATOM 1408 N NE2 . GLN A 1 175 ? -5.601  -10.275 12.639  1.00 126.67 ? 408 GLN A NE2 1 
ATOM 1409 N N   . ILE A 1 176 ? -11.371 -11.784 11.959  1.00 93.55  ? 409 ILE A N   1 
ATOM 1410 C CA  . ILE A 1 176 ? -12.132 -10.676 11.386  1.00 83.02  ? 409 ILE A CA  1 
ATOM 1411 C C   . ILE A 1 176 ? -12.657 -9.809  12.526  1.00 91.15  ? 409 ILE A C   1 
ATOM 1412 O O   . ILE A 1 176 ? -12.997 -8.645  12.329  1.00 88.57  ? 409 ILE A O   1 
ATOM 1413 C CB  . ILE A 1 176 ? -13.344 -11.179 10.585  1.00 73.51  ? 409 ILE A CB  1 
ATOM 1414 C CG1 . ILE A 1 176 ? -12.899 -11.643 9.210   1.00 64.41  ? 409 ILE A CG1 1 
ATOM 1415 C CG2 . ILE A 1 176 ? -14.384 -10.101 10.461  1.00 65.95  ? 409 ILE A CG2 1 
ATOM 1416 C CD1 . ILE A 1 176 ? -14.003 -12.291 8.434   1.00 53.64  ? 409 ILE A CD1 1 
ATOM 1417 N N   . ASP A 1 177 ? -12.738 -10.383 13.718  1.00 95.13  ? 410 ASP A N   1 
ATOM 1418 C CA  . ASP A 1 177 ? -13.218 -9.628  14.861  1.00 100.63 ? 410 ASP A CA  1 
ATOM 1419 C C   . ASP A 1 177 ? -12.032 -9.067  15.626  1.00 103.24 ? 410 ASP A C   1 
ATOM 1420 O O   . ASP A 1 177 ? -12.034 -9.043  16.853  1.00 105.42 ? 410 ASP A O   1 
ATOM 1421 C CB  . ASP A 1 177 ? -14.079 -10.517 15.758  1.00 105.59 ? 410 ASP A CB  1 
ATOM 1422 C CG  . ASP A 1 177 ? -15.344 -10.988 15.060  1.00 108.81 ? 410 ASP A CG  1 
ATOM 1423 O OD1 . ASP A 1 177 ? -15.242 -11.805 14.123  1.00 111.00 ? 410 ASP A OD1 1 
ATOM 1424 O OD2 . ASP A 1 177 ? -16.443 -10.533 15.436  1.00 112.45 ? 410 ASP A OD2 1 
ATOM 1425 N N   . ASP A 1 178 ? -11.023 -8.621  14.879  1.00 106.63 ? 411 ASP A N   1 
ATOM 1426 C CA  . ASP A 1 178 ? -9.803  -8.039  15.437  1.00 108.75 ? 411 ASP A CA  1 
ATOM 1427 C C   . ASP A 1 178 ? -10.025 -6.569  15.804  1.00 107.82 ? 411 ASP A C   1 
ATOM 1428 O O   . ASP A 1 178 ? -9.279  -5.989  16.601  1.00 109.33 ? 411 ASP A O   1 
ATOM 1429 C CB  . ASP A 1 178 ? -8.654  -8.167  14.425  1.00 111.08 ? 411 ASP A CB  1 
ATOM 1430 C CG  . ASP A 1 178 ? -7.525  -7.171  14.678  1.00 114.51 ? 411 ASP A CG  1 
ATOM 1431 O OD1 . ASP A 1 178 ? -7.705  -5.968  14.385  1.00 117.38 ? 411 ASP A OD1 1 
ATOM 1432 O OD2 . ASP A 1 178 ? -6.455  -7.583  15.170  1.00 116.55 ? 411 ASP A OD2 1 
ATOM 1433 N N   . ASP A 1 179 ? -11.058 -5.982  15.205  1.00 106.75 ? 412 ASP A N   1 
ATOM 1434 C CA  . ASP A 1 179 ? -11.440 -4.589  15.443  1.00 104.36 ? 412 ASP A CA  1 
ATOM 1435 C C   . ASP A 1 179 ? -10.502 -3.511  14.896  1.00 99.55  ? 412 ASP A C   1 
ATOM 1436 O O   . ASP A 1 179 ? -10.953 -2.643  14.147  1.00 99.50  ? 412 ASP A O   1 
ATOM 1437 C CB  . ASP A 1 179 ? -11.695 -4.352  16.943  1.00 109.60 ? 412 ASP A CB  1 
ATOM 1438 C CG  . ASP A 1 179 ? -12.972 -5.035  17.438  1.00 114.72 ? 412 ASP A CG  1 
ATOM 1439 O OD1 . ASP A 1 179 ? -14.055 -4.818  16.837  1.00 117.83 ? 412 ASP A OD1 1 
ATOM 1440 O OD2 . ASP A 1 179 ? -12.892 -5.785  18.436  1.00 118.17 ? 412 ASP A OD2 1 
ATOM 1441 N N   . GLU A 1 180 ? -9.216  -3.546  15.245  1.00 92.92  ? 413 GLU A N   1 
ATOM 1442 C CA  . GLU A 1 180 ? -8.295  -2.520  14.739  1.00 87.20  ? 413 GLU A CA  1 
ATOM 1443 C C   . GLU A 1 180 ? -8.234  -2.555  13.210  1.00 80.96  ? 413 GLU A C   1 
ATOM 1444 O O   . GLU A 1 180 ? -8.620  -1.596  12.531  1.00 78.04  ? 413 GLU A O   1 
ATOM 1445 C CB  . GLU A 1 180 ? -6.883  -2.706  15.325  1.00 86.14  ? 413 GLU A CB  1 
ATOM 1446 C CG  . GLU A 1 180 ? -6.270  -1.426  15.954  1.00 87.17  ? 413 GLU A CG  1 
ATOM 1447 C CD  . GLU A 1 180 ? -5.908  -0.330  14.939  1.00 89.47  ? 413 GLU A CD  1 
ATOM 1448 O OE1 . GLU A 1 180 ? -4.833  -0.415  14.303  1.00 90.27  ? 413 GLU A OE1 1 
ATOM 1449 O OE2 . GLU A 1 180 ? -6.700  0.625   14.779  1.00 90.73  ? 413 GLU A OE2 1 
ATOM 1450 N N   . THR A 1 181 ? -7.754  -3.678  12.684  1.00 75.21  ? 414 THR A N   1 
ATOM 1451 C CA  . THR A 1 181 ? -7.624  -3.891  11.248  1.00 71.19  ? 414 THR A CA  1 
ATOM 1452 C C   . THR A 1 181 ? -8.795  -4.715  10.716  1.00 68.36  ? 414 THR A C   1 
ATOM 1453 O O   . THR A 1 181 ? -9.358  -4.434  9.659   1.00 68.41  ? 414 THR A O   1 
ATOM 1454 C CB  . THR A 1 181 ? -6.291  -4.616  10.939  1.00 68.49  ? 414 THR A CB  1 
ATOM 1455 O OG1 . THR A 1 181 ? -6.385  -5.266  9.670   1.00 67.52  ? 414 THR A OG1 1 
ATOM 1456 C CG2 . THR A 1 181 ? -5.971  -5.649  12.017  1.00 65.76  ? 414 THR A CG2 1 
ATOM 1457 N N   . GLU A 1 182 ? -9.158  -5.727  11.488  1.00 69.98  ? 415 GLU A N   1 
ATOM 1458 C CA  . GLU A 1 182 ? -10.244 -6.648  11.169  1.00 70.49  ? 415 GLU A CA  1 
ATOM 1459 C C   . GLU A 1 182 ? -10.180 -7.321  9.786   1.00 72.76  ? 415 GLU A C   1 
ATOM 1460 O O   . GLU A 1 182 ? -10.960 -7.023  8.880   1.00 71.67  ? 415 GLU A O   1 
ATOM 1461 C CB  . GLU A 1 182 ? -11.614 -5.978  11.403  1.00 67.59  ? 415 GLU A CB  1 
ATOM 1462 C CG  . GLU A 1 182 ? -12.017 -4.851  10.477  1.00 66.11  ? 415 GLU A CG  1 
ATOM 1463 C CD  . GLU A 1 182 ? -13.242 -4.129  11.008  1.00 65.06  ? 415 GLU A CD  1 
ATOM 1464 O OE1 . GLU A 1 182 ? -13.922 -3.427  10.230  1.00 63.26  ? 415 GLU A OE1 1 
ATOM 1465 O OE2 . GLU A 1 182 ? -13.515 -4.262  12.223  1.00 61.76  ? 415 GLU A OE2 1 
ATOM 1466 N N   . GLY A 1 183 ? -9.237  -8.253  9.661   1.00 72.40  ? 416 GLY A N   1 
ATOM 1467 C CA  . GLY A 1 183 ? -9.067  -8.990  8.432   1.00 74.48  ? 416 GLY A CA  1 
ATOM 1468 C C   . GLY A 1 183 ? -8.116  -8.384  7.419   1.00 76.10  ? 416 GLY A C   1 
ATOM 1469 O O   . GLY A 1 183 ? -7.169  -9.042  6.991   1.00 76.92  ? 416 GLY A O   1 
ATOM 1470 N N   . TRP A 1 184 ? -8.355  -7.131  7.037   1.00 75.78  ? 417 TRP A N   1 
ATOM 1471 C CA  . TRP A 1 184 ? -7.531  -6.465  6.030   1.00 73.86  ? 417 TRP A CA  1 
ATOM 1472 C C   . TRP A 1 184 ? -6.039  -6.394  6.335   1.00 73.76  ? 417 TRP A C   1 
ATOM 1473 O O   . TRP A 1 184 ? -5.633  -6.159  7.467   1.00 75.09  ? 417 TRP A O   1 
ATOM 1474 C CB  . TRP A 1 184 ? -8.077  -5.068  5.769   1.00 72.71  ? 417 TRP A CB  1 
ATOM 1475 C CG  . TRP A 1 184 ? -9.479  -5.063  5.211   1.00 71.32  ? 417 TRP A CG  1 
ATOM 1476 C CD1 . TRP A 1 184 ? -10.573 -4.462  5.756   1.00 71.63  ? 417 TRP A CD1 1 
ATOM 1477 C CD2 . TRP A 1 184 ? -9.917  -5.650  3.982   1.00 70.26  ? 417 TRP A CD2 1 
ATOM 1478 N NE1 . TRP A 1 184 ? -11.665 -4.635  4.943   1.00 70.23  ? 417 TRP A NE1 1 
ATOM 1479 C CE2 . TRP A 1 184 ? -11.291 -5.363  3.849   1.00 69.79  ? 417 TRP A CE2 1 
ATOM 1480 C CE3 . TRP A 1 184 ? -9.283  -6.394  2.984   1.00 70.53  ? 417 TRP A CE3 1 
ATOM 1481 C CZ2 . TRP A 1 184 ? -12.043 -5.786  2.754   1.00 69.44  ? 417 TRP A CZ2 1 
ATOM 1482 C CZ3 . TRP A 1 184 ? -10.033 -6.818  1.893   1.00 70.08  ? 417 TRP A CZ3 1 
ATOM 1483 C CH2 . TRP A 1 184 ? -11.401 -6.512  1.789   1.00 69.37  ? 417 TRP A CH2 1 
ATOM 1484 N N   . LYS A 1 185 ? -5.232  -6.615  5.303   1.00 73.29  ? 418 LYS A N   1 
ATOM 1485 C CA  . LYS A 1 185 ? -3.774  -6.584  5.402   1.00 73.04  ? 418 LYS A CA  1 
ATOM 1486 C C   . LYS A 1 185 ? -3.200  -5.965  4.133   1.00 73.21  ? 418 LYS A C   1 
ATOM 1487 O O   . LYS A 1 185 ? -3.930  -5.727  3.171   1.00 74.31  ? 418 LYS A O   1 
ATOM 1488 C CB  . LYS A 1 185 ? -3.212  -7.999  5.595   1.00 74.18  ? 418 LYS A CB  1 
ATOM 1489 C CG  . LYS A 1 185 ? -3.273  -8.496  7.039   1.00 75.43  ? 418 LYS A CG  1 
ATOM 1490 C CD  . LYS A 1 185 ? -2.379  -7.644  7.961   1.00 76.65  ? 418 LYS A CD  1 
ATOM 1491 C CE  . LYS A 1 185 ? -2.534  -8.005  9.442   1.00 77.03  ? 418 LYS A CE  1 
ATOM 1492 N NZ  . LYS A 1 185 ? -3.901  -7.720  9.988   1.00 78.69  ? 418 LYS A NZ  1 
ATOM 1493 N N   . ILE A 1 186 ? -1.901  -5.697  4.117   1.00 70.84  ? 419 ILE A N   1 
ATOM 1494 C CA  . ILE A 1 186 ? -1.298  -5.096  2.938   1.00 68.51  ? 419 ILE A CA  1 
ATOM 1495 C C   . ILE A 1 186 ? -0.131  -5.887  2.401   1.00 72.21  ? 419 ILE A C   1 
ATOM 1496 O O   . ILE A 1 186 ? 0.873   -6.057  3.081   1.00 71.94  ? 419 ILE A O   1 
ATOM 1497 C CB  . ILE A 1 186 ? -0.807  -3.676  3.218   1.00 65.05  ? 419 ILE A CB  1 
ATOM 1498 C CG1 . ILE A 1 186 ? -1.997  -2.745  3.452   1.00 61.94  ? 419 ILE A CG1 1 
ATOM 1499 C CG2 . ILE A 1 186 ? 0.014   -3.184  2.034   1.00 62.34  ? 419 ILE A CG2 1 
ATOM 1500 C CD1 . ILE A 1 186 ? -2.782  -2.445  2.192   1.00 56.60  ? 419 ILE A CD1 1 
ATOM 1501 N N   . LEU A 1 187 ? -0.266  -6.363  1.169   1.00 74.93  ? 420 LEU A N   1 
ATOM 1502 C CA  . LEU A 1 187 ? 0.782   -7.132  0.508   1.00 77.55  ? 420 LEU A CA  1 
ATOM 1503 C C   . LEU A 1 187 ? 1.593   -6.123  -0.285  1.00 82.14  ? 420 LEU A C   1 
ATOM 1504 O O   . LEU A 1 187 ? 1.044   -5.440  -1.153  1.00 85.34  ? 420 LEU A O   1 
ATOM 1505 C CB  . LEU A 1 187 ? 0.148   -8.160  -0.432  1.00 76.29  ? 420 LEU A CB  1 
ATOM 1506 C CG  . LEU A 1 187 ? -0.952  -8.989  0.241   1.00 74.09  ? 420 LEU A CG  1 
ATOM 1507 C CD1 . LEU A 1 187 ? -1.632  -9.959  -0.735  1.00 68.56  ? 420 LEU A CD1 1 
ATOM 1508 C CD2 . LEU A 1 187 ? -0.321  -9.738  1.397   1.00 71.69  ? 420 LEU A CD2 1 
ATOM 1509 N N   . GLU A 1 188 ? 2.885   -6.030  0.022   1.00 86.04  ? 421 GLU A N   1 
ATOM 1510 C CA  . GLU A 1 188 ? 3.783   -5.077  -0.632  1.00 88.13  ? 421 GLU A CA  1 
ATOM 1511 C C   . GLU A 1 188 ? 3.048   -3.806  -1.086  1.00 88.63  ? 421 GLU A C   1 
ATOM 1512 O O   . GLU A 1 188 ? 2.214   -3.811  -1.998  1.00 88.76  ? 421 GLU A O   1 
ATOM 1513 C CB  . GLU A 1 188 ? 4.536   -5.745  -1.796  1.00 91.69  ? 421 GLU A CB  1 
ATOM 1514 C CG  . GLU A 1 188 ? 5.676   -6.701  -1.340  1.00 96.50  ? 421 GLU A CG  1 
ATOM 1515 C CD  . GLU A 1 188 ? 5.558   -8.165  -1.825  1.00 97.43  ? 421 GLU A CD  1 
ATOM 1516 O OE1 . GLU A 1 188 ? 5.613   -8.411  -3.052  1.00 97.32  ? 421 GLU A OE1 1 
ATOM 1517 O OE2 . GLU A 1 188 ? 5.430   -9.078  -0.972  1.00 96.33  ? 421 GLU A OE2 1 
ATOM 1518 N N   . PHE A 1 189 ? 3.368   -2.728  -0.390  1.00 84.53  ? 422 PHE A N   1 
ATOM 1519 C CA  . PHE A 1 189 ? 2.814   -1.405  -0.596  1.00 79.80  ? 422 PHE A CA  1 
ATOM 1520 C C   . PHE A 1 189 ? 3.863   -0.726  -1.469  1.00 81.40  ? 422 PHE A C   1 
ATOM 1521 O O   . PHE A 1 189 ? 5.049   -1.031  -1.316  1.00 82.15  ? 422 PHE A O   1 
ATOM 1522 C CB  . PHE A 1 189 ? 2.726   -0.780  0.795   1.00 77.07  ? 422 PHE A CB  1 
ATOM 1523 C CG  . PHE A 1 189 ? 2.159   0.600   0.843   1.00 68.21  ? 422 PHE A CG  1 
ATOM 1524 C CD1 . PHE A 1 189 ? 2.985   1.697   1.112   1.00 62.23  ? 422 PHE A CD1 1 
ATOM 1525 C CD2 . PHE A 1 189 ? 0.784   0.806   0.722   1.00 64.70  ? 422 PHE A CD2 1 
ATOM 1526 C CE1 . PHE A 1 189 ? 2.449   2.970   1.265   1.00 57.21  ? 422 PHE A CE1 1 
ATOM 1527 C CE2 . PHE A 1 189 ? 0.238   2.089   0.877   1.00 59.55  ? 422 PHE A CE2 1 
ATOM 1528 C CZ  . PHE A 1 189 ? 1.076   3.168   1.150   1.00 57.48  ? 422 PHE A CZ  1 
ATOM 1529 N N   . VAL A 1 190 ? 3.447   0.160   -2.384  1.00 80.71  ? 423 VAL A N   1 
ATOM 1530 C CA  . VAL A 1 190 ? 4.400   0.874   -3.259  1.00 75.89  ? 423 VAL A CA  1 
ATOM 1531 C C   . VAL A 1 190 ? 4.103   2.374   -3.436  1.00 78.60  ? 423 VAL A C   1 
ATOM 1532 O O   . VAL A 1 190 ? 3.009   2.766   -3.881  1.00 75.94  ? 423 VAL A O   1 
ATOM 1533 C CB  . VAL A 1 190 ? 4.462   0.252   -4.662  1.00 73.95  ? 423 VAL A CB  1 
ATOM 1534 C CG1 . VAL A 1 190 ? 3.190   0.560   -5.415  1.00 72.55  ? 423 VAL A CG1 1 
ATOM 1535 C CG2 . VAL A 1 190 ? 5.668   0.791   -5.407  1.00 71.28  ? 423 VAL A CG2 1 
ATOM 1536 N N   . ARG A 1 191 ? 5.092   3.204   -3.103  1.00 78.10  ? 424 ARG A N   1 
ATOM 1537 C CA  . ARG A 1 191 ? 4.949   4.656   -3.210  1.00 78.91  ? 424 ARG A CA  1 
ATOM 1538 C C   . ARG A 1 191 ? 5.400   5.161   -4.563  1.00 79.44  ? 424 ARG A C   1 
ATOM 1539 O O   . ARG A 1 191 ? 6.250   4.560   -5.207  1.00 81.18  ? 424 ARG A O   1 
ATOM 1540 C CB  . ARG A 1 191 ? 5.774   5.372   -2.127  1.00 79.72  ? 424 ARG A CB  1 
ATOM 1541 C CG  . ARG A 1 191 ? 5.760   6.895   -2.249  1.00 75.35  ? 424 ARG A CG  1 
ATOM 1542 C CD  . ARG A 1 191 ? 6.662   7.565   -1.237  1.00 72.11  ? 424 ARG A CD  1 
ATOM 1543 N NE  . ARG A 1 191 ? 6.838   8.983   -1.542  1.00 71.87  ? 424 ARG A NE  1 
ATOM 1544 C CZ  . ARG A 1 191 ? 6.402   9.979   -0.776  1.00 71.95  ? 424 ARG A CZ  1 
ATOM 1545 N NH1 . ARG A 1 191 ? 5.753   9.722   0.356   1.00 71.63  ? 424 ARG A NH1 1 
ATOM 1546 N NH2 . ARG A 1 191 ? 6.623   11.237  -1.134  1.00 71.16  ? 424 ARG A NH2 1 
ATOM 1547 N N   . GLY A 1 192 ? 4.830   6.281   -4.983  1.00 81.52  ? 425 GLY A N   1 
ATOM 1548 C CA  . GLY A 1 192 ? 5.204   6.861   -6.255  1.00 82.44  ? 425 GLY A CA  1 
ATOM 1549 C C   . GLY A 1 192 ? 6.195   7.997   -6.080  1.00 83.05  ? 425 GLY A C   1 
ATOM 1550 O O   . GLY A 1 192 ? 5.831   9.149   -6.410  1.00 83.53  ? 425 GLY A O   1 
ATOM 1551 O OXT . GLY A 1 192 ? 7.329   7.738   -5.611  1.00 86.24  ? 425 GLY A OXT 1 
# 
